data_8GCE
#
_entry.id   8GCE
#
_cell.length_a   1.00
_cell.length_b   1.00
_cell.length_c   1.00
_cell.angle_alpha   90.00
_cell.angle_beta   90.00
_cell.angle_gamma   90.00
#
_symmetry.space_group_name_H-M   'P 1'
#
loop_
_entity.id
_entity.type
_entity.pdbx_description
1 polymer 'Integrin alpha-IIb'
2 polymer 'Integrin beta-3'
3 branched beta-D-mannopyranose-(1-4)-2-acetamido-2-deoxy-beta-D-glucopyranose-(1-4)-2-acetamido-2-deoxy-beta-D-glucopyranose
4 branched 2-acetamido-2-deoxy-beta-D-glucopyranose-(1-4)-2-acetamido-2-deoxy-beta-D-glucopyranose
5 non-polymer 'CALCIUM ION'
6 non-polymer 2-acetamido-2-deoxy-beta-D-glucopyranose
7 non-polymer 'MAGNESIUM ION'
#
loop_
_entity_poly.entity_id
_entity_poly.type
_entity_poly.pdbx_seq_one_letter_code
_entity_poly.pdbx_strand_id
1 'polypeptide(L)'
;MARALCPLQALWLLEWVLLLLGPCAAPPAWALNLDPVQLTFYAGPNGSQFGFSLDFHKDSHGRVAIVVGAPRTLGPSQEE
TGGVFLCPWRAEGGQCPSLLFDLRDETRNVGSQTLQTFKARQGLGASVVSWSDVIVACAPWQHWNVLEKTEEAEKTPVGS
CFLAQPESGRRAEYSPCRGNTLSRIYVENDFSWDKRYCEAGFSSVVTQAGELVLGAPGGYYFLGLLAQAPVADIFSSYRP
GILLWHVSSQSLSFDSSNPEYFDGYWGYSVAVGEFDGDLNTTEYVVGAPTWSWTLGAVEILDSYYQRLHRLRGEQMASYF
GHSVAVTDVNGDGRHDLLVGAPLYMESRADRKLAEVGRVYLFLQPRGPHALGAPSLLLTGTQLYGRFGSAIAPLGDLDRD
GYNDIAVAAPYGGPSGRGQVLVFLGQSEGLRSRPSQVLDSPFPTGSAFGFSLRGAVDIDDNGYPDLIVGAYGANQVAVYR
AQPVVKASVQLLVQDSLNPAVKSCVLPQTKTPVSCFNIQMCVGATGHNIPQKLSLNAELQLDRQKPRQGRRVLLLGSQQA
GTTLNLDLGGKHSPICHTTMAFLRDEADFRDKLSPIVLSLNVSLPPTEAGMAPAVVLHGDTHVQEQTRIVLDCGEDDVCV
PQLQLTASVTGSPLLVGADNVLELQMDAANEGEGAYEAELAVHLPQGAHYMRALSNVEGFERLICNQKKENETRVVLCEL
GNPMKKNAQIGIAMLVSVGNLEEAGESVSFQLQIRSKNSQNPNSKIVLLDVPVRAEAQVELRGNSFPASLVVAAEEGERE
QNSLDSWGPKVEHTYELHNNGPGTVNGLHLSIHLPGQSQPSDLLYILDIQPQGGLQCFPQPPVNPLKVDWGLPIPSPSPI
HPAHHKRDRRQIFLPEPEQPSRLQDPVLVSCDSAPCTVVQCDLQEMARGQRAMVTVLAFLWLPSLYQRPLDQFVLQSHAW
FNVSSLPYAVPPLSLPRGEAQVWTQLLRACEERAIPIWWVLVGVLGGLLLLTILVLAMWKVGFFKRNRPPLEEDDEEGE
;
A
2 'polypeptide(L)'
;MRARPRPRPLWATVLALGALAGVGVGGPNICTTRGVSSCQQCLAVSPMCAWCSDEALPLGSPRCDLKENLLKDNCAPESI
EFPVSEARVLEDRPLSDKGSGDSSQVTQVSPQRIALRLRPDDSKNFSIQVRQVEDYPVDIYYLMDLSYSMKDDLWSIQNL
GTKLATQMRKLTSNLRIGFGAFVDKPVSPYMYISPPEALENPCYDMKTTCLPMFGYKHVLTLTDQVTRFNEEVKKQSVSR
NRDAPEGGFDAIMQATVCDEKIGWRNDASHLLVFTTDAKTHIALDGRLAGIVQPNDGQCHVGSDNHYSASTTMDYPSLGL
MTEKLSQKNINLIFAVTENVVNLYQNYSELIPGTTVGVLSMDSSNVLQLIVDAYGKIRSKVELEVRDLPEELSLSFNATC
LNNEVIPGLKSCMGLKIGDTVSFSIEAKVRGCPQEKEKSFTIKPVGFKDSLIVQVTFDCDCACQAQAEPNSHRCNNGNGT
FECGVCRCGPGWLGSQCECSEEDYRPSQQDECSPREGQPVCSQRGECLCGQCVCHSSDFGKITGKYCECDDFSCVRYKGE
MCSGHGQCSCGDCLCDSDWTGYYCNCTTRTDTCMSSNGLLCSGRGKCECGSCVCIQPGSYGDTCEKCPTCPDACTFKKEC
VECKKFDRGALHDENTCNRYCRDEIESVKELKDTGKDAVNCTYKNEDDCVVRFQYYEDSSGKSILYVVEEPECCKGPDIL
VVLLSVMGAILLIGLAALLIWKLLITIHDRKEFAKFEEERARAKWDTANNPLYKEATSTFTNITYRGT
;
B
#
# COMPACT_ATOMS: atom_id res chain seq x y z
N LEU A 32 -4.42 -20.55 -14.60
CA LEU A 32 -5.16 -19.69 -15.50
C LEU A 32 -6.46 -20.35 -15.90
N ASN A 33 -6.47 -21.68 -15.82
CA ASN A 33 -7.55 -22.44 -16.45
C ASN A 33 -8.67 -22.69 -15.45
N LEU A 34 -8.37 -23.51 -14.44
CA LEU A 34 -9.18 -23.70 -13.24
C LEU A 34 -10.68 -23.58 -13.51
N ASP A 35 -11.16 -24.46 -14.40
CA ASP A 35 -12.56 -24.50 -14.82
C ASP A 35 -13.50 -24.42 -13.63
N PRO A 36 -14.26 -23.33 -13.50
CA PRO A 36 -15.19 -23.18 -12.37
C PRO A 36 -16.62 -23.63 -12.65
N VAL A 37 -16.88 -24.33 -13.75
CA VAL A 37 -18.22 -24.81 -14.07
C VAL A 37 -18.44 -26.24 -13.60
N GLN A 38 -17.43 -27.07 -13.69
CA GLN A 38 -17.59 -28.41 -13.12
C GLN A 38 -16.53 -28.52 -12.02
N LEU A 39 -16.78 -27.88 -10.90
CA LEU A 39 -15.86 -28.15 -9.82
C LEU A 39 -16.48 -29.38 -9.15
N THR A 40 -16.09 -30.60 -9.56
CA THR A 40 -16.62 -31.85 -9.00
C THR A 40 -16.50 -31.78 -7.52
N PHE A 41 -17.18 -32.67 -6.89
CA PHE A 41 -17.24 -32.51 -5.45
C PHE A 41 -16.99 -33.83 -4.81
N TYR A 42 -15.93 -33.95 -4.01
CA TYR A 42 -15.75 -35.20 -3.27
C TYR A 42 -16.48 -34.92 -1.97
N ALA A 43 -17.77 -35.08 -2.04
CA ALA A 43 -18.61 -34.84 -0.89
C ALA A 43 -18.32 -35.91 0.10
N GLY A 44 -18.28 -35.58 1.39
CA GLY A 44 -17.92 -36.56 2.42
C GLY A 44 -18.76 -36.38 3.64
N PRO A 45 -18.73 -37.28 4.61
CA PRO A 45 -19.63 -37.24 5.74
C PRO A 45 -20.16 -35.84 5.97
N ASN A 46 -21.45 -35.71 6.13
CA ASN A 46 -22.08 -34.39 6.26
C ASN A 46 -21.38 -33.48 7.24
N GLY A 47 -21.35 -33.85 8.50
CA GLY A 47 -20.62 -33.05 9.48
C GLY A 47 -19.19 -32.98 9.06
N SER A 48 -18.30 -33.61 9.80
CA SER A 48 -16.93 -33.69 9.29
C SER A 48 -16.46 -32.28 9.07
N GLN A 49 -15.39 -32.11 8.32
CA GLN A 49 -14.96 -30.77 7.90
C GLN A 49 -14.35 -31.31 6.66
N PHE A 50 -15.06 -32.27 6.11
CA PHE A 50 -14.34 -33.00 5.07
C PHE A 50 -13.58 -31.97 4.25
N GLY A 51 -12.26 -32.04 4.28
CA GLY A 51 -11.44 -31.01 3.67
C GLY A 51 -10.31 -30.64 4.60
N PHE A 52 -9.93 -29.37 4.63
CA PHE A 52 -9.01 -28.84 5.63
C PHE A 52 -7.57 -29.33 5.41
N SER A 53 -7.39 -30.33 4.55
CA SER A 53 -6.07 -30.85 4.21
C SER A 53 -6.19 -31.94 3.18
N LEU A 54 -5.20 -32.08 2.32
CA LEU A 54 -5.31 -33.00 1.20
C LEU A 54 -3.95 -33.10 0.54
N ASP A 55 -3.76 -34.15 -0.26
CA ASP A 55 -2.46 -34.35 -0.88
C ASP A 55 -2.58 -35.47 -1.90
N PHE A 56 -1.93 -35.31 -3.05
CA PHE A 56 -1.90 -36.35 -4.08
C PHE A 56 -1.03 -37.52 -3.62
N HIS A 57 -1.61 -38.71 -3.52
CA HIS A 57 -0.90 -39.86 -3.02
C HIS A 57 -1.09 -41.04 -3.97
N LYS A 58 -0.12 -41.94 -3.97
CA LYS A 58 -0.14 -43.06 -4.90
C LYS A 58 -1.21 -44.06 -4.49
N ASP A 59 -1.27 -45.18 -5.21
CA ASP A 59 -2.22 -46.26 -4.98
C ASP A 59 -1.45 -47.51 -4.57
N SER A 60 -2.18 -48.62 -4.43
CA SER A 60 -1.54 -49.87 -4.03
C SER A 60 -0.59 -50.36 -5.11
N HIS A 61 -0.81 -49.98 -6.36
CA HIS A 61 0.07 -50.34 -7.48
C HIS A 61 0.19 -49.10 -8.37
N GLY A 62 1.22 -48.30 -8.12
CA GLY A 62 1.41 -47.09 -8.88
C GLY A 62 0.20 -46.18 -8.77
N ARG A 63 -0.18 -45.57 -9.90
CA ARG A 63 -1.39 -44.77 -10.01
C ARG A 63 -1.42 -43.61 -9.04
N VAL A 64 -2.55 -42.90 -8.98
CA VAL A 64 -2.70 -41.71 -8.14
C VAL A 64 -4.12 -41.70 -7.56
N ALA A 65 -4.24 -41.28 -6.30
CA ALA A 65 -5.52 -41.15 -5.65
C ALA A 65 -5.55 -39.81 -4.96
N ILE A 66 -6.47 -39.60 -4.03
CA ILE A 66 -6.54 -38.35 -3.28
C ILE A 66 -6.75 -38.70 -1.81
N VAL A 67 -5.87 -38.21 -0.96
CA VAL A 67 -6.02 -38.37 0.48
C VAL A 67 -6.50 -37.03 1.02
N VAL A 68 -7.72 -36.98 1.50
CA VAL A 68 -8.30 -35.75 2.02
C VAL A 68 -8.55 -35.93 3.50
N GLY A 69 -7.95 -35.06 4.31
CA GLY A 69 -8.21 -35.09 5.72
C GLY A 69 -9.66 -34.73 6.01
N ALA A 70 -10.10 -35.15 7.17
CA ALA A 70 -11.47 -34.88 7.56
C ALA A 70 -11.57 -35.01 9.06
N PRO A 71 -11.18 -33.98 9.80
CA PRO A 71 -11.40 -33.99 11.24
C PRO A 71 -12.88 -34.14 11.55
N ARG A 72 -13.16 -34.52 12.79
CA ARG A 72 -14.53 -34.60 13.29
C ARG A 72 -15.44 -35.46 12.39
N THR A 73 -14.97 -36.66 12.06
CA THR A 73 -15.81 -37.60 11.33
C THR A 73 -15.65 -39.00 11.90
N LEU A 74 -16.68 -39.81 11.72
CA LEU A 74 -16.65 -41.24 12.02
C LEU A 74 -16.22 -41.52 13.46
N GLY A 75 -16.92 -40.88 14.39
CA GLY A 75 -16.70 -41.15 15.79
C GLY A 75 -17.03 -42.59 16.13
N PRO A 76 -16.04 -43.34 16.64
CA PRO A 76 -16.32 -44.75 16.97
C PRO A 76 -17.39 -44.91 18.03
N SER A 77 -17.23 -44.27 19.18
CA SER A 77 -18.29 -44.18 20.17
C SER A 77 -18.95 -42.80 20.13
N GLN A 78 -19.06 -42.25 18.92
CA GLN A 78 -19.74 -41.00 18.62
C GLN A 78 -19.04 -39.78 19.20
N GLU A 79 -17.74 -39.84 19.42
CA GLU A 79 -16.93 -38.66 19.68
C GLU A 79 -16.11 -38.37 18.44
N GLU A 80 -16.08 -37.10 18.03
CA GLU A 80 -15.53 -36.73 16.73
C GLU A 80 -14.03 -36.98 16.72
N THR A 81 -13.62 -38.11 16.14
CA THR A 81 -12.22 -38.49 16.02
C THR A 81 -11.61 -38.06 14.71
N GLY A 82 -12.35 -38.08 13.63
CA GLY A 82 -11.90 -37.43 12.41
C GLY A 82 -11.07 -38.25 11.48
N GLY A 83 -11.62 -39.36 11.01
CA GLY A 83 -10.92 -40.24 10.10
C GLY A 83 -10.30 -39.55 8.89
N VAL A 84 -9.41 -40.28 8.22
CA VAL A 84 -8.73 -39.80 7.02
C VAL A 84 -9.30 -40.57 5.83
N PHE A 85 -9.86 -39.87 4.87
CA PHE A 85 -10.45 -40.55 3.73
C PHE A 85 -9.41 -40.78 2.64
N LEU A 86 -9.70 -41.71 1.74
CA LEU A 86 -8.81 -42.10 0.66
C LEU A 86 -9.53 -41.99 -0.68
N CYS A 87 -10.13 -40.83 -0.93
CA CYS A 87 -10.96 -40.67 -2.12
C CYS A 87 -10.17 -41.00 -3.37
N PRO A 88 -10.67 -41.87 -4.21
CA PRO A 88 -10.06 -42.07 -5.53
C PRO A 88 -10.45 -40.96 -6.49
N TRP A 89 -10.08 -41.12 -7.75
CA TRP A 89 -10.39 -40.12 -8.77
C TRP A 89 -11.58 -40.59 -9.59
N ARG A 90 -12.60 -39.73 -9.68
CA ARG A 90 -13.76 -40.01 -10.51
C ARG A 90 -14.45 -38.70 -10.82
N ALA A 91 -14.95 -38.58 -12.04
CA ALA A 91 -15.60 -37.34 -12.43
C ALA A 91 -16.98 -37.18 -11.81
N GLU A 92 -17.61 -38.28 -11.42
CA GLU A 92 -18.95 -38.23 -10.86
C GLU A 92 -18.96 -37.58 -9.47
N GLY A 93 -17.82 -37.56 -8.78
CA GLY A 93 -17.77 -36.99 -7.45
C GLY A 93 -18.66 -37.71 -6.46
N GLY A 94 -18.31 -38.94 -6.14
CA GLY A 94 -19.06 -39.74 -5.19
C GLY A 94 -18.55 -39.53 -3.79
N GLN A 95 -18.77 -40.55 -2.96
CA GLN A 95 -18.20 -40.55 -1.61
C GLN A 95 -16.86 -41.27 -1.63
N CYS A 96 -16.22 -41.38 -0.46
CA CYS A 96 -14.83 -41.80 -0.39
C CYS A 96 -14.66 -43.05 0.46
N PRO A 97 -13.85 -44.01 0.02
CA PRO A 97 -13.42 -45.09 0.91
C PRO A 97 -12.42 -44.57 1.92
N SER A 98 -12.31 -45.31 3.03
CA SER A 98 -11.54 -44.87 4.19
C SER A 98 -10.25 -45.66 4.33
N LEU A 99 -9.18 -44.95 4.69
CA LEU A 99 -7.94 -45.55 5.14
C LEU A 99 -8.08 -45.86 6.62
N LEU A 100 -8.13 -47.14 6.96
CA LEU A 100 -8.47 -47.56 8.31
C LEU A 100 -7.27 -47.51 9.22
N PHE A 101 -7.46 -46.95 10.41
CA PHE A 101 -6.44 -46.87 11.44
C PHE A 101 -6.88 -47.70 12.64
N ASP A 102 -5.99 -47.85 13.61
CA ASP A 102 -6.36 -48.49 14.86
C ASP A 102 -6.85 -47.41 15.83
N LEU A 103 -7.97 -46.79 15.45
CA LEU A 103 -8.55 -45.72 16.26
C LEU A 103 -9.26 -46.33 17.47
N ARG A 104 -8.53 -47.19 18.17
CA ARG A 104 -9.14 -48.05 19.17
C ARG A 104 -8.36 -48.04 20.48
N ASP A 105 -7.61 -46.98 20.73
CA ASP A 105 -6.85 -46.78 21.97
C ASP A 105 -5.69 -47.75 22.11
N GLU A 106 -4.68 -47.36 22.87
CA GLU A 106 -3.56 -48.20 23.23
C GLU A 106 -3.19 -47.88 24.67
N THR A 107 -2.91 -48.91 25.47
CA THR A 107 -2.70 -48.67 26.89
C THR A 107 -1.81 -49.76 27.48
N ARG A 108 -0.88 -49.34 28.35
CA ARG A 108 0.06 -50.24 29.00
C ARG A 108 0.64 -49.52 30.23
N ASN A 109 1.59 -50.17 30.89
CA ASN A 109 2.30 -49.57 32.00
C ASN A 109 3.63 -50.31 32.18
N VAL A 110 4.71 -49.56 32.44
CA VAL A 110 6.02 -50.19 32.48
C VAL A 110 6.30 -50.73 33.88
N GLY A 111 6.48 -49.86 34.87
CA GLY A 111 6.52 -50.34 36.24
C GLY A 111 5.62 -49.61 37.21
N SER A 112 5.47 -48.30 37.03
CA SER A 112 4.66 -47.49 37.92
C SER A 112 3.91 -46.37 37.21
N GLN A 113 4.08 -46.23 35.90
CA GLN A 113 3.49 -45.14 35.14
C GLN A 113 2.32 -45.74 34.36
N THR A 114 1.10 -45.54 34.86
CA THR A 114 -0.09 -45.99 34.14
C THR A 114 -0.36 -44.99 33.03
N LEU A 115 0.42 -45.09 31.96
CA LEU A 115 0.29 -44.21 30.80
C LEU A 115 -0.73 -44.78 29.84
N GLN A 116 -1.54 -43.88 29.26
CA GLN A 116 -2.50 -44.24 28.22
C GLN A 116 -2.48 -43.13 27.18
N THR A 117 -2.62 -43.51 25.90
CA THR A 117 -2.69 -42.53 24.81
C THR A 117 -4.16 -42.31 24.49
N PHE A 118 -4.74 -41.29 25.11
CA PHE A 118 -6.14 -40.98 24.88
C PHE A 118 -6.39 -40.56 23.45
N LYS A 119 -7.46 -41.09 22.88
CA LYS A 119 -7.79 -40.93 21.46
C LYS A 119 -9.23 -40.43 21.36
N ALA A 120 -9.39 -39.11 21.46
CA ALA A 120 -10.69 -38.45 21.37
C ALA A 120 -10.45 -36.96 21.21
N ARG A 121 -11.23 -36.33 20.35
CA ARG A 121 -11.13 -34.88 20.08
C ARG A 121 -9.76 -34.51 19.52
N GLN A 122 -9.38 -35.17 18.44
CA GLN A 122 -8.22 -34.80 17.64
C GLN A 122 -8.60 -34.75 16.18
N GLY A 123 -7.87 -33.94 15.44
CA GLY A 123 -8.14 -33.79 14.04
C GLY A 123 -7.28 -34.63 13.13
N LEU A 124 -7.39 -35.95 13.20
CA LEU A 124 -6.73 -36.79 12.21
C LEU A 124 -7.00 -36.23 10.82
N GLY A 125 -6.00 -36.29 9.97
CA GLY A 125 -6.12 -35.74 8.64
C GLY A 125 -5.81 -34.27 8.54
N ALA A 126 -5.52 -33.59 9.65
CA ALA A 126 -5.15 -32.19 9.58
C ALA A 126 -3.87 -31.98 8.79
N SER A 127 -3.05 -33.01 8.68
CA SER A 127 -1.97 -33.05 7.70
C SER A 127 -1.89 -34.47 7.17
N VAL A 128 -1.79 -34.62 5.86
CA VAL A 128 -1.88 -35.95 5.26
C VAL A 128 -0.70 -36.26 4.36
N VAL A 129 0.43 -35.60 4.61
CA VAL A 129 1.58 -35.74 3.73
C VAL A 129 1.94 -37.21 3.56
N SER A 130 2.42 -37.56 2.37
CA SER A 130 2.57 -38.94 1.96
C SER A 130 4.03 -39.24 1.65
N TRP A 131 4.28 -40.45 1.14
CA TRP A 131 5.58 -40.79 0.58
C TRP A 131 5.33 -41.80 -0.55
N SER A 132 6.41 -42.42 -1.03
CA SER A 132 6.30 -43.24 -2.24
C SER A 132 5.35 -44.40 -2.04
N ASP A 133 5.43 -45.09 -0.90
CA ASP A 133 4.54 -46.20 -0.58
C ASP A 133 3.94 -46.09 0.81
N VAL A 134 4.11 -44.94 1.46
CA VAL A 134 3.70 -44.75 2.84
C VAL A 134 2.82 -43.53 2.94
N ILE A 135 1.65 -43.69 3.53
CA ILE A 135 0.82 -42.57 3.94
C ILE A 135 1.23 -42.20 5.36
N VAL A 136 1.35 -40.92 5.63
CA VAL A 136 1.92 -40.47 6.89
C VAL A 136 0.86 -39.56 7.54
N ALA A 137 -0.41 -39.84 7.27
CA ALA A 137 -1.47 -38.99 7.78
C ALA A 137 -1.38 -38.83 9.29
N CYS A 138 -1.59 -37.60 9.77
CA CYS A 138 -1.29 -37.24 11.15
C CYS A 138 -2.52 -36.70 11.86
N ALA A 139 -2.45 -36.67 13.19
CA ALA A 139 -3.56 -36.26 14.05
C ALA A 139 -3.07 -35.25 15.06
N PRO A 140 -2.80 -34.02 14.63
CA PRO A 140 -1.97 -33.11 15.44
C PRO A 140 -2.46 -32.85 16.85
N TRP A 141 -3.74 -33.05 17.15
CA TRP A 141 -4.22 -32.79 18.50
C TRP A 141 -4.48 -34.08 19.28
N GLN A 142 -3.76 -35.15 18.96
CA GLN A 142 -3.83 -36.41 19.69
C GLN A 142 -3.13 -36.29 21.04
N HIS A 143 -3.48 -37.17 21.97
CA HIS A 143 -3.10 -36.99 23.36
C HIS A 143 -2.22 -38.10 23.92
N TRP A 144 -1.71 -37.85 25.12
CA TRP A 144 -0.90 -38.75 25.94
C TRP A 144 -0.68 -38.15 27.32
N ASN A 145 -0.93 -38.91 28.39
CA ASN A 145 -1.04 -38.35 29.76
C ASN A 145 0.11 -38.78 30.65
N VAL A 146 1.12 -37.93 30.77
CA VAL A 146 2.38 -38.31 31.45
C VAL A 146 2.17 -38.11 32.94
N LEU A 147 1.43 -39.04 33.54
CA LEU A 147 1.30 -39.00 34.98
C LEU A 147 2.60 -39.45 35.64
N GLU A 148 2.94 -38.80 36.74
CA GLU A 148 4.09 -39.21 37.56
C GLU A 148 3.56 -40.09 38.69
N LYS A 149 3.22 -41.32 38.31
CA LYS A 149 2.49 -42.22 39.19
C LYS A 149 1.29 -41.48 39.75
N THR A 150 1.27 -41.24 41.07
CA THR A 150 0.19 -40.48 41.68
C THR A 150 0.11 -39.08 41.10
N GLU A 151 1.25 -38.42 40.92
CA GLU A 151 1.26 -37.09 40.34
C GLU A 151 0.98 -37.15 38.84
N GLU A 152 0.63 -36.00 38.27
CA GLU A 152 0.19 -35.90 36.89
C GLU A 152 0.92 -34.76 36.19
N ALA A 153 1.11 -34.92 34.87
CA ALA A 153 1.61 -33.83 34.03
C ALA A 153 0.82 -33.70 32.74
N GLU A 154 -0.41 -34.20 32.71
CA GLU A 154 -1.47 -33.81 31.77
C GLU A 154 -1.46 -34.61 30.47
N LYS A 155 -2.63 -34.68 29.82
CA LYS A 155 -2.77 -35.42 28.57
C LYS A 155 -2.31 -34.54 27.42
N THR A 156 -1.15 -33.96 27.55
CA THR A 156 -0.75 -32.86 26.69
C THR A 156 -0.72 -33.32 25.25
N PRO A 157 -1.25 -32.55 24.33
CA PRO A 157 -1.28 -33.01 22.95
C PRO A 157 0.13 -33.19 22.45
N VAL A 158 0.58 -34.44 22.40
CA VAL A 158 1.91 -34.72 21.86
C VAL A 158 1.85 -34.91 20.37
N GLY A 159 0.68 -34.75 19.77
CA GLY A 159 0.51 -35.00 18.36
C GLY A 159 0.80 -36.43 18.03
N SER A 160 0.64 -36.79 16.78
CA SER A 160 1.01 -38.11 16.31
C SER A 160 1.07 -38.06 14.80
N CYS A 161 1.53 -39.15 14.22
CA CYS A 161 1.51 -39.29 12.77
C CYS A 161 1.30 -40.76 12.49
N PHE A 162 0.10 -41.11 12.07
CA PHE A 162 -0.28 -42.50 11.91
C PHE A 162 0.26 -43.00 10.58
N LEU A 163 1.51 -43.46 10.58
CA LEU A 163 2.19 -43.85 9.34
C LEU A 163 1.63 -45.17 8.84
N ALA A 164 0.49 -45.10 8.19
CA ALA A 164 -0.11 -46.29 7.61
C ALA A 164 0.47 -46.53 6.23
N GLN A 165 0.88 -47.72 5.99
CA GLN A 165 1.37 -48.08 4.67
C GLN A 165 0.20 -48.48 3.78
N PRO A 166 -0.01 -47.83 2.64
CA PRO A 166 -0.91 -48.39 1.63
C PRO A 166 -0.38 -49.73 1.15
N GLU A 167 -1.23 -50.46 0.42
CA GLU A 167 -1.00 -51.86 0.14
C GLU A 167 -0.97 -52.66 1.44
N SER A 168 -1.61 -52.11 2.47
CA SER A 168 -1.62 -52.60 3.85
C SER A 168 -0.18 -52.68 4.35
N GLY A 169 0.22 -53.75 5.00
CA GLY A 169 1.48 -53.75 5.70
C GLY A 169 1.37 -53.01 7.02
N ARG A 170 2.51 -52.90 7.70
CA ARG A 170 2.58 -52.33 9.03
C ARG A 170 1.88 -50.99 9.10
N ARG A 171 0.82 -50.92 9.90
CA ARG A 171 0.18 -49.65 10.22
C ARG A 171 0.76 -49.19 11.56
N ALA A 172 1.94 -48.57 11.48
CA ALA A 172 2.74 -48.24 12.65
C ALA A 172 2.82 -46.74 12.86
N GLU A 173 2.77 -46.33 14.13
CA GLU A 173 2.58 -44.95 14.55
C GLU A 173 3.73 -44.50 15.46
N TYR A 174 4.17 -43.26 15.30
CA TYR A 174 5.30 -42.73 16.07
C TYR A 174 5.14 -41.24 16.32
N SER A 175 4.82 -40.89 17.56
CA SER A 175 4.73 -39.49 17.97
C SER A 175 6.09 -39.06 18.50
N PRO A 176 6.88 -38.30 17.74
CA PRO A 176 8.29 -38.10 18.10
C PRO A 176 8.49 -37.50 19.46
N CYS A 177 7.46 -36.90 20.05
CA CYS A 177 7.56 -36.31 21.37
C CYS A 177 7.18 -37.27 22.48
N ARG A 178 7.03 -38.56 22.17
CA ARG A 178 6.59 -39.53 23.16
C ARG A 178 7.78 -40.00 23.99
N GLY A 179 8.29 -39.07 24.80
CA GLY A 179 9.26 -39.39 25.82
C GLY A 179 8.64 -39.13 27.18
N ASN A 180 8.60 -40.15 28.05
CA ASN A 180 7.91 -40.00 29.31
C ASN A 180 8.64 -38.99 30.21
N THR A 181 7.96 -38.59 31.27
CA THR A 181 8.58 -37.74 32.26
C THR A 181 7.77 -37.83 33.54
N LEU A 182 8.46 -37.70 34.67
CA LEU A 182 7.81 -37.59 35.97
C LEU A 182 7.44 -36.16 36.31
N SER A 183 7.16 -35.33 35.30
CA SER A 183 6.63 -33.99 35.49
C SER A 183 7.69 -33.06 36.05
N ARG A 184 7.81 -33.05 37.38
CA ARG A 184 8.60 -32.04 38.05
C ARG A 184 10.09 -32.20 37.82
N ILE A 185 10.56 -33.42 37.53
CA ILE A 185 11.98 -33.62 37.30
C ILE A 185 12.44 -32.79 36.12
N TYR A 186 11.72 -32.89 35.00
CA TYR A 186 12.15 -32.23 33.76
C TYR A 186 11.24 -31.07 33.38
N VAL A 187 10.44 -30.56 34.31
CA VAL A 187 10.05 -29.16 34.19
C VAL A 187 11.30 -28.31 34.28
N GLU A 188 12.38 -28.86 34.84
CA GLU A 188 13.71 -28.27 34.98
C GLU A 188 13.72 -27.14 35.98
N ASN A 189 12.58 -26.80 36.57
CA ASN A 189 12.35 -25.62 37.41
C ASN A 189 12.53 -24.34 36.61
N ASP A 190 12.88 -24.44 35.33
CA ASP A 190 12.85 -23.36 34.36
C ASP A 190 11.53 -23.29 33.61
N PHE A 191 10.65 -24.27 33.81
CA PHE A 191 9.49 -24.58 32.98
C PHE A 191 9.92 -25.07 31.61
N SER A 192 11.22 -25.27 31.39
CA SER A 192 11.80 -25.49 30.08
C SER A 192 12.45 -26.86 30.02
N TRP A 193 13.13 -27.12 28.90
CA TRP A 193 13.76 -28.41 28.62
C TRP A 193 12.74 -29.55 28.61
N ASP A 194 11.45 -29.21 28.49
CA ASP A 194 10.39 -30.21 28.42
C ASP A 194 9.46 -29.86 27.28
N LYS A 195 9.04 -30.89 26.54
CA LYS A 195 8.44 -30.73 25.23
C LYS A 195 7.13 -31.48 25.14
N ARG A 196 6.22 -31.23 26.08
CA ARG A 196 4.98 -31.99 26.08
C ARG A 196 4.05 -31.57 24.94
N TYR A 197 3.83 -30.28 24.76
CA TYR A 197 2.74 -29.80 23.90
C TYR A 197 3.16 -29.67 22.44
N CYS A 198 3.78 -30.71 21.87
CA CYS A 198 4.36 -30.56 20.54
C CYS A 198 3.32 -30.32 19.45
N GLU A 199 2.19 -31.03 19.51
CA GLU A 199 1.21 -30.99 18.44
C GLU A 199 1.85 -31.46 17.13
N ALA A 200 2.61 -32.54 17.23
CA ALA A 200 3.34 -33.04 16.07
C ALA A 200 2.39 -33.39 14.93
N GLY A 201 2.70 -32.90 13.74
CA GLY A 201 1.86 -33.04 12.58
C GLY A 201 1.25 -31.74 12.11
N PHE A 202 1.39 -30.66 12.88
CA PHE A 202 0.85 -29.36 12.48
C PHE A 202 1.43 -28.93 11.15
N SER A 203 2.61 -29.42 10.80
CA SER A 203 3.17 -29.28 9.46
C SER A 203 4.20 -30.37 9.28
N SER A 204 4.32 -30.87 8.07
CA SER A 204 5.33 -31.88 7.79
C SER A 204 5.58 -31.90 6.31
N VAL A 205 6.84 -32.11 5.92
CA VAL A 205 7.16 -32.37 4.52
C VAL A 205 8.18 -33.49 4.50
N VAL A 206 7.78 -34.66 4.00
CA VAL A 206 8.70 -35.77 3.88
C VAL A 206 9.82 -35.36 2.94
N THR A 207 11.02 -35.26 3.47
CA THR A 207 12.16 -34.90 2.63
C THR A 207 12.37 -35.97 1.58
N GLN A 208 12.72 -35.55 0.37
N GLN A 208 12.73 -35.53 0.37
CA GLN A 208 12.91 -36.53 -0.70
CA GLN A 208 12.97 -36.46 -0.72
C GLN A 208 14.09 -37.45 -0.42
C GLN A 208 14.08 -37.45 -0.39
N ALA A 209 15.00 -37.05 0.47
CA ALA A 209 16.12 -37.91 0.81
C ALA A 209 15.64 -39.19 1.47
N GLY A 210 14.62 -39.10 2.33
CA GLY A 210 14.16 -40.25 3.06
C GLY A 210 14.07 -40.00 4.54
N GLU A 211 13.97 -38.73 4.93
CA GLU A 211 13.73 -38.36 6.31
C GLU A 211 12.27 -37.96 6.48
N LEU A 212 11.97 -37.35 7.63
CA LEU A 212 10.62 -36.92 7.93
C LEU A 212 10.70 -35.83 8.99
N VAL A 213 10.13 -34.68 8.70
CA VAL A 213 10.07 -33.56 9.64
C VAL A 213 8.63 -33.35 10.06
N LEU A 214 8.44 -32.95 11.31
CA LEU A 214 7.12 -32.94 11.94
C LEU A 214 6.87 -31.65 12.69
N GLY A 215 7.01 -30.51 12.02
CA GLY A 215 6.88 -29.22 12.65
C GLY A 215 5.84 -29.15 13.75
N ALA A 216 6.30 -28.78 14.94
CA ALA A 216 5.51 -28.88 16.15
C ALA A 216 5.47 -27.52 16.84
N PRO A 217 4.41 -26.73 16.65
CA PRO A 217 4.40 -25.36 17.16
C PRO A 217 4.41 -25.26 18.66
N GLY A 218 4.29 -26.37 19.38
CA GLY A 218 4.29 -26.32 20.82
C GLY A 218 5.57 -26.76 21.49
N GLY A 219 6.65 -26.97 20.75
CA GLY A 219 7.87 -27.47 21.36
C GLY A 219 8.41 -26.47 22.37
N TYR A 220 8.79 -27.00 23.54
CA TYR A 220 9.39 -26.23 24.62
C TYR A 220 8.50 -25.04 24.99
N TYR A 221 7.27 -25.36 25.36
CA TYR A 221 6.31 -24.37 25.85
C TYR A 221 5.93 -23.38 24.76
N PHE A 222 5.54 -23.92 23.61
CA PHE A 222 5.01 -23.20 22.45
C PHE A 222 6.08 -22.40 21.72
N LEU A 223 7.31 -22.39 22.21
CA LEU A 223 8.36 -21.65 21.54
C LEU A 223 8.59 -22.17 20.13
N GLY A 224 8.46 -23.47 19.94
CA GLY A 224 8.63 -24.10 18.64
C GLY A 224 9.33 -25.43 18.79
N LEU A 225 9.27 -26.22 17.72
CA LEU A 225 9.94 -27.51 17.69
C LEU A 225 10.19 -27.87 16.24
N LEU A 226 11.05 -28.87 16.03
CA LEU A 226 11.12 -29.50 14.73
C LEU A 226 11.74 -30.88 14.94
N ALA A 227 10.90 -31.90 14.99
CA ALA A 227 11.37 -33.26 15.19
C ALA A 227 11.64 -33.89 13.83
N GLN A 228 12.80 -34.53 13.71
CA GLN A 228 13.20 -35.18 12.47
C GLN A 228 13.54 -36.63 12.74
N ALA A 229 13.24 -37.50 11.77
CA ALA A 229 13.45 -38.93 11.95
C ALA A 229 13.42 -39.59 10.58
N PRO A 230 14.23 -40.63 10.34
CA PRO A 230 14.15 -41.33 9.07
C PRO A 230 12.85 -42.10 8.94
N VAL A 231 12.42 -42.30 7.70
CA VAL A 231 11.19 -43.05 7.46
C VAL A 231 11.45 -44.54 7.24
N ALA A 232 12.64 -44.90 6.76
CA ALA A 232 12.95 -46.32 6.55
C ALA A 232 13.03 -47.07 7.87
N ASP A 233 13.69 -46.49 8.87
CA ASP A 233 13.90 -47.16 10.16
C ASP A 233 12.75 -46.95 11.13
N ILE A 234 11.98 -45.87 10.95
CA ILE A 234 10.90 -45.60 11.88
C ILE A 234 9.91 -46.76 11.88
N PHE A 235 9.60 -47.31 10.71
CA PHE A 235 8.73 -48.47 10.63
C PHE A 235 9.32 -49.63 11.42
N SER A 236 10.63 -49.77 11.39
CA SER A 236 11.28 -50.86 12.12
C SER A 236 11.05 -50.73 13.62
N SER A 237 11.26 -49.52 14.15
CA SER A 237 11.28 -49.37 15.61
C SER A 237 9.87 -49.11 16.16
N TYR A 238 9.03 -50.14 16.05
CA TYR A 238 7.68 -50.10 16.62
C TYR A 238 7.41 -51.33 17.47
N ARG A 239 6.82 -51.10 18.63
CA ARG A 239 6.30 -52.17 19.48
C ARG A 239 4.83 -51.92 19.72
N PRO A 240 3.93 -52.60 19.01
CA PRO A 240 2.49 -52.39 19.26
C PRO A 240 2.16 -52.67 20.71
N GLY A 241 1.41 -51.76 21.32
CA GLY A 241 1.12 -51.80 22.72
C GLY A 241 2.06 -50.96 23.57
N ILE A 242 3.23 -50.63 23.04
CA ILE A 242 4.19 -49.81 23.77
C ILE A 242 3.79 -48.35 23.63
N LEU A 243 3.97 -47.59 24.71
CA LEU A 243 3.60 -46.18 24.74
C LEU A 243 4.80 -45.25 24.73
N LEU A 244 5.83 -45.58 25.49
CA LEU A 244 7.08 -44.84 25.52
C LEU A 244 8.15 -45.59 24.77
N TRP A 245 8.68 -44.97 23.73
CA TRP A 245 9.90 -45.44 23.08
C TRP A 245 10.40 -44.34 22.17
N HIS A 246 11.69 -44.00 22.27
CA HIS A 246 12.27 -42.96 21.44
C HIS A 246 13.27 -43.61 20.48
N VAL A 247 13.15 -43.27 19.21
CA VAL A 247 14.07 -43.77 18.19
C VAL A 247 15.41 -43.10 18.39
N SER A 248 16.49 -43.86 18.21
CA SER A 248 17.83 -43.31 18.41
C SER A 248 18.14 -42.18 17.45
N SER A 249 17.42 -42.09 16.32
CA SER A 249 17.75 -41.14 15.27
C SER A 249 16.93 -39.84 15.36
N GLN A 250 16.22 -39.61 16.45
CA GLN A 250 15.54 -38.33 16.60
C GLN A 250 16.54 -37.19 16.69
N SER A 251 16.11 -36.01 16.28
CA SER A 251 16.92 -34.80 16.41
C SER A 251 15.97 -33.61 16.49
N LEU A 252 15.91 -32.98 17.67
CA LEU A 252 14.96 -31.90 17.90
C LEU A 252 15.68 -30.56 18.02
N SER A 253 14.96 -29.51 17.65
CA SER A 253 15.49 -28.16 17.77
C SER A 253 15.78 -27.84 19.22
N PHE A 254 16.84 -27.08 19.45
CA PHE A 254 17.29 -26.76 20.80
C PHE A 254 16.52 -25.57 21.36
N ASP A 255 16.17 -25.65 22.62
CA ASP A 255 15.47 -24.56 23.29
C ASP A 255 16.33 -23.31 23.26
N SER A 256 15.68 -22.16 23.18
CA SER A 256 16.38 -20.88 23.14
C SER A 256 15.78 -19.95 24.18
N SER A 257 16.59 -19.00 24.65
CA SER A 257 16.17 -18.05 25.68
C SER A 257 16.00 -16.63 25.16
N ASN A 258 16.11 -16.41 23.86
CA ASN A 258 15.94 -15.07 23.31
C ASN A 258 14.48 -14.66 23.43
N PRO A 259 14.17 -13.56 24.12
CA PRO A 259 12.76 -13.16 24.26
C PRO A 259 12.08 -12.84 22.95
N GLU A 260 12.81 -12.81 21.83
CA GLU A 260 12.15 -12.75 20.53
C GLU A 260 11.34 -14.00 20.26
N TYR A 261 11.89 -15.17 20.58
CA TYR A 261 11.23 -16.40 20.17
C TYR A 261 10.07 -16.77 21.06
N PHE A 262 9.99 -16.21 22.28
CA PHE A 262 9.03 -16.69 23.26
C PHE A 262 7.61 -16.59 22.74
N ASP A 263 6.94 -17.74 22.69
CA ASP A 263 5.68 -17.95 21.98
C ASP A 263 5.77 -17.36 20.57
N GLY A 264 6.71 -17.90 19.81
CA GLY A 264 6.80 -17.60 18.41
C GLY A 264 5.93 -18.45 17.52
N TYR A 265 5.37 -19.53 18.06
CA TYR A 265 4.69 -20.56 17.27
C TYR A 265 5.60 -21.04 16.15
N TRP A 266 6.88 -21.15 16.47
CA TRP A 266 7.88 -21.59 15.53
C TRP A 266 7.54 -22.98 15.04
N GLY A 267 7.59 -23.19 13.73
CA GLY A 267 7.14 -24.45 13.17
C GLY A 267 5.67 -24.52 12.86
N TYR A 268 4.99 -23.38 12.75
CA TYR A 268 3.62 -23.36 12.26
C TYR A 268 3.54 -24.02 10.89
N SER A 269 4.46 -23.68 10.00
CA SER A 269 4.53 -24.27 8.68
C SER A 269 5.99 -24.39 8.27
N VAL A 270 6.34 -25.53 7.68
CA VAL A 270 7.70 -25.83 7.31
C VAL A 270 7.78 -26.03 5.81
N ALA A 271 9.02 -26.14 5.32
CA ALA A 271 9.25 -26.43 3.92
C ALA A 271 10.69 -26.93 3.77
N VAL A 272 10.97 -27.51 2.61
CA VAL A 272 12.31 -27.99 2.27
C VAL A 272 12.77 -27.26 1.03
N GLY A 273 14.00 -26.74 1.08
CA GLY A 273 14.53 -26.03 -0.06
C GLY A 273 16.00 -25.72 0.06
N GLU A 274 16.71 -25.85 -1.06
CA GLU A 274 18.14 -25.54 -1.12
C GLU A 274 18.31 -24.02 -1.13
N PHE A 275 18.04 -23.42 0.03
CA PHE A 275 18.06 -21.96 0.10
C PHE A 275 19.49 -21.42 0.20
N ASP A 276 20.18 -21.71 1.29
CA ASP A 276 21.39 -20.99 1.66
C ASP A 276 22.63 -21.84 1.42
N GLY A 277 22.60 -22.66 0.37
CA GLY A 277 23.78 -23.38 -0.07
C GLY A 277 24.10 -24.64 0.68
N ASP A 278 23.29 -25.04 1.66
CA ASP A 278 23.48 -26.32 2.34
C ASP A 278 22.78 -27.40 1.54
N LEU A 279 23.53 -28.05 0.64
CA LEU A 279 22.96 -29.05 -0.24
C LEU A 279 22.63 -30.33 0.53
N ASN A 280 23.66 -31.00 1.04
CA ASN A 280 23.43 -32.26 1.74
C ASN A 280 22.77 -32.04 3.09
N THR A 281 23.25 -31.06 3.85
CA THR A 281 22.60 -30.69 5.11
C THR A 281 21.41 -29.80 4.76
N THR A 282 20.46 -30.40 4.04
CA THR A 282 19.39 -29.66 3.39
C THR A 282 18.66 -28.79 4.40
N GLU A 283 18.43 -27.54 4.01
CA GLU A 283 17.97 -26.53 4.94
C GLU A 283 16.50 -26.75 5.31
N TYR A 284 16.06 -25.97 6.29
CA TYR A 284 14.67 -25.92 6.69
C TYR A 284 14.19 -24.48 6.53
N VAL A 285 12.89 -24.31 6.31
CA VAL A 285 12.32 -23.00 6.05
C VAL A 285 11.29 -22.71 7.14
N VAL A 286 11.59 -23.17 8.34
CA VAL A 286 10.67 -23.16 9.47
C VAL A 286 9.97 -21.82 9.61
N GLY A 287 8.65 -21.83 9.57
CA GLY A 287 7.90 -20.61 9.76
C GLY A 287 7.87 -20.17 11.20
N ALA A 288 7.36 -18.98 11.42
CA ALA A 288 7.23 -18.45 12.77
C ALA A 288 6.26 -17.27 12.77
N PRO A 289 5.00 -17.49 12.39
CA PRO A 289 4.14 -16.36 12.01
C PRO A 289 3.89 -15.35 13.11
N THR A 290 4.22 -15.66 14.35
CA THR A 290 4.10 -14.67 15.42
C THR A 290 5.41 -14.64 16.18
N TRP A 291 6.39 -13.91 15.65
CA TRP A 291 7.71 -13.80 16.24
C TRP A 291 8.06 -12.33 16.42
N SER A 292 8.91 -12.06 17.41
CA SER A 292 9.29 -10.70 17.77
C SER A 292 8.07 -9.86 18.11
N TRP A 293 7.24 -10.37 19.02
CA TRP A 293 6.04 -9.67 19.46
C TRP A 293 5.12 -9.35 18.28
N THR A 294 4.65 -10.41 17.63
CA THR A 294 3.65 -10.43 16.58
C THR A 294 4.17 -9.90 15.24
N LEU A 295 5.42 -9.46 15.16
CA LEU A 295 5.96 -9.09 13.86
C LEU A 295 6.02 -10.30 12.94
N GLY A 296 6.46 -11.44 13.45
CA GLY A 296 6.53 -12.65 12.67
C GLY A 296 7.78 -12.72 11.82
N ALA A 297 8.17 -13.96 11.50
CA ALA A 297 9.39 -14.16 10.73
C ALA A 297 9.32 -15.50 10.04
N VAL A 298 10.16 -15.66 9.03
CA VAL A 298 10.38 -16.94 8.36
C VAL A 298 11.88 -17.19 8.34
N GLU A 299 12.32 -18.21 9.06
CA GLU A 299 13.73 -18.47 9.26
C GLU A 299 14.18 -19.62 8.38
N ILE A 300 15.44 -19.61 7.99
CA ILE A 300 16.02 -20.68 7.18
C ILE A 300 17.10 -21.36 8.02
N LEU A 301 16.95 -22.66 8.24
CA LEU A 301 17.82 -23.38 9.16
C LEU A 301 18.40 -24.61 8.50
N ASP A 302 19.55 -25.05 9.00
CA ASP A 302 20.19 -26.25 8.51
C ASP A 302 19.61 -27.47 9.23
N SER A 303 20.20 -28.63 9.03
CA SER A 303 19.68 -29.84 9.65
C SER A 303 19.87 -29.84 11.15
N TYR A 304 20.88 -29.13 11.66
CA TYR A 304 21.19 -29.11 13.09
C TYR A 304 20.61 -27.88 13.77
N TYR A 305 19.67 -27.19 13.12
CA TYR A 305 18.98 -26.04 13.69
C TYR A 305 19.94 -24.87 13.93
N GLN A 306 20.68 -24.50 12.89
CA GLN A 306 21.47 -23.28 12.87
C GLN A 306 20.87 -22.33 11.84
N ARG A 307 20.60 -21.10 12.24
N ARG A 307 20.60 -21.09 12.25
CA ARG A 307 19.97 -20.13 11.36
CA ARG A 307 19.99 -20.12 11.36
C ARG A 307 20.91 -19.73 10.24
C ARG A 307 20.92 -19.76 10.21
N LEU A 308 20.33 -19.41 9.08
CA LEU A 308 21.07 -18.95 7.92
C LEU A 308 20.72 -17.51 7.56
N HIS A 309 19.43 -17.20 7.50
CA HIS A 309 18.96 -15.84 7.38
C HIS A 309 17.78 -15.68 8.33
N ARG A 310 17.11 -14.54 8.25
CA ARG A 310 15.81 -14.39 8.91
C ARG A 310 15.06 -13.27 8.22
N LEU A 311 13.84 -13.56 7.78
CA LEU A 311 13.01 -12.60 7.06
C LEU A 311 12.00 -11.99 8.04
N ARG A 312 12.06 -10.68 8.19
CA ARG A 312 11.27 -10.00 9.19
C ARG A 312 9.94 -9.51 8.61
N GLY A 313 8.91 -9.54 9.46
CA GLY A 313 7.59 -9.14 9.01
C GLY A 313 7.49 -7.64 8.82
N GLU A 314 6.74 -7.24 7.80
CA GLU A 314 6.63 -5.84 7.45
C GLU A 314 5.61 -5.10 8.33
N GLN A 315 4.43 -5.68 8.51
CA GLN A 315 3.35 -5.05 9.25
C GLN A 315 3.07 -5.82 10.53
N MET A 316 2.84 -5.07 11.61
CA MET A 316 2.50 -5.69 12.89
C MET A 316 1.13 -6.34 12.81
N ALA A 317 0.98 -7.47 13.51
CA ALA A 317 -0.27 -8.24 13.58
C ALA A 317 -0.75 -8.70 12.22
N SER A 318 0.09 -8.61 11.19
CA SER A 318 -0.31 -9.00 9.84
C SER A 318 -0.16 -10.48 9.60
N TYR A 319 0.29 -11.23 10.60
CA TYR A 319 0.46 -12.69 10.50
C TYR A 319 1.42 -13.05 9.36
N PHE A 320 2.66 -12.59 9.50
CA PHE A 320 3.67 -12.79 8.46
C PHE A 320 4.20 -14.21 8.58
N GLY A 321 3.74 -15.09 7.70
CA GLY A 321 4.28 -16.44 7.67
C GLY A 321 3.25 -17.52 7.94
N HIS A 322 1.97 -17.18 7.83
CA HIS A 322 0.92 -18.17 8.05
C HIS A 322 1.07 -19.34 7.09
N SER A 323 1.34 -19.06 5.83
CA SER A 323 1.53 -20.09 4.82
C SER A 323 2.81 -19.81 4.08
N VAL A 324 3.77 -20.72 4.20
CA VAL A 324 5.09 -20.57 3.61
C VAL A 324 5.17 -21.49 2.41
N ALA A 325 5.50 -20.92 1.26
CA ALA A 325 5.66 -21.69 0.03
C ALA A 325 7.05 -21.45 -0.53
N VAL A 326 7.74 -22.54 -0.85
CA VAL A 326 9.09 -22.47 -1.41
C VAL A 326 9.02 -22.96 -2.84
N THR A 327 9.28 -22.08 -3.78
CA THR A 327 9.21 -22.43 -5.19
C THR A 327 10.06 -21.47 -5.99
N ASP A 328 10.38 -21.86 -7.22
CA ASP A 328 11.27 -21.10 -8.10
C ASP A 328 10.42 -20.30 -9.08
N VAL A 329 9.95 -19.13 -8.63
CA VAL A 329 9.06 -18.32 -9.45
C VAL A 329 9.79 -17.74 -10.65
N ASN A 330 11.01 -17.25 -10.46
CA ASN A 330 11.71 -16.54 -11.51
C ASN A 330 12.41 -17.46 -12.50
N GLY A 331 12.38 -18.77 -12.27
CA GLY A 331 12.99 -19.70 -13.22
C GLY A 331 14.48 -19.54 -13.37
N ASP A 332 15.20 -19.35 -12.26
CA ASP A 332 16.65 -19.21 -12.29
C ASP A 332 17.37 -20.46 -11.83
N GLY A 333 16.69 -21.37 -11.15
CA GLY A 333 17.33 -22.47 -10.46
C GLY A 333 17.51 -22.24 -8.97
N ARG A 334 17.05 -21.11 -8.45
CA ARG A 334 17.13 -20.81 -7.03
C ARG A 334 15.73 -20.73 -6.45
N HIS A 335 15.48 -21.45 -5.37
CA HIS A 335 14.18 -21.46 -4.75
C HIS A 335 13.86 -20.11 -4.14
N ASP A 336 12.65 -19.62 -4.40
CA ASP A 336 12.24 -18.27 -4.00
C ASP A 336 11.12 -18.36 -2.99
N LEU A 337 11.34 -17.76 -1.83
CA LEU A 337 10.40 -17.87 -0.72
C LEU A 337 9.18 -17.00 -0.95
N LEU A 338 8.01 -17.53 -0.57
CA LEU A 338 6.75 -16.79 -0.58
C LEU A 338 6.14 -16.88 0.80
N VAL A 339 5.72 -15.74 1.34
CA VAL A 339 5.23 -15.67 2.70
C VAL A 339 3.87 -14.99 2.70
N GLY A 340 2.92 -15.54 3.43
CA GLY A 340 1.58 -15.00 3.52
C GLY A 340 1.44 -14.08 4.72
N ALA A 341 0.62 -13.05 4.55
CA ALA A 341 0.23 -12.14 5.64
C ALA A 341 -1.27 -11.94 5.58
N PRO A 342 -2.04 -12.94 6.01
CA PRO A 342 -3.49 -12.93 5.73
C PRO A 342 -4.23 -11.73 6.28
N LEU A 343 -3.84 -11.22 7.44
CA LEU A 343 -4.55 -10.11 8.05
C LEU A 343 -3.96 -8.77 7.65
N TYR A 344 -3.35 -8.69 6.46
CA TYR A 344 -2.66 -7.47 6.05
C TYR A 344 -3.64 -6.35 5.76
N MET A 345 -3.38 -5.19 6.34
CA MET A 345 -4.23 -4.02 6.20
C MET A 345 -3.50 -2.96 5.40
N GLU A 346 -4.22 -2.30 4.50
CA GLU A 346 -3.63 -1.34 3.60
C GLU A 346 -4.24 0.05 3.81
N SER A 347 -3.47 1.06 3.44
CA SER A 347 -3.89 2.45 3.54
C SER A 347 -4.15 3.02 2.15
N ARG A 348 -5.30 3.64 1.98
CA ARG A 348 -5.70 4.21 0.70
C ARG A 348 -6.27 5.60 0.94
N ALA A 349 -6.45 6.36 -0.15
CA ALA A 349 -7.05 7.68 -0.02
C ALA A 349 -8.47 7.58 0.53
N ASP A 350 -9.25 6.64 0.01
CA ASP A 350 -10.64 6.48 0.42
C ASP A 350 -10.83 5.54 1.59
N ARG A 351 -9.79 4.82 2.01
CA ARG A 351 -9.91 3.87 3.10
C ARG A 351 -8.54 3.71 3.75
N LYS A 352 -8.43 4.15 5.00
CA LYS A 352 -7.14 4.10 5.69
C LYS A 352 -6.80 2.69 6.17
N LEU A 353 -7.80 1.93 6.62
CA LEU A 353 -7.58 0.58 7.14
C LEU A 353 -8.50 -0.38 6.39
N ALA A 354 -7.90 -1.24 5.57
CA ALA A 354 -8.67 -2.20 4.78
C ALA A 354 -7.92 -3.53 4.78
N GLU A 355 -8.49 -4.54 5.42
CA GLU A 355 -7.88 -5.88 5.46
C GLU A 355 -8.00 -6.51 4.09
N VAL A 356 -6.93 -6.41 3.30
CA VAL A 356 -6.91 -6.96 1.96
C VAL A 356 -5.88 -8.05 1.78
N GLY A 357 -5.13 -8.40 2.83
CA GLY A 357 -4.14 -9.45 2.73
C GLY A 357 -2.96 -9.07 1.87
N ARG A 358 -1.83 -9.75 2.04
CA ARG A 358 -0.67 -9.45 1.25
C ARG A 358 0.20 -10.68 1.18
N VAL A 359 0.82 -10.90 0.04
CA VAL A 359 1.74 -12.01 -0.18
C VAL A 359 3.06 -11.44 -0.61
N TYR A 360 4.11 -11.73 0.16
CA TYR A 360 5.45 -11.24 -0.13
C TYR A 360 6.17 -12.25 -1.02
N LEU A 361 7.18 -11.76 -1.73
CA LEU A 361 8.06 -12.63 -2.49
C LEU A 361 9.50 -12.20 -2.26
N PHE A 362 10.37 -13.17 -2.05
CA PHE A 362 11.80 -12.92 -1.84
C PHE A 362 12.58 -13.76 -2.84
N LEU A 363 13.14 -13.10 -3.85
CA LEU A 363 13.93 -13.79 -4.85
C LEU A 363 15.31 -14.10 -4.29
N GLN A 364 15.84 -15.26 -4.68
CA GLN A 364 17.11 -15.71 -4.10
C GLN A 364 18.27 -15.11 -4.88
N PRO A 365 19.08 -14.25 -4.26
CA PRO A 365 20.23 -13.68 -4.96
C PRO A 365 21.38 -14.66 -4.99
N ARG A 366 22.28 -14.43 -5.95
CA ARG A 366 23.42 -15.32 -6.11
C ARG A 366 24.32 -15.25 -4.88
N GLY A 367 24.83 -16.42 -4.48
CA GLY A 367 25.72 -16.51 -3.34
C GLY A 367 24.98 -16.52 -2.02
N PRO A 368 25.71 -16.26 -0.93
CA PRO A 368 25.10 -16.28 0.41
C PRO A 368 24.49 -14.94 0.76
N HIS A 369 24.26 -14.12 -0.26
CA HIS A 369 23.77 -12.77 -0.06
C HIS A 369 22.45 -12.78 0.72
N ALA A 370 22.33 -11.85 1.66
CA ALA A 370 21.16 -11.80 2.52
C ALA A 370 19.91 -11.43 1.74
N LEU A 371 18.77 -11.92 2.22
CA LEU A 371 17.46 -11.58 1.66
C LEU A 371 16.97 -10.29 2.28
N GLY A 372 16.99 -9.20 1.50
CA GLY A 372 16.61 -7.91 2.03
C GLY A 372 15.14 -7.62 1.93
N ALA A 373 14.78 -6.52 1.26
CA ALA A 373 13.40 -6.10 1.18
C ALA A 373 12.59 -7.04 0.29
N PRO A 374 11.27 -7.08 0.47
CA PRO A 374 10.44 -7.92 -0.41
C PRO A 374 10.59 -7.51 -1.86
N SER A 375 10.78 -8.50 -2.72
CA SER A 375 10.96 -8.22 -4.15
C SER A 375 9.71 -7.62 -4.75
N LEU A 376 8.54 -8.07 -4.31
CA LEU A 376 7.27 -7.52 -4.78
C LEU A 376 6.17 -7.94 -3.82
N LEU A 377 5.09 -7.17 -3.84
CA LEU A 377 3.96 -7.41 -2.95
C LEU A 377 2.72 -7.65 -3.78
N LEU A 378 2.08 -8.80 -3.56
CA LEU A 378 0.78 -9.09 -4.13
C LEU A 378 -0.29 -8.63 -3.15
N THR A 379 -1.43 -8.23 -3.68
CA THR A 379 -2.46 -7.63 -2.85
C THR A 379 -3.84 -7.87 -3.43
N GLY A 380 -4.73 -8.43 -2.61
CA GLY A 380 -6.11 -8.58 -3.02
C GLY A 380 -6.89 -7.29 -2.82
N THR A 381 -8.08 -7.27 -3.41
CA THR A 381 -8.92 -6.07 -3.41
C THR A 381 -10.12 -6.17 -2.49
N GLN A 382 -10.67 -7.38 -2.30
CA GLN A 382 -11.86 -7.53 -1.48
C GLN A 382 -11.54 -7.32 -0.01
N LEU A 383 -12.49 -6.71 0.69
CA LEU A 383 -12.34 -6.46 2.12
C LEU A 383 -12.53 -7.75 2.91
N TYR A 384 -11.67 -7.95 3.91
CA TYR A 384 -11.71 -9.13 4.78
C TYR A 384 -11.58 -10.44 4.02
N GLY A 385 -10.98 -10.40 2.84
CA GLY A 385 -10.85 -11.62 2.07
C GLY A 385 -9.81 -12.59 2.57
N ARG A 386 -9.05 -12.21 3.60
CA ARG A 386 -7.99 -13.03 4.15
C ARG A 386 -7.05 -13.51 3.05
N PHE A 387 -6.71 -12.58 2.16
CA PHE A 387 -5.78 -12.87 1.08
C PHE A 387 -4.45 -13.34 1.64
N GLY A 388 -3.93 -14.43 1.10
CA GLY A 388 -2.68 -14.99 1.58
C GLY A 388 -2.83 -16.05 2.64
N SER A 389 -4.04 -16.55 2.88
CA SER A 389 -4.26 -17.55 3.91
C SER A 389 -3.83 -18.95 3.48
N ALA A 390 -3.51 -19.16 2.21
CA ALA A 390 -3.06 -20.47 1.76
C ALA A 390 -2.36 -20.29 0.42
N ILE A 391 -1.07 -20.62 0.36
CA ILE A 391 -0.29 -20.49 -0.85
C ILE A 391 0.13 -21.88 -1.27
N ALA A 392 -0.23 -22.27 -2.48
CA ALA A 392 0.08 -23.60 -3.00
C ALA A 392 0.81 -23.47 -4.32
N PRO A 393 2.10 -23.75 -4.36
CA PRO A 393 2.83 -23.67 -5.63
C PRO A 393 2.24 -24.59 -6.67
N LEU A 394 1.65 -24.02 -7.71
CA LEU A 394 0.95 -24.82 -8.70
C LEU A 394 1.88 -25.37 -9.77
N GLY A 395 3.16 -25.06 -9.72
CA GLY A 395 4.03 -25.46 -10.78
C GLY A 395 3.76 -24.63 -12.02
N ASP A 396 4.38 -25.05 -13.12
CA ASP A 396 4.24 -24.35 -14.39
C ASP A 396 2.83 -24.61 -14.89
N LEU A 397 1.89 -23.86 -14.30
CA LEU A 397 0.47 -24.10 -14.53
C LEU A 397 0.10 -23.92 -15.99
N ASP A 398 0.61 -22.87 -16.62
CA ASP A 398 0.43 -22.64 -18.04
C ASP A 398 1.60 -23.14 -18.87
N ARG A 399 2.55 -23.83 -18.24
CA ARG A 399 3.67 -24.46 -18.94
C ARG A 399 4.51 -23.43 -19.71
N ASP A 400 4.75 -22.28 -19.10
CA ASP A 400 5.46 -21.18 -19.75
C ASP A 400 6.92 -21.07 -19.33
N GLY A 401 7.41 -21.93 -18.45
CA GLY A 401 8.77 -21.84 -17.96
C GLY A 401 8.92 -21.12 -16.65
N TYR A 402 7.88 -20.45 -16.17
CA TYR A 402 7.90 -19.78 -14.88
C TYR A 402 6.85 -20.40 -13.99
N ASN A 403 7.23 -20.72 -12.77
CA ASN A 403 6.31 -21.32 -11.81
C ASN A 403 5.21 -20.33 -11.46
N ASP A 404 4.02 -20.86 -11.20
CA ASP A 404 2.87 -20.06 -10.81
C ASP A 404 2.31 -20.56 -9.49
N ILE A 405 1.77 -19.63 -8.70
CA ILE A 405 1.26 -19.95 -7.38
C ILE A 405 -0.23 -19.62 -7.34
N ALA A 406 -0.88 -20.08 -6.28
CA ALA A 406 -2.30 -19.80 -6.06
C ALA A 406 -2.48 -19.25 -4.66
N VAL A 407 -3.10 -18.08 -4.56
CA VAL A 407 -3.38 -17.45 -3.28
C VAL A 407 -4.89 -17.38 -3.14
N ALA A 408 -5.42 -17.96 -2.08
CA ALA A 408 -6.85 -18.11 -1.94
C ALA A 408 -7.41 -17.09 -0.97
N ALA A 409 -8.61 -16.60 -1.29
CA ALA A 409 -9.32 -15.66 -0.43
C ALA A 409 -10.54 -16.35 0.13
N PRO A 410 -10.48 -16.83 1.37
CA PRO A 410 -11.66 -17.48 1.96
C PRO A 410 -12.89 -16.59 2.02
N TYR A 411 -12.73 -15.29 2.22
CA TYR A 411 -13.85 -14.38 2.34
C TYR A 411 -13.81 -13.29 1.29
N GLY A 412 -13.20 -13.57 0.14
CA GLY A 412 -13.14 -12.63 -0.95
C GLY A 412 -14.34 -12.74 -1.86
N GLY A 413 -14.28 -11.96 -2.94
CA GLY A 413 -15.35 -11.94 -3.91
C GLY A 413 -16.35 -10.85 -3.61
N PRO A 414 -17.01 -10.33 -4.64
CA PRO A 414 -17.96 -9.22 -4.42
C PRO A 414 -19.09 -9.60 -3.47
N SER A 415 -19.57 -10.84 -3.54
CA SER A 415 -20.62 -11.27 -2.64
C SER A 415 -20.10 -11.56 -1.25
N GLY A 416 -18.83 -11.92 -1.13
CA GLY A 416 -18.25 -12.26 0.16
C GLY A 416 -18.25 -13.73 0.49
N ARG A 417 -18.40 -14.61 -0.50
CA ARG A 417 -18.41 -16.04 -0.23
C ARG A 417 -17.05 -16.71 -0.41
N GLY A 418 -16.09 -16.04 -1.06
CA GLY A 418 -14.74 -16.55 -1.14
C GLY A 418 -14.20 -16.59 -2.55
N GLN A 419 -12.89 -16.43 -2.67
CA GLN A 419 -12.24 -16.37 -3.97
C GLN A 419 -10.90 -17.08 -3.95
N VAL A 420 -10.44 -17.44 -5.13
CA VAL A 420 -9.11 -18.00 -5.34
C VAL A 420 -8.45 -17.23 -6.48
N LEU A 421 -7.34 -16.56 -6.19
CA LEU A 421 -6.65 -15.73 -7.16
C LEU A 421 -5.34 -16.40 -7.55
N VAL A 422 -5.12 -16.51 -8.86
CA VAL A 422 -3.95 -17.19 -9.39
C VAL A 422 -3.00 -16.15 -9.97
N PHE A 423 -1.72 -16.26 -9.62
CA PHE A 423 -0.69 -15.36 -10.12
C PHE A 423 0.33 -16.16 -10.91
N LEU A 424 0.89 -15.54 -11.93
CA LEU A 424 1.82 -16.21 -12.83
C LEU A 424 3.21 -15.60 -12.66
N GLY A 425 4.21 -16.46 -12.49
CA GLY A 425 5.57 -15.99 -12.34
C GLY A 425 6.19 -15.53 -13.64
N GLN A 426 7.27 -14.77 -13.50
CA GLN A 426 8.00 -14.25 -14.64
C GLN A 426 9.45 -14.05 -14.24
N SER A 427 10.23 -13.38 -15.09
CA SER A 427 11.63 -13.14 -14.77
C SER A 427 11.76 -12.22 -13.56
N GLU A 428 10.93 -11.19 -13.47
CA GLU A 428 11.01 -10.29 -12.32
C GLU A 428 10.37 -10.90 -11.08
N GLY A 429 9.37 -11.75 -11.25
CA GLY A 429 8.65 -12.30 -10.12
C GLY A 429 7.20 -12.60 -10.47
N LEU A 430 6.28 -12.04 -9.69
CA LEU A 430 4.85 -12.26 -9.86
C LEU A 430 4.17 -10.97 -10.31
N ARG A 431 3.33 -11.08 -11.32
CA ARG A 431 2.51 -9.95 -11.73
C ARG A 431 1.47 -9.67 -10.66
N SER A 432 1.33 -8.40 -10.28
CA SER A 432 0.50 -8.05 -9.14
C SER A 432 -0.99 -8.26 -9.37
N ARG A 433 -1.40 -8.44 -10.62
CA ARG A 433 -2.84 -8.63 -10.80
C ARG A 433 -3.17 -10.09 -11.05
N PRO A 434 -4.25 -10.58 -10.43
CA PRO A 434 -4.61 -12.01 -10.59
C PRO A 434 -5.02 -12.30 -12.02
N SER A 435 -4.28 -13.21 -12.66
CA SER A 435 -4.60 -13.59 -14.03
C SER A 435 -5.96 -14.28 -14.12
N GLN A 436 -6.29 -15.08 -13.11
CA GLN A 436 -7.57 -15.76 -13.02
C GLN A 436 -8.13 -15.59 -11.62
N VAL A 437 -9.45 -15.56 -11.52
CA VAL A 437 -10.13 -15.50 -10.24
C VAL A 437 -11.32 -16.45 -10.26
N LEU A 438 -11.47 -17.23 -9.19
CA LEU A 438 -12.58 -18.17 -9.04
C LEU A 438 -13.47 -17.70 -7.90
N ASP A 439 -14.78 -17.64 -8.14
CA ASP A 439 -15.73 -17.29 -7.10
C ASP A 439 -16.27 -18.55 -6.43
N SER A 440 -16.66 -18.40 -5.17
CA SER A 440 -17.06 -19.56 -4.38
C SER A 440 -18.39 -20.12 -4.87
N PRO A 441 -18.44 -21.37 -5.34
CA PRO A 441 -19.73 -21.95 -5.71
C PRO A 441 -20.51 -22.50 -4.53
N PHE A 442 -19.87 -22.76 -3.42
CA PHE A 442 -20.59 -23.16 -2.24
C PHE A 442 -21.08 -21.91 -1.49
N PRO A 443 -22.16 -22.03 -0.70
CA PRO A 443 -22.77 -20.83 -0.11
C PRO A 443 -21.91 -20.11 0.91
N THR A 444 -22.46 -19.05 1.49
CA THR A 444 -21.74 -18.26 2.48
C THR A 444 -21.45 -19.08 3.73
N GLY A 445 -20.25 -18.91 4.28
CA GLY A 445 -19.80 -19.68 5.41
C GLY A 445 -18.98 -20.91 5.07
N SER A 446 -18.82 -21.22 3.79
CA SER A 446 -18.12 -22.44 3.39
C SER A 446 -16.61 -22.36 3.56
N ALA A 447 -16.06 -21.17 3.81
CA ALA A 447 -14.61 -20.98 3.91
C ALA A 447 -13.88 -21.59 2.72
N PHE A 448 -14.37 -21.24 1.53
CA PHE A 448 -13.81 -21.78 0.30
C PHE A 448 -12.36 -21.33 0.12
N GLY A 449 -11.50 -22.27 -0.24
CA GLY A 449 -10.11 -21.97 -0.51
C GLY A 449 -9.16 -22.12 0.66
N PHE A 450 -9.61 -22.71 1.77
CA PHE A 450 -8.78 -22.77 2.97
C PHE A 450 -7.52 -23.59 2.74
N SER A 451 -7.59 -24.60 1.88
CA SER A 451 -6.46 -25.49 1.65
C SER A 451 -6.35 -25.82 0.17
N LEU A 452 -5.12 -25.87 -0.32
CA LEU A 452 -4.88 -26.11 -1.74
C LEU A 452 -3.74 -27.10 -1.89
N ARG A 453 -3.60 -27.63 -3.10
CA ARG A 453 -2.46 -28.44 -3.44
C ARG A 453 -2.20 -28.30 -4.94
N GLY A 454 -1.01 -28.65 -5.34
CA GLY A 454 -0.64 -28.60 -6.74
C GLY A 454 0.48 -29.55 -7.02
N ALA A 455 1.24 -29.24 -8.06
CA ALA A 455 2.46 -29.93 -8.47
C ALA A 455 2.21 -31.34 -9.01
N VAL A 456 1.00 -31.87 -8.92
CA VAL A 456 0.72 -33.22 -9.41
C VAL A 456 -0.56 -33.18 -10.24
N ASP A 457 -0.45 -33.60 -11.49
CA ASP A 457 -1.63 -33.76 -12.33
C ASP A 457 -2.49 -34.88 -11.76
N ILE A 458 -3.79 -34.64 -11.67
CA ILE A 458 -4.69 -35.59 -11.05
C ILE A 458 -5.25 -36.60 -12.06
N ASP A 459 -5.15 -36.33 -13.35
CA ASP A 459 -5.80 -37.18 -14.35
C ASP A 459 -4.93 -37.41 -15.58
N ASP A 460 -3.61 -37.24 -15.47
CA ASP A 460 -2.67 -37.49 -16.56
C ASP A 460 -3.02 -36.68 -17.81
N ASN A 461 -3.49 -35.45 -17.60
CA ASN A 461 -3.86 -34.57 -18.69
C ASN A 461 -2.74 -33.61 -19.06
N GLY A 462 -1.57 -33.75 -18.46
CA GLY A 462 -0.42 -32.93 -18.78
C GLY A 462 -0.32 -31.64 -18.01
N TYR A 463 -1.31 -31.30 -17.17
CA TYR A 463 -1.32 -30.05 -16.44
C TYR A 463 -1.46 -30.30 -14.95
N PRO A 464 -0.68 -29.64 -14.11
CA PRO A 464 -0.85 -29.80 -12.66
C PRO A 464 -2.16 -29.19 -12.20
N ASP A 465 -3.11 -30.05 -11.87
CA ASP A 465 -4.41 -29.57 -11.42
C ASP A 465 -4.31 -28.92 -10.06
N LEU A 466 -5.46 -28.60 -9.48
CA LEU A 466 -5.57 -27.99 -8.18
C LEU A 466 -6.79 -28.56 -7.49
N ILE A 467 -6.67 -28.85 -6.21
CA ILE A 467 -7.74 -29.49 -5.46
C ILE A 467 -8.02 -28.62 -4.24
N VAL A 468 -9.15 -27.92 -4.26
CA VAL A 468 -9.46 -26.89 -3.28
C VAL A 468 -10.49 -27.45 -2.30
N GLY A 469 -10.22 -27.27 -1.02
CA GLY A 469 -11.13 -27.70 0.02
C GLY A 469 -12.04 -26.56 0.44
N ALA A 470 -13.26 -26.92 0.82
CA ALA A 470 -14.21 -25.99 1.44
C ALA A 470 -14.72 -26.70 2.68
N TYR A 471 -14.06 -26.49 3.81
CA TYR A 471 -14.36 -27.28 5.00
C TYR A 471 -15.69 -26.89 5.62
N GLY A 472 -16.14 -25.65 5.42
CA GLY A 472 -17.45 -25.27 5.92
C GLY A 472 -18.57 -26.00 5.22
N ALA A 473 -18.40 -26.27 3.93
CA ALA A 473 -19.39 -26.97 3.13
C ALA A 473 -19.19 -28.47 3.10
N ASN A 474 -18.29 -28.99 3.94
CA ASN A 474 -17.98 -30.41 4.07
C ASN A 474 -17.59 -31.04 2.74
N GLN A 475 -17.40 -30.24 1.71
CA GLN A 475 -17.13 -30.74 0.38
C GLN A 475 -15.75 -30.30 -0.06
N VAL A 476 -15.27 -30.93 -1.12
CA VAL A 476 -14.00 -30.60 -1.75
C VAL A 476 -14.26 -30.45 -3.24
N ALA A 477 -13.98 -29.27 -3.78
CA ALA A 477 -14.19 -29.01 -5.19
C ALA A 477 -12.84 -28.93 -5.88
N VAL A 478 -12.63 -29.77 -6.88
CA VAL A 478 -11.36 -29.85 -7.56
C VAL A 478 -11.48 -29.11 -8.89
N TYR A 479 -10.51 -28.25 -9.19
CA TYR A 479 -10.51 -27.48 -10.41
C TYR A 479 -9.49 -28.06 -11.37
N ARG A 480 -9.91 -28.25 -12.61
CA ARG A 480 -9.12 -28.97 -13.60
C ARG A 480 -8.51 -27.97 -14.57
N ALA A 481 -7.18 -27.94 -14.63
CA ALA A 481 -6.48 -27.05 -15.53
C ALA A 481 -6.57 -27.61 -16.95
N GLN A 482 -7.10 -26.81 -17.88
CA GLN A 482 -7.29 -27.28 -19.24
C GLN A 482 -6.19 -26.78 -20.15
N PRO A 483 -5.87 -27.53 -21.21
CA PRO A 483 -4.72 -27.17 -22.05
C PRO A 483 -4.83 -25.75 -22.57
N VAL A 484 -3.74 -25.00 -22.45
CA VAL A 484 -3.71 -23.56 -22.73
C VAL A 484 -3.08 -23.35 -24.09
N VAL A 485 -3.61 -22.38 -24.82
CA VAL A 485 -3.00 -21.92 -26.07
C VAL A 485 -2.45 -20.52 -25.86
N LYS A 486 -1.33 -20.23 -26.50
CA LYS A 486 -0.69 -18.92 -26.41
C LYS A 486 -1.12 -18.08 -27.61
N ALA A 487 -1.85 -17.01 -27.35
CA ALA A 487 -2.35 -16.16 -28.42
C ALA A 487 -1.20 -15.36 -29.04
N SER A 488 -1.15 -15.35 -30.36
CA SER A 488 -0.21 -14.51 -31.11
C SER A 488 -0.97 -13.85 -32.24
N VAL A 489 -1.00 -12.52 -32.24
CA VAL A 489 -1.75 -11.76 -33.21
C VAL A 489 -0.77 -11.00 -34.09
N GLN A 490 -1.04 -10.98 -35.39
CA GLN A 490 -0.20 -10.24 -36.32
C GLN A 490 -1.02 -9.86 -37.54
N LEU A 491 -1.06 -8.57 -37.85
CA LEU A 491 -1.79 -8.05 -39.00
C LEU A 491 -0.80 -7.40 -39.96
N LEU A 492 -0.77 -7.89 -41.19
CA LEU A 492 0.19 -7.45 -42.19
C LEU A 492 -0.53 -6.61 -43.25
N VAL A 493 -0.04 -5.40 -43.48
CA VAL A 493 -0.59 -4.50 -44.48
C VAL A 493 0.56 -3.88 -45.26
N GLN A 494 0.24 -3.39 -46.45
CA GLN A 494 1.24 -2.73 -47.28
C GLN A 494 1.70 -1.42 -46.65
N ASP A 495 2.90 -1.01 -47.01
CA ASP A 495 3.50 0.17 -46.38
C ASP A 495 2.74 1.45 -46.71
N SER A 496 2.20 1.57 -47.91
CA SER A 496 1.53 2.80 -48.31
C SER A 496 0.51 2.48 -49.38
N LEU A 497 -0.37 3.45 -49.65
CA LEU A 497 -1.46 3.30 -50.60
C LEU A 497 -1.27 4.30 -51.72
N ASN A 498 -1.19 3.80 -52.96
CA ASN A 498 -1.00 4.65 -54.13
C ASN A 498 -2.28 4.68 -54.95
N PRO A 499 -3.00 5.80 -54.99
CA PRO A 499 -4.21 5.87 -55.83
C PRO A 499 -3.92 5.66 -57.30
N ALA A 500 -2.75 6.10 -57.79
CA ALA A 500 -2.43 6.00 -59.20
C ALA A 500 -2.33 4.56 -59.67
N VAL A 501 -1.98 3.63 -58.79
CA VAL A 501 -1.86 2.22 -59.15
C VAL A 501 -3.23 1.58 -58.99
N LYS A 502 -3.91 1.35 -60.12
CA LYS A 502 -5.21 0.69 -60.14
C LYS A 502 -5.11 -0.48 -61.12
N SER A 503 -4.66 -1.62 -60.61
CA SER A 503 -4.53 -2.82 -61.43
C SER A 503 -5.69 -3.80 -61.23
N CYS A 504 -6.56 -3.55 -60.26
CA CYS A 504 -7.71 -4.40 -60.01
C CYS A 504 -8.99 -3.63 -60.30
N VAL A 505 -10.12 -4.32 -60.18
CA VAL A 505 -11.44 -3.72 -60.32
C VAL A 505 -12.33 -4.26 -59.21
N LEU A 506 -13.37 -3.49 -58.89
CA LEU A 506 -14.35 -3.94 -57.91
C LEU A 506 -15.30 -4.91 -58.59
N PRO A 507 -15.46 -6.13 -58.08
CA PRO A 507 -16.36 -7.09 -58.72
C PRO A 507 -17.78 -6.56 -58.79
N GLN A 508 -18.46 -6.88 -59.89
CA GLN A 508 -19.83 -6.48 -60.22
C GLN A 508 -19.95 -4.99 -60.51
N THR A 509 -18.87 -4.21 -60.35
CA THR A 509 -18.89 -2.79 -60.65
C THR A 509 -17.66 -2.40 -61.45
N LYS A 510 -17.44 -1.11 -61.64
CA LYS A 510 -16.29 -0.60 -62.36
C LYS A 510 -15.58 0.48 -61.56
N THR A 511 -15.60 0.38 -60.24
CA THR A 511 -15.05 1.42 -59.40
C THR A 511 -13.53 1.49 -59.56
N PRO A 512 -12.96 2.66 -59.79
CA PRO A 512 -11.50 2.79 -59.82
C PRO A 512 -10.91 2.50 -58.45
N VAL A 513 -10.20 1.39 -58.30
CA VAL A 513 -9.75 0.93 -56.99
C VAL A 513 -8.23 0.89 -56.99
N SER A 514 -7.64 1.48 -55.95
CA SER A 514 -6.21 1.32 -55.68
C SER A 514 -6.03 0.07 -54.84
N CYS A 515 -6.22 -1.07 -55.49
CA CYS A 515 -6.27 -2.35 -54.81
C CYS A 515 -4.93 -2.67 -54.16
N PHE A 516 -4.99 -3.34 -53.01
CA PHE A 516 -3.78 -3.73 -52.31
C PHE A 516 -4.11 -4.93 -51.42
N ASN A 517 -3.15 -5.85 -51.32
CA ASN A 517 -3.35 -7.09 -50.59
C ASN A 517 -3.03 -6.90 -49.11
N ILE A 518 -3.87 -7.50 -48.25
CA ILE A 518 -3.69 -7.46 -46.81
C ILE A 518 -3.62 -8.90 -46.32
N GLN A 519 -2.61 -9.21 -45.52
CA GLN A 519 -2.41 -10.55 -44.98
C GLN A 519 -2.58 -10.55 -43.47
N MET A 520 -3.11 -11.65 -42.94
CA MET A 520 -3.27 -11.85 -41.51
C MET A 520 -2.55 -13.12 -41.10
N CYS A 521 -2.00 -13.10 -39.89
CA CYS A 521 -1.26 -14.25 -39.38
C CYS A 521 -1.46 -14.33 -37.86
N VAL A 522 -2.07 -15.41 -37.40
CA VAL A 522 -2.28 -15.65 -35.98
C VAL A 522 -1.99 -17.11 -35.68
N GLY A 523 -1.16 -17.35 -34.68
CA GLY A 523 -0.83 -18.70 -34.27
C GLY A 523 -1.06 -18.88 -32.78
N ALA A 524 -1.28 -20.14 -32.40
CA ALA A 524 -1.47 -20.50 -31.01
C ALA A 524 -0.71 -21.79 -30.75
N THR A 525 0.26 -21.73 -29.84
CA THR A 525 1.03 -22.89 -29.43
C THR A 525 0.54 -23.38 -28.09
N GLY A 526 1.02 -24.54 -27.69
CA GLY A 526 0.66 -25.09 -26.40
C GLY A 526 0.98 -26.56 -26.33
N HIS A 527 0.86 -27.09 -25.11
CA HIS A 527 1.10 -28.49 -24.85
C HIS A 527 -0.21 -29.18 -24.51
N ASN A 528 -0.35 -30.42 -24.97
CA ASN A 528 -1.56 -31.21 -24.77
C ASN A 528 -2.79 -30.55 -25.38
N ILE A 529 -2.60 -29.73 -26.41
CA ILE A 529 -3.76 -29.07 -27.01
C ILE A 529 -4.69 -30.12 -27.60
N PRO A 530 -6.00 -29.97 -27.47
CA PRO A 530 -6.91 -31.00 -28.02
C PRO A 530 -6.73 -31.14 -29.51
N GLN A 531 -6.87 -32.39 -29.99
CA GLN A 531 -6.66 -32.68 -31.40
C GLN A 531 -7.71 -32.04 -32.29
N LYS A 532 -8.83 -31.60 -31.72
CA LYS A 532 -9.87 -30.88 -32.46
C LYS A 532 -9.97 -29.49 -31.85
N LEU A 533 -9.21 -28.55 -32.40
CA LEU A 533 -9.21 -27.17 -31.94
C LEU A 533 -9.28 -26.25 -33.15
N SER A 534 -10.20 -25.30 -33.12
CA SER A 534 -10.41 -24.38 -34.24
C SER A 534 -10.68 -22.98 -33.71
N LEU A 535 -10.35 -21.99 -34.54
CA LEU A 535 -10.53 -20.59 -34.21
C LEU A 535 -11.26 -19.88 -35.32
N ASN A 536 -11.91 -18.77 -34.96
CA ASN A 536 -12.64 -17.93 -35.89
C ASN A 536 -11.83 -16.66 -36.12
N ALA A 537 -11.16 -16.59 -37.27
CA ALA A 537 -10.26 -15.48 -37.59
C ALA A 537 -11.09 -14.38 -38.25
N GLU A 538 -11.37 -13.32 -37.51
CA GLU A 538 -12.18 -12.21 -37.99
C GLU A 538 -11.30 -11.01 -38.26
N LEU A 539 -11.39 -10.46 -39.47
CA LEU A 539 -10.66 -9.28 -39.87
C LEU A 539 -11.64 -8.21 -40.34
N GLN A 540 -11.38 -6.96 -39.95
CA GLN A 540 -12.23 -5.84 -40.30
C GLN A 540 -11.44 -4.79 -41.05
N LEU A 541 -12.03 -4.27 -42.13
CA LEU A 541 -11.37 -3.29 -42.98
C LEU A 541 -11.92 -1.92 -42.68
N ASP A 542 -11.02 -0.93 -42.70
CA ASP A 542 -11.38 0.50 -42.52
C ASP A 542 -11.87 0.70 -41.10
N ARG A 543 -11.34 -0.12 -40.20
CA ARG A 543 -11.80 -0.11 -38.79
C ARG A 543 -12.27 1.26 -38.29
N GLN A 544 -11.34 2.11 -37.87
CA GLN A 544 -11.75 3.38 -37.18
C GLN A 544 -12.76 4.21 -37.96
N LYS A 545 -13.36 3.72 -39.05
CA LYS A 545 -14.20 4.64 -39.80
C LYS A 545 -15.60 4.07 -39.99
N PRO A 546 -16.63 4.93 -40.03
CA PRO A 546 -18.01 4.44 -40.09
C PRO A 546 -18.39 3.88 -41.44
N ARG A 547 -19.67 3.53 -41.60
CA ARG A 547 -20.15 2.93 -42.85
C ARG A 547 -19.96 3.89 -44.02
N GLN A 548 -20.35 5.14 -43.86
CA GLN A 548 -20.20 6.10 -44.94
C GLN A 548 -18.85 6.80 -44.93
N GLY A 549 -17.98 6.47 -43.97
CA GLY A 549 -16.63 6.95 -43.95
C GLY A 549 -15.57 5.90 -44.24
N ARG A 550 -15.96 4.72 -44.71
CA ARG A 550 -14.99 3.68 -45.01
C ARG A 550 -14.19 4.03 -46.25
N ARG A 551 -12.92 3.64 -46.27
CA ARG A 551 -12.08 3.82 -47.45
C ARG A 551 -11.69 2.51 -48.11
N VAL A 552 -11.65 1.41 -47.37
CA VAL A 552 -11.24 0.11 -47.89
C VAL A 552 -12.29 -0.92 -47.52
N LEU A 553 -12.58 -1.82 -48.44
CA LEU A 553 -13.56 -2.87 -48.21
C LEU A 553 -13.11 -4.14 -48.89
N LEU A 554 -13.89 -5.20 -48.68
CA LEU A 554 -13.69 -6.43 -49.42
C LEU A 554 -14.11 -6.22 -50.87
N LEU A 555 -13.31 -6.75 -51.80
CA LEU A 555 -13.64 -6.60 -53.21
C LEU A 555 -14.96 -7.28 -53.54
N GLY A 556 -15.07 -8.56 -53.18
CA GLY A 556 -16.24 -9.34 -53.55
C GLY A 556 -17.50 -8.93 -52.82
N SER A 557 -17.54 -9.17 -51.51
CA SER A 557 -18.74 -8.92 -50.74
C SER A 557 -18.99 -7.44 -50.50
N GLN A 558 -17.98 -6.59 -50.71
CA GLN A 558 -18.09 -5.16 -50.45
C GLN A 558 -18.51 -4.88 -49.01
N GLN A 559 -18.00 -5.70 -48.10
CA GLN A 559 -18.35 -5.62 -46.70
C GLN A 559 -17.16 -5.12 -45.89
N ALA A 560 -17.46 -4.72 -44.65
CA ALA A 560 -16.41 -4.22 -43.77
C ALA A 560 -15.36 -5.29 -43.51
N GLY A 561 -15.79 -6.54 -43.31
CA GLY A 561 -14.86 -7.61 -43.06
C GLY A 561 -15.57 -8.95 -43.05
N THR A 562 -14.76 -10.00 -42.94
CA THR A 562 -15.26 -11.37 -42.89
C THR A 562 -14.45 -12.16 -41.88
N THR A 563 -14.99 -13.31 -41.49
CA THR A 563 -14.33 -14.22 -40.56
C THR A 563 -13.88 -15.47 -41.31
N LEU A 564 -12.64 -15.89 -41.07
CA LEU A 564 -12.08 -17.06 -41.71
C LEU A 564 -11.91 -18.18 -40.69
N ASN A 565 -12.10 -19.42 -41.15
CA ASN A 565 -11.97 -20.58 -40.29
C ASN A 565 -10.56 -21.13 -40.34
N LEU A 566 -10.04 -21.53 -39.18
CA LEU A 566 -8.70 -22.09 -39.07
C LEU A 566 -8.76 -23.39 -38.28
N ASP A 567 -8.01 -24.38 -38.73
CA ASP A 567 -7.91 -25.68 -38.06
C ASP A 567 -6.56 -25.76 -37.37
N LEU A 568 -6.56 -25.56 -36.05
CA LEU A 568 -5.34 -25.58 -35.26
C LEU A 568 -5.24 -26.81 -34.37
N GLY A 569 -6.12 -27.79 -34.56
CA GLY A 569 -6.06 -29.00 -33.74
C GLY A 569 -4.78 -29.79 -33.97
N GLY A 570 -3.89 -29.76 -32.98
CA GLY A 570 -2.65 -30.50 -33.06
C GLY A 570 -1.55 -29.87 -33.86
N LYS A 571 -1.76 -28.67 -34.40
CA LYS A 571 -0.74 -27.97 -35.18
C LYS A 571 -0.44 -26.64 -34.50
N HIS A 572 0.84 -26.38 -34.24
CA HIS A 572 1.26 -25.17 -33.57
C HIS A 572 1.69 -24.06 -34.51
N SER A 573 2.08 -24.38 -35.74
CA SER A 573 2.49 -23.35 -36.68
C SER A 573 1.28 -22.51 -37.09
N PRO A 574 1.46 -21.20 -37.30
CA PRO A 574 0.32 -20.34 -37.60
C PRO A 574 -0.19 -20.54 -39.02
N ILE A 575 -1.41 -20.05 -39.24
CA ILE A 575 -2.04 -20.05 -40.55
C ILE A 575 -2.15 -18.61 -41.03
N CYS A 576 -1.62 -18.35 -42.22
CA CYS A 576 -1.63 -17.01 -42.80
C CYS A 576 -2.55 -16.99 -44.01
N HIS A 577 -3.48 -16.03 -44.03
CA HIS A 577 -4.37 -15.83 -45.15
C HIS A 577 -4.36 -14.37 -45.56
N THR A 578 -4.37 -14.13 -46.87
CA THR A 578 -4.29 -12.80 -47.44
C THR A 578 -5.64 -12.42 -48.03
N THR A 579 -6.13 -11.24 -47.67
CA THR A 579 -7.36 -10.71 -48.24
C THR A 579 -7.04 -9.63 -49.27
N MET A 580 -7.99 -9.42 -50.18
CA MET A 580 -7.81 -8.54 -51.33
C MET A 580 -8.62 -7.27 -51.08
N ALA A 581 -7.93 -6.18 -50.78
CA ALA A 581 -8.56 -4.93 -50.36
C ALA A 581 -8.40 -3.85 -51.41
N PHE A 582 -9.41 -2.99 -51.51
CA PHE A 582 -9.43 -1.96 -52.54
C PHE A 582 -9.67 -0.59 -51.90
N LEU A 583 -9.44 0.44 -52.71
CA LEU A 583 -9.71 1.81 -52.33
C LEU A 583 -10.98 2.30 -53.02
N ARG A 584 -11.80 3.06 -52.30
CA ARG A 584 -13.06 3.54 -52.83
C ARG A 584 -12.82 4.71 -53.78
N ASP A 585 -13.90 5.20 -54.39
CA ASP A 585 -13.78 6.30 -55.34
C ASP A 585 -13.46 7.60 -54.62
N GLU A 586 -12.83 8.52 -55.36
CA GLU A 586 -12.48 9.82 -54.80
C GLU A 586 -13.72 10.62 -54.43
N ALA A 587 -14.73 10.62 -55.29
CA ALA A 587 -15.95 11.37 -55.02
C ALA A 587 -16.81 10.73 -53.94
N ASP A 588 -16.53 9.48 -53.58
CA ASP A 588 -17.33 8.80 -52.57
C ASP A 588 -17.18 9.48 -51.20
N PHE A 589 -15.97 9.88 -50.86
CA PHE A 589 -15.69 10.50 -49.57
C PHE A 589 -14.71 11.65 -49.77
N ARG A 590 -14.82 12.66 -48.91
CA ARG A 590 -14.03 13.87 -49.06
C ARG A 590 -12.71 13.80 -48.29
N ASP A 591 -12.70 13.19 -47.11
CA ASP A 591 -11.52 13.17 -46.26
C ASP A 591 -10.44 12.32 -46.91
N LYS A 592 -9.34 12.95 -47.30
CA LYS A 592 -8.18 12.26 -47.84
C LYS A 592 -6.94 12.40 -46.99
N LEU A 593 -6.99 13.19 -45.91
CA LEU A 593 -5.84 13.42 -45.05
C LEU A 593 -5.90 12.67 -43.73
N SER A 594 -7.09 12.30 -43.28
CA SER A 594 -7.21 11.55 -42.04
C SER A 594 -6.58 10.17 -42.18
N PRO A 595 -5.84 9.69 -41.19
CA PRO A 595 -5.19 8.38 -41.30
C PRO A 595 -6.21 7.25 -41.25
N ILE A 596 -5.80 6.11 -41.80
CA ILE A 596 -6.62 4.89 -41.82
C ILE A 596 -6.11 3.96 -40.73
N VAL A 597 -6.99 3.61 -39.80
CA VAL A 597 -6.65 2.82 -38.63
C VAL A 597 -7.36 1.47 -38.71
N LEU A 598 -6.61 0.39 -38.49
CA LEU A 598 -7.14 -0.96 -38.54
C LEU A 598 -6.93 -1.65 -37.18
N SER A 599 -7.93 -2.40 -36.75
CA SER A 599 -7.87 -3.14 -35.49
C SER A 599 -8.15 -4.61 -35.75
N LEU A 600 -7.49 -5.47 -34.98
CA LEU A 600 -7.60 -6.91 -35.13
C LEU A 600 -8.01 -7.55 -33.81
N ASN A 601 -8.87 -8.56 -33.92
CA ASN A 601 -9.21 -9.29 -32.68
C ASN A 601 -9.24 -10.78 -32.98
N VAL A 602 -8.89 -11.56 -31.98
CA VAL A 602 -8.86 -13.01 -32.04
C VAL A 602 -9.57 -13.53 -30.79
N SER A 603 -10.58 -14.37 -30.98
CA SER A 603 -11.30 -14.93 -29.86
C SER A 603 -11.72 -16.36 -30.20
N LEU A 604 -11.84 -17.17 -29.17
CA LEU A 604 -12.21 -18.56 -29.35
C LEU A 604 -13.65 -18.66 -29.82
N PRO A 605 -14.01 -19.74 -30.52
CA PRO A 605 -15.39 -19.95 -30.92
C PRO A 605 -16.31 -19.99 -29.72
N PRO A 606 -17.63 -19.88 -29.93
CA PRO A 606 -18.55 -19.79 -28.78
C PRO A 606 -18.47 -21.02 -27.91
N THR A 607 -18.78 -20.82 -26.62
CA THR A 607 -18.66 -21.88 -25.63
C THR A 607 -19.51 -23.08 -25.99
N GLU A 608 -18.96 -24.27 -25.78
CA GLU A 608 -19.65 -25.51 -26.07
C GLU A 608 -20.75 -25.76 -25.04
N ALA A 609 -21.63 -26.72 -25.36
CA ALA A 609 -22.67 -27.11 -24.43
C ALA A 609 -22.06 -27.64 -23.14
N GLY A 610 -22.69 -27.30 -22.01
CA GLY A 610 -22.14 -27.65 -20.72
C GLY A 610 -21.05 -26.74 -20.24
N MET A 611 -20.83 -25.61 -20.91
CA MET A 611 -19.78 -24.64 -20.57
C MET A 611 -18.44 -25.37 -20.63
N ALA A 612 -17.54 -25.12 -19.68
CA ALA A 612 -16.22 -25.73 -19.65
C ALA A 612 -15.50 -25.55 -20.98
N PRO A 613 -15.06 -24.34 -21.31
CA PRO A 613 -14.38 -24.12 -22.58
C PRO A 613 -13.18 -25.04 -22.72
N ALA A 614 -13.02 -25.63 -23.91
CA ALA A 614 -12.00 -26.66 -24.11
C ALA A 614 -10.61 -26.14 -23.79
N VAL A 615 -10.34 -24.88 -24.10
CA VAL A 615 -9.09 -24.22 -23.77
C VAL A 615 -9.41 -22.89 -23.11
N VAL A 616 -8.39 -22.25 -22.57
CA VAL A 616 -8.50 -20.91 -22.00
C VAL A 616 -7.51 -20.00 -22.71
N LEU A 617 -8.00 -18.88 -23.23
CA LEU A 617 -7.21 -18.01 -24.11
C LEU A 617 -6.56 -16.90 -23.30
N HIS A 618 -5.26 -16.71 -23.50
N HIS A 618 -5.25 -16.72 -23.49
CA HIS A 618 -4.54 -15.65 -22.80
CA HIS A 618 -4.48 -15.71 -22.78
C HIS A 618 -3.31 -15.25 -23.59
C HIS A 618 -3.40 -15.16 -23.70
N GLY A 619 -2.78 -14.08 -23.26
CA GLY A 619 -1.71 -13.46 -24.00
C GLY A 619 -2.19 -12.13 -24.56
N ASP A 620 -1.65 -11.74 -25.70
CA ASP A 620 -2.17 -10.57 -26.40
C ASP A 620 -3.46 -10.92 -27.14
N THR A 621 -4.42 -10.00 -27.12
CA THR A 621 -5.72 -10.26 -27.70
C THR A 621 -6.08 -9.23 -28.75
N HIS A 622 -5.65 -7.99 -28.54
CA HIS A 622 -6.00 -6.88 -29.43
C HIS A 622 -4.73 -6.22 -29.93
N VAL A 623 -4.67 -6.00 -31.25
CA VAL A 623 -3.55 -5.33 -31.89
C VAL A 623 -4.11 -4.35 -32.91
N GLN A 624 -3.49 -3.17 -33.01
CA GLN A 624 -3.94 -2.13 -33.91
C GLN A 624 -2.79 -1.71 -34.82
N GLU A 625 -3.07 -1.65 -36.13
CA GLU A 625 -2.12 -1.19 -37.13
C GLU A 625 -2.80 -0.15 -38.01
N GLN A 626 -2.00 0.73 -38.60
CA GLN A 626 -2.53 1.80 -39.42
C GLN A 626 -1.63 2.05 -40.62
N THR A 627 -2.25 2.47 -41.72
CA THR A 627 -1.53 2.87 -42.92
C THR A 627 -2.25 4.09 -43.51
N ARG A 628 -1.64 4.66 -44.54
CA ARG A 628 -2.19 5.84 -45.19
C ARG A 628 -1.92 5.77 -46.68
N ILE A 629 -2.47 6.73 -47.39
CA ILE A 629 -2.33 6.85 -48.84
C ILE A 629 -1.08 7.67 -49.14
N VAL A 630 -0.38 7.30 -50.22
CA VAL A 630 0.79 8.06 -50.65
C VAL A 630 0.37 9.51 -50.90
N LEU A 631 0.96 10.42 -50.14
CA LEU A 631 0.62 11.84 -50.24
C LEU A 631 1.80 12.68 -49.78
N ASP A 632 1.94 13.86 -50.40
CA ASP A 632 2.92 14.86 -50.00
C ASP A 632 4.35 14.36 -50.15
N CYS A 633 4.64 13.69 -51.27
CA CYS A 633 5.99 13.31 -51.65
C CYS A 633 6.52 14.12 -52.83
N GLY A 634 5.80 15.17 -53.23
CA GLY A 634 6.21 15.97 -54.37
C GLY A 634 5.47 15.61 -55.64
N GLU A 635 6.19 15.60 -56.76
CA GLU A 635 5.60 15.30 -58.06
C GLU A 635 6.40 14.26 -58.84
N ASP A 636 7.37 13.60 -58.20
CA ASP A 636 8.22 12.63 -58.87
C ASP A 636 7.77 11.20 -58.65
N ASP A 637 6.80 10.97 -57.76
CA ASP A 637 6.22 9.66 -57.42
C ASP A 637 7.23 8.74 -56.74
N VAL A 638 8.48 9.18 -56.56
CA VAL A 638 9.48 8.38 -55.87
C VAL A 638 9.68 8.98 -54.48
N CYS A 639 8.98 8.44 -53.49
CA CYS A 639 8.95 9.01 -52.15
C CYS A 639 10.08 8.40 -51.33
N VAL A 640 11.24 9.05 -51.35
CA VAL A 640 12.39 8.65 -50.57
C VAL A 640 12.72 9.76 -49.58
N PRO A 641 12.29 9.62 -48.33
CA PRO A 641 12.56 10.68 -47.34
C PRO A 641 14.04 10.78 -47.02
N GLN A 642 14.46 11.99 -46.66
CA GLN A 642 15.80 12.25 -46.16
C GLN A 642 15.66 13.04 -44.87
N LEU A 643 15.49 12.33 -43.75
CA LEU A 643 15.32 12.96 -42.46
C LEU A 643 16.67 13.35 -41.88
N GLN A 644 16.78 14.58 -41.40
CA GLN A 644 18.01 15.11 -40.85
C GLN A 644 17.80 15.43 -39.38
N LEU A 645 18.73 14.97 -38.53
CA LEU A 645 18.64 15.16 -37.09
C LEU A 645 19.96 15.72 -36.58
N THR A 646 19.87 16.73 -35.72
CA THR A 646 21.02 17.29 -35.03
C THR A 646 20.79 17.17 -33.54
N ALA A 647 21.84 16.81 -32.81
CA ALA A 647 21.73 16.52 -31.39
C ALA A 647 22.83 17.24 -30.62
N SER A 648 22.55 17.51 -29.33
CA SER A 648 23.51 18.18 -28.47
C SER A 648 23.33 17.67 -27.04
N VAL A 649 24.37 17.85 -26.24
CA VAL A 649 24.42 17.36 -24.87
C VAL A 649 24.57 18.55 -23.94
N THR A 650 23.71 18.63 -22.93
CA THR A 650 23.79 19.64 -21.90
C THR A 650 23.97 18.97 -20.54
N GLY A 651 24.68 19.65 -19.65
CA GLY A 651 24.96 19.11 -18.33
C GLY A 651 25.80 17.85 -18.36
N SER A 652 26.96 17.93 -19.03
CA SER A 652 27.83 16.76 -19.17
C SER A 652 28.20 16.11 -17.84
N PRO A 653 28.63 16.87 -16.80
CA PRO A 653 28.90 16.20 -15.51
C PRO A 653 27.61 15.71 -14.86
N LEU A 654 27.41 14.40 -14.86
CA LEU A 654 26.19 13.80 -14.34
C LEU A 654 26.43 13.32 -12.92
N LEU A 655 25.82 14.01 -11.95
CA LEU A 655 25.85 13.57 -10.57
C LEU A 655 24.91 12.39 -10.41
N VAL A 656 25.44 11.26 -9.95
CA VAL A 656 24.66 10.03 -9.92
C VAL A 656 23.52 10.16 -8.92
N GLY A 657 22.28 10.02 -9.39
CA GLY A 657 21.12 10.11 -8.54
C GLY A 657 20.91 11.48 -7.93
N ALA A 658 21.00 12.52 -8.74
CA ALA A 658 20.85 13.90 -8.28
C ALA A 658 19.54 14.49 -8.82
N ASP A 659 19.33 15.77 -8.51
CA ASP A 659 18.19 16.51 -9.05
C ASP A 659 18.56 17.10 -10.41
N ASN A 660 19.02 16.23 -11.30
CA ASN A 660 19.49 16.66 -12.61
C ASN A 660 18.32 17.12 -13.46
N VAL A 661 18.45 18.30 -14.05
CA VAL A 661 17.46 18.86 -14.97
C VAL A 661 18.14 18.95 -16.32
N LEU A 662 17.90 17.99 -17.19
CA LEU A 662 18.52 17.93 -18.51
C LEU A 662 17.45 18.13 -19.56
N GLU A 663 17.65 19.12 -20.43
CA GLU A 663 16.74 19.42 -21.53
C GLU A 663 17.50 19.17 -22.82
N LEU A 664 17.44 17.93 -23.31
CA LEU A 664 18.09 17.59 -24.56
C LEU A 664 17.27 18.14 -25.72
N GLN A 665 17.91 18.93 -26.56
CA GLN A 665 17.25 19.58 -27.69
C GLN A 665 17.78 18.97 -28.98
N MET A 666 16.86 18.48 -29.82
CA MET A 666 17.21 18.00 -31.14
C MET A 666 16.19 18.53 -32.15
N ASP A 667 16.65 18.67 -33.39
CA ASP A 667 15.82 19.20 -34.46
C ASP A 667 15.73 18.17 -35.57
N ALA A 668 14.50 17.85 -35.98
CA ALA A 668 14.24 16.87 -37.02
C ALA A 668 13.77 17.60 -38.27
N ALA A 669 14.48 17.41 -39.38
CA ALA A 669 14.13 18.02 -40.65
C ALA A 669 14.18 16.97 -41.75
N ASN A 670 13.30 17.13 -42.73
CA ASN A 670 13.18 16.18 -43.84
C ASN A 670 13.60 16.92 -45.12
N GLU A 671 14.91 16.85 -45.42
CA GLU A 671 15.41 17.47 -46.64
C GLU A 671 15.05 16.69 -47.89
N GLY A 672 14.50 15.48 -47.75
CA GLY A 672 14.11 14.69 -48.89
C GLY A 672 12.64 14.82 -49.22
N GLU A 673 11.90 13.72 -49.10
CA GLU A 673 10.48 13.68 -49.41
C GLU A 673 9.71 13.14 -48.21
N GLY A 674 8.40 12.98 -48.39
CA GLY A 674 7.50 12.64 -47.30
C GLY A 674 7.85 11.36 -46.56
N ALA A 675 7.95 11.46 -45.24
CA ALA A 675 8.17 10.31 -44.38
C ALA A 675 6.91 10.05 -43.57
N TYR A 676 6.44 8.81 -43.59
CA TYR A 676 5.16 8.45 -42.98
C TYR A 676 5.39 7.88 -41.60
N GLU A 677 4.70 8.45 -40.62
CA GLU A 677 4.79 8.02 -39.21
C GLU A 677 6.23 8.03 -38.72
N ALA A 678 6.98 9.06 -39.10
CA ALA A 678 8.37 9.18 -38.67
C ALA A 678 8.38 9.79 -37.27
N GLU A 679 8.80 9.01 -36.28
CA GLU A 679 8.90 9.46 -34.91
C GLU A 679 10.24 9.04 -34.32
N LEU A 680 10.72 9.82 -33.37
CA LEU A 680 12.01 9.58 -32.73
C LEU A 680 11.87 8.54 -31.63
N ALA A 681 12.76 7.55 -31.64
CA ALA A 681 12.84 6.55 -30.59
C ALA A 681 14.15 6.74 -29.84
N VAL A 682 14.05 6.95 -28.53
CA VAL A 682 15.21 7.19 -27.68
C VAL A 682 15.21 6.16 -26.56
N HIS A 683 16.35 5.51 -26.34
CA HIS A 683 16.50 4.51 -25.31
C HIS A 683 16.99 5.18 -24.03
N LEU A 684 16.18 5.15 -22.98
CA LEU A 684 16.48 5.78 -21.71
C LEU A 684 16.91 4.74 -20.69
N PRO A 685 17.76 5.11 -19.74
CA PRO A 685 18.12 4.17 -18.66
C PRO A 685 16.94 3.94 -17.73
N GLN A 686 17.14 2.99 -16.80
CA GLN A 686 16.07 2.61 -15.89
C GLN A 686 15.67 3.76 -14.98
N GLY A 687 16.65 4.52 -14.49
CA GLY A 687 16.37 5.61 -13.56
C GLY A 687 15.80 6.87 -14.17
N ALA A 688 15.78 6.97 -15.49
CA ALA A 688 15.26 8.16 -16.15
C ALA A 688 13.75 8.21 -16.06
N HIS A 689 13.23 9.42 -15.88
CA HIS A 689 11.78 9.65 -15.84
C HIS A 689 11.44 10.85 -16.70
N TYR A 690 10.27 10.80 -17.32
CA TYR A 690 9.81 11.86 -18.22
C TYR A 690 8.96 12.85 -17.43
N MET A 691 9.38 14.11 -17.45
CA MET A 691 8.63 15.17 -16.75
C MET A 691 7.80 16.00 -17.72
N ARG A 692 8.08 15.95 -18.95
CA ARG A 692 7.15 16.81 -19.70
C ARG A 692 7.87 17.49 -20.76
N ALA A 693 7.11 18.17 -21.57
CA ALA A 693 7.94 18.94 -22.42
C ALA A 693 7.27 19.38 -23.60
N LEU A 694 7.80 20.44 -24.01
CA LEU A 694 7.32 20.89 -25.30
C LEU A 694 8.21 20.23 -26.37
N SER A 695 8.57 20.92 -27.50
CA SER A 695 9.37 20.34 -28.60
C SER A 695 9.00 21.15 -29.86
N ASN A 696 9.07 20.74 -31.17
CA ASN A 696 8.75 21.74 -32.23
C ASN A 696 7.33 21.56 -32.27
N VAL A 697 7.00 21.25 -31.09
CA VAL A 697 5.66 21.37 -30.66
C VAL A 697 5.19 22.71 -31.16
N GLU A 698 4.05 23.11 -30.70
CA GLU A 698 3.27 24.23 -31.23
C GLU A 698 2.05 23.34 -31.37
N GLY A 699 2.23 22.15 -30.84
CA GLY A 699 1.14 21.23 -30.62
C GLY A 699 1.29 20.85 -29.13
N PHE A 700 2.50 20.93 -28.51
CA PHE A 700 2.49 20.62 -27.03
C PHE A 700 3.61 21.19 -26.07
N GLU A 701 3.93 20.60 -24.86
CA GLU A 701 4.89 21.07 -23.80
C GLU A 701 4.76 20.13 -22.57
N ARG A 702 3.65 19.39 -22.43
CA ARG A 702 3.49 18.34 -21.41
C ARG A 702 3.07 17.00 -22.12
N LEU A 703 3.92 16.10 -22.60
CA LEU A 703 3.42 14.90 -23.34
C LEU A 703 4.56 14.09 -23.96
N ILE A 704 5.63 14.76 -24.39
CA ILE A 704 6.76 14.05 -25.06
C ILE A 704 6.74 12.59 -24.60
N CYS A 705 6.20 11.71 -25.46
CA CYS A 705 6.09 10.26 -25.14
C CYS A 705 7.46 9.60 -25.30
N ASN A 706 7.53 8.28 -25.10
CA ASN A 706 8.80 7.53 -25.30
C ASN A 706 8.48 6.11 -25.78
N GLN A 707 9.22 5.69 -26.83
CA GLN A 707 9.12 4.30 -27.34
C GLN A 707 9.97 3.39 -26.44
N LYS A 708 10.43 2.25 -26.99
CA LYS A 708 11.29 1.34 -26.21
C LYS A 708 10.57 0.98 -24.89
N LYS A 709 9.23 0.87 -24.95
CA LYS A 709 8.45 0.59 -23.72
C LYS A 709 8.30 -0.92 -23.53
N GLU A 710 8.99 -1.49 -22.53
CA GLU A 710 8.88 -2.94 -22.23
C GLU A 710 9.10 -3.73 -23.53
N ASN A 711 8.27 -4.75 -23.77
CA ASN A 711 8.41 -5.59 -24.98
C ASN A 711 7.95 -4.80 -26.21
N GLU A 712 8.58 -5.03 -27.36
CA GLU A 712 8.17 -4.34 -28.62
C GLU A 712 7.73 -2.90 -28.31
N THR A 713 6.57 -2.49 -28.82
CA THR A 713 6.05 -1.12 -28.57
C THR A 713 7.13 -0.11 -28.99
N ARG A 714 7.95 -0.46 -29.98
CA ARG A 714 9.00 0.47 -30.47
C ARG A 714 8.32 1.57 -31.30
N VAL A 715 7.21 2.11 -30.80
CA VAL A 715 6.56 3.26 -31.50
C VAL A 715 5.71 4.01 -30.46
N VAL A 716 5.69 3.52 -29.21
CA VAL A 716 4.82 4.16 -28.18
C VAL A 716 5.05 5.66 -28.20
N LEU A 717 6.14 6.11 -28.83
CA LEU A 717 6.45 7.57 -28.76
C LEU A 717 5.44 8.35 -29.61
N CYS A 718 5.52 9.69 -29.56
CA CYS A 718 4.56 10.57 -30.29
C CYS A 718 4.80 10.48 -31.81
N GLU A 719 3.88 11.00 -32.63
CA GLU A 719 3.97 10.85 -34.11
C GLU A 719 4.24 12.18 -34.82
N LEU A 720 4.40 12.14 -36.15
CA LEU A 720 4.71 13.26 -36.91
C LEU A 720 4.77 12.69 -38.22
N GLY A 721 5.22 11.49 -38.16
CA GLY A 721 5.27 10.75 -39.40
C GLY A 721 4.02 10.90 -40.11
N ASN A 722 3.17 11.73 -39.60
CA ASN A 722 1.80 11.90 -40.01
C ASN A 722 1.57 13.10 -40.98
N PRO A 723 1.86 12.96 -42.29
CA PRO A 723 3.28 12.58 -42.24
C PRO A 723 4.19 13.79 -42.08
N MET A 724 5.50 13.63 -42.18
CA MET A 724 6.39 14.78 -42.20
C MET A 724 6.27 15.50 -43.53
N LYS A 725 5.84 16.77 -43.48
CA LYS A 725 5.81 17.57 -44.70
C LYS A 725 7.22 17.88 -45.16
N LYS A 726 7.37 18.10 -46.47
CA LYS A 726 8.67 18.40 -47.02
C LYS A 726 9.16 19.75 -46.51
N ASN A 727 10.44 19.81 -46.14
CA ASN A 727 11.11 20.97 -45.58
C ASN A 727 10.55 21.39 -44.23
N ALA A 728 9.70 20.57 -43.62
CA ALA A 728 9.24 20.86 -42.27
C ALA A 728 10.39 20.68 -41.28
N GLN A 729 10.44 21.59 -40.31
CA GLN A 729 11.51 21.60 -39.31
C GLN A 729 10.89 21.73 -37.94
N ILE A 730 10.90 20.66 -37.17
CA ILE A 730 10.34 20.63 -35.82
C ILE A 730 11.44 20.24 -34.85
N GLY A 731 11.67 21.08 -33.86
CA GLY A 731 12.62 20.80 -32.79
C GLY A 731 11.87 20.50 -31.50
N ILE A 732 12.31 19.45 -30.82
CA ILE A 732 11.63 18.96 -29.62
C ILE A 732 12.55 19.19 -28.42
N ALA A 733 11.98 19.73 -27.35
CA ALA A 733 12.68 19.89 -26.08
C ALA A 733 11.96 19.05 -25.03
N MET A 734 12.71 18.18 -24.35
CA MET A 734 12.15 17.29 -23.35
C MET A 734 13.08 17.25 -22.14
N LEU A 735 12.49 17.06 -20.96
CA LEU A 735 13.23 17.12 -19.71
C LEU A 735 13.68 15.73 -19.27
N VAL A 736 14.95 15.61 -18.90
CA VAL A 736 15.52 14.38 -18.39
C VAL A 736 15.79 14.56 -16.90
N SER A 737 15.14 13.74 -16.08
CA SER A 737 15.33 13.74 -14.63
C SER A 737 16.05 12.46 -14.26
N VAL A 738 17.32 12.57 -13.91
CA VAL A 738 18.14 11.42 -13.57
C VAL A 738 17.78 10.99 -12.15
N GLY A 739 17.08 9.87 -12.01
CA GLY A 739 16.66 9.39 -10.72
C GLY A 739 17.73 8.58 -10.02
N ASN A 740 17.32 7.88 -8.97
CA ASN A 740 18.23 7.06 -8.17
C ASN A 740 18.61 5.83 -8.98
N LEU A 741 19.81 5.86 -9.57
CA LEU A 741 20.35 4.75 -10.35
C LEU A 741 21.81 4.55 -9.91
N GLU A 742 22.00 3.72 -8.88
CA GLU A 742 23.34 3.39 -8.41
C GLU A 742 23.96 2.24 -9.18
N GLU A 743 23.21 1.58 -10.06
CA GLU A 743 23.69 0.46 -10.84
C GLU A 743 23.81 0.81 -12.33
N ALA A 744 23.91 2.10 -12.65
CA ALA A 744 24.03 2.50 -14.05
C ALA A 744 25.39 2.14 -14.63
N GLY A 745 26.43 2.10 -13.80
CA GLY A 745 27.76 1.81 -14.26
C GLY A 745 28.62 3.05 -14.39
N GLU A 746 29.71 2.90 -15.14
CA GLU A 746 30.64 4.01 -15.34
C GLU A 746 30.06 5.07 -16.27
N SER A 747 29.11 4.70 -17.12
CA SER A 747 28.49 5.65 -18.03
C SER A 747 27.21 5.04 -18.60
N VAL A 748 26.39 5.90 -19.19
CA VAL A 748 25.17 5.48 -19.88
C VAL A 748 25.20 6.06 -21.29
N SER A 749 24.56 5.35 -22.22
CA SER A 749 24.53 5.72 -23.62
C SER A 749 23.09 5.96 -24.05
N PHE A 750 22.86 7.07 -24.75
CA PHE A 750 21.55 7.41 -25.28
C PHE A 750 21.58 7.24 -26.80
N GLN A 751 20.61 6.50 -27.32
CA GLN A 751 20.52 6.17 -28.73
C GLN A 751 19.26 6.80 -29.30
N LEU A 752 19.43 7.56 -30.40
CA LEU A 752 18.34 8.29 -31.02
C LEU A 752 18.27 7.92 -32.49
N GLN A 753 17.08 7.56 -32.96
CA GLN A 753 16.86 7.32 -34.38
C GLN A 753 15.39 7.47 -34.69
N ILE A 754 15.08 8.14 -35.78
CA ILE A 754 13.71 8.39 -36.19
C ILE A 754 13.17 7.14 -36.88
N ARG A 755 12.04 6.63 -36.40
CA ARG A 755 11.44 5.42 -36.93
C ARG A 755 10.19 5.78 -37.71
N SER A 756 10.11 5.30 -38.95
CA SER A 756 9.00 5.58 -39.85
C SER A 756 8.43 4.29 -40.40
N LYS A 757 7.26 4.39 -41.01
CA LYS A 757 6.59 3.25 -41.61
C LYS A 757 7.11 2.91 -42.99
N ASN A 758 8.08 3.68 -43.51
CA ASN A 758 8.61 3.41 -44.83
C ASN A 758 9.40 2.10 -44.84
N SER A 759 9.57 1.53 -46.03
CA SER A 759 10.33 0.30 -46.22
C SER A 759 11.76 0.59 -46.66
N GLN A 760 11.92 1.35 -47.75
CA GLN A 760 13.24 1.75 -48.21
C GLN A 760 13.64 3.02 -47.47
N ASN A 761 14.82 2.99 -46.86
CA ASN A 761 15.28 4.04 -45.95
C ASN A 761 14.22 4.33 -44.88
N PRO A 762 13.82 3.33 -44.09
CA PRO A 762 12.80 3.59 -43.07
C PRO A 762 13.24 4.57 -42.02
N ASN A 763 14.52 4.61 -41.71
CA ASN A 763 15.05 5.46 -40.65
C ASN A 763 16.23 6.27 -41.20
N SER A 764 16.48 7.40 -40.52
CA SER A 764 17.59 8.26 -40.88
C SER A 764 18.90 7.68 -40.35
N LYS A 765 19.96 8.47 -40.42
CA LYS A 765 21.24 8.03 -39.87
C LYS A 765 21.15 7.90 -38.35
N ILE A 766 21.75 6.85 -37.82
CA ILE A 766 21.69 6.60 -36.38
C ILE A 766 22.46 7.70 -35.64
N VAL A 767 21.82 8.29 -34.65
CA VAL A 767 22.43 9.31 -33.81
C VAL A 767 22.71 8.66 -32.46
N LEU A 768 23.98 8.50 -32.14
CA LEU A 768 24.41 7.91 -30.87
C LEU A 768 25.04 9.00 -30.02
N LEU A 769 24.54 9.13 -28.79
CA LEU A 769 25.03 10.14 -27.86
C LEU A 769 25.54 9.43 -26.61
N ASP A 770 26.86 9.31 -26.51
CA ASP A 770 27.50 8.71 -25.35
C ASP A 770 27.72 9.82 -24.33
N VAL A 771 26.64 10.21 -23.65
CA VAL A 771 26.74 11.25 -22.63
C VAL A 771 27.49 10.65 -21.46
N PRO A 772 28.66 11.18 -21.13
CA PRO A 772 29.46 10.56 -20.06
C PRO A 772 28.82 10.74 -18.70
N VAL A 773 28.98 9.75 -17.84
CA VAL A 773 28.66 9.89 -16.43
C VAL A 773 29.99 9.81 -15.70
N ARG A 774 30.63 10.95 -15.53
CA ARG A 774 31.82 11.07 -14.71
C ARG A 774 31.45 11.88 -13.48
N ALA A 775 31.41 11.20 -12.34
CA ALA A 775 30.70 11.71 -11.17
C ALA A 775 31.67 12.41 -10.25
N GLU A 776 31.42 13.69 -10.01
CA GLU A 776 32.14 14.47 -9.03
C GLU A 776 31.15 14.89 -7.96
N ALA A 777 31.36 14.41 -6.73
CA ALA A 777 30.45 14.69 -5.64
C ALA A 777 30.82 16.01 -4.99
N GLN A 778 29.80 16.78 -4.63
CA GLN A 778 29.99 18.07 -3.99
C GLN A 778 29.87 17.88 -2.49
N VAL A 779 30.98 18.07 -1.78
CA VAL A 779 31.05 17.98 -0.33
C VAL A 779 31.31 19.38 0.20
N GLU A 780 30.43 19.86 1.07
CA GLU A 780 30.52 21.21 1.62
C GLU A 780 30.97 21.14 3.07
N LEU A 781 31.99 21.92 3.39
CA LEU A 781 32.55 21.97 4.74
C LEU A 781 32.03 23.22 5.45
N ARG A 782 31.47 23.02 6.64
CA ARG A 782 30.89 24.10 7.41
C ARG A 782 31.41 24.05 8.84
N GLY A 783 31.49 25.23 9.48
CA GLY A 783 31.98 25.31 10.84
C GLY A 783 31.62 26.63 11.52
N ASN A 784 31.34 26.56 12.82
CA ASN A 784 30.98 27.75 13.58
C ASN A 784 31.20 27.46 15.06
N SER A 785 31.17 28.53 15.85
CA SER A 785 31.40 28.47 17.29
C SER A 785 30.10 28.70 18.06
N PHE A 786 29.94 27.99 19.16
CA PHE A 786 28.75 28.11 20.01
C PHE A 786 29.17 28.34 21.45
N PRO A 787 28.90 29.52 22.03
CA PRO A 787 28.30 30.69 21.40
C PRO A 787 29.33 31.51 20.63
N ALA A 788 28.90 32.31 19.66
CA ALA A 788 29.85 33.17 18.96
C ALA A 788 30.34 34.30 19.87
N SER A 789 29.41 35.05 20.44
CA SER A 789 29.73 36.12 21.37
C SER A 789 29.79 35.58 22.79
N LEU A 790 30.38 36.37 23.68
CA LEU A 790 30.53 36.00 25.08
C LEU A 790 30.34 37.25 25.93
N VAL A 791 29.29 37.25 26.76
CA VAL A 791 29.00 38.38 27.64
C VAL A 791 29.35 37.99 29.07
N VAL A 792 29.46 39.00 29.93
CA VAL A 792 29.82 38.82 31.33
C VAL A 792 28.62 39.19 32.18
N ALA A 793 28.21 38.27 33.05
CA ALA A 793 27.07 38.49 33.93
C ALA A 793 27.52 39.19 35.21
N ALA A 794 26.57 39.42 36.11
CA ALA A 794 26.86 40.07 37.38
C ALA A 794 26.80 39.07 38.53
N SER A 806 33.76 26.66 40.24
CA SER A 806 34.93 27.38 39.75
C SER A 806 35.08 27.18 38.24
N TRP A 807 34.53 26.08 37.73
CA TRP A 807 34.62 25.77 36.31
C TRP A 807 33.58 26.59 35.54
N GLY A 808 34.00 27.18 34.43
CA GLY A 808 33.12 27.98 33.61
C GLY A 808 32.25 27.12 32.71
N PRO A 809 31.32 27.78 32.03
CA PRO A 809 30.45 27.06 31.10
C PRO A 809 31.21 26.48 29.92
N LYS A 810 30.70 25.37 29.39
CA LYS A 810 31.33 24.68 28.28
C LYS A 810 31.02 25.38 26.96
N VAL A 811 31.90 25.18 25.98
CA VAL A 811 31.79 25.79 24.66
C VAL A 811 31.83 24.67 23.62
N GLU A 812 30.90 24.71 22.68
CA GLU A 812 30.79 23.72 21.62
C GLU A 812 31.22 24.33 20.30
N HIS A 813 32.12 23.63 19.58
CA HIS A 813 32.46 23.96 18.20
C HIS A 813 31.85 22.89 17.31
N THR A 814 31.00 23.31 16.38
CA THR A 814 30.25 22.39 15.54
C THR A 814 30.84 22.39 14.14
N TYR A 815 31.32 21.23 13.71
CA TYR A 815 31.76 21.00 12.35
C TYR A 815 30.93 19.87 11.76
N GLU A 816 30.29 20.13 10.61
CA GLU A 816 29.43 19.16 9.96
C GLU A 816 29.96 18.84 8.58
N LEU A 817 30.05 17.54 8.27
CA LEU A 817 30.45 17.07 6.95
C LEU A 817 29.28 16.37 6.31
N HIS A 818 28.92 16.81 5.10
CA HIS A 818 27.79 16.20 4.39
C HIS A 818 28.06 16.33 2.89
N ASN A 819 28.24 15.19 2.23
CA ASN A 819 28.38 15.16 0.78
C ASN A 819 27.01 15.36 0.16
N ASN A 820 26.62 16.63 -0.01
CA ASN A 820 25.37 16.92 -0.67
C ASN A 820 25.38 16.45 -2.12
N GLY A 821 26.57 16.33 -2.72
CA GLY A 821 26.72 15.71 -4.00
C GLY A 821 26.38 14.23 -3.92
N PRO A 822 25.33 13.82 -4.63
CA PRO A 822 24.86 12.43 -4.49
C PRO A 822 25.85 11.40 -4.97
N GLY A 823 26.86 11.79 -5.74
CA GLY A 823 27.86 10.83 -6.17
C GLY A 823 28.64 10.27 -5.00
N THR A 824 29.09 9.03 -5.15
CA THR A 824 29.83 8.35 -4.10
C THR A 824 31.29 8.75 -4.11
N VAL A 825 31.87 8.92 -2.92
CA VAL A 825 33.27 9.28 -2.76
C VAL A 825 33.94 8.24 -1.89
N ASN A 826 35.19 7.92 -2.22
CA ASN A 826 35.99 6.97 -1.46
C ASN A 826 37.30 7.63 -1.08
N GLY A 827 37.81 7.28 0.10
CA GLY A 827 39.04 7.86 0.60
C GLY A 827 38.96 9.33 0.90
N LEU A 828 37.84 9.78 1.47
CA LEU A 828 37.70 11.18 1.83
C LEU A 828 38.62 11.50 3.01
N HIS A 829 39.25 12.68 2.95
CA HIS A 829 40.23 13.10 3.94
C HIS A 829 39.82 14.44 4.54
N LEU A 830 39.89 14.52 5.86
CA LEU A 830 39.63 15.75 6.59
C LEU A 830 40.84 16.09 7.45
N SER A 831 41.35 17.31 7.33
CA SER A 831 42.51 17.76 8.08
C SER A 831 42.11 18.96 8.93
N ILE A 832 42.22 18.82 10.24
CA ILE A 832 41.84 19.86 11.19
C ILE A 832 43.10 20.65 11.57
N HIS A 833 43.11 21.93 11.25
CA HIS A 833 44.23 22.80 11.56
C HIS A 833 43.81 23.77 12.66
N LEU A 834 44.56 23.78 13.76
CA LEU A 834 44.21 24.60 14.90
C LEU A 834 45.41 25.44 15.35
N PRO A 835 45.18 26.67 15.80
CA PRO A 835 46.28 27.46 16.35
C PRO A 835 46.76 26.88 17.67
N GLY A 836 48.08 26.78 17.83
CA GLY A 836 48.65 26.16 19.00
C GLY A 836 48.60 24.65 18.92
N GLN A 837 49.02 24.02 20.01
CA GLN A 837 49.04 22.56 20.12
C GLN A 837 48.18 22.10 21.29
N SER A 838 47.03 22.74 21.48
CA SER A 838 46.09 22.41 22.55
C SER A 838 46.76 22.50 23.92
N GLN A 839 47.68 23.45 24.07
CA GLN A 839 48.41 23.61 25.31
C GLN A 839 47.58 24.37 26.34
N PRO A 840 47.81 24.12 27.63
CA PRO A 840 47.10 24.89 28.66
C PRO A 840 47.42 26.38 28.63
N SER A 841 48.57 26.76 28.09
CA SER A 841 48.93 28.18 28.03
C SER A 841 48.03 28.96 27.08
N ASP A 842 47.31 28.29 26.19
CA ASP A 842 46.43 28.97 25.25
C ASP A 842 45.19 29.48 25.97
N LEU A 843 44.47 30.38 25.30
CA LEU A 843 43.22 30.90 25.86
C LEU A 843 42.19 29.80 26.02
N LEU A 844 42.14 28.87 25.07
CA LEU A 844 41.18 27.78 25.08
C LEU A 844 41.90 26.46 25.31
N TYR A 845 41.31 25.61 26.15
CA TYR A 845 41.85 24.29 26.47
C TYR A 845 40.86 23.25 25.95
N ILE A 846 41.31 22.44 25.00
CA ILE A 846 40.43 21.42 24.43
C ILE A 846 40.26 20.29 25.44
N LEU A 847 39.00 19.98 25.76
CA LEU A 847 38.73 18.89 26.70
C LEU A 847 38.76 17.53 26.01
N ASP A 848 37.93 17.34 25.00
CA ASP A 848 37.90 16.07 24.27
C ASP A 848 37.26 16.29 22.90
N ILE A 849 37.53 15.36 22.01
CA ILE A 849 36.93 15.33 20.68
C ILE A 849 36.04 14.10 20.60
N GLN A 850 34.79 14.29 20.19
CA GLN A 850 33.78 13.22 20.15
C GLN A 850 33.26 13.10 18.73
N PRO A 851 33.94 12.36 17.86
CA PRO A 851 33.49 12.22 16.47
C PRO A 851 32.43 11.12 16.36
N GLN A 852 31.25 11.51 15.88
CA GLN A 852 30.15 10.60 15.64
C GLN A 852 29.96 10.40 14.13
N GLY A 853 28.99 9.56 13.78
CA GLY A 853 28.70 9.32 12.38
C GLY A 853 29.66 8.40 11.66
N GLY A 854 30.48 7.65 12.39
CA GLY A 854 31.39 6.70 11.77
C GLY A 854 32.65 7.28 11.17
N LEU A 855 33.05 8.48 11.59
CA LEU A 855 34.29 9.09 11.13
C LEU A 855 35.35 8.98 12.22
N GLN A 856 36.56 8.60 11.81
CA GLN A 856 37.67 8.43 12.73
C GLN A 856 38.75 9.46 12.42
N CYS A 857 39.20 10.16 13.45
CA CYS A 857 40.21 11.21 13.32
C CYS A 857 41.42 10.85 14.16
N PHE A 858 42.61 11.21 13.68
CA PHE A 858 43.86 10.88 14.35
C PHE A 858 44.69 12.13 14.60
N PRO A 859 44.56 12.76 15.77
CA PRO A 859 45.35 13.95 16.06
C PRO A 859 46.81 13.63 16.34
N GLN A 860 47.67 14.62 16.08
CA GLN A 860 49.08 14.50 16.41
C GLN A 860 49.60 15.88 16.79
N PRO A 861 50.09 16.06 18.03
CA PRO A 861 50.11 15.08 19.12
C PRO A 861 48.69 14.82 19.60
N PRO A 862 48.43 13.68 20.25
CA PRO A 862 47.05 13.39 20.69
C PRO A 862 46.51 14.46 21.62
N VAL A 863 45.21 14.71 21.50
CA VAL A 863 44.52 15.73 22.28
C VAL A 863 44.29 15.17 23.67
N ASN A 864 43.74 16.01 24.54
CA ASN A 864 43.43 15.74 25.95
C ASN A 864 44.55 14.97 26.63
N PRO A 865 45.76 15.53 26.73
CA PRO A 865 46.79 14.85 27.53
C PRO A 865 46.46 14.85 29.01
N LEU A 866 45.59 15.80 29.41
CA LEU A 866 45.21 15.95 30.84
C LEU A 866 43.74 16.39 30.93
N LYS A 867 42.97 15.80 31.86
CA LYS A 867 41.53 16.15 32.04
C LYS A 867 41.37 17.54 32.62
N VAL A 868 42.26 17.94 33.55
CA VAL A 868 42.08 19.26 34.24
C VAL A 868 40.58 19.39 34.54
N ASP A 869 39.90 20.33 33.88
CA ASP A 869 38.44 20.47 34.06
C ASP A 869 37.97 21.76 33.36
N ASP A 905 46.47 45.94 17.55
CA ASP A 905 47.23 45.10 16.64
C ASP A 905 47.18 43.63 17.08
N PRO A 906 46.11 42.93 16.68
CA PRO A 906 45.99 41.52 17.06
C PRO A 906 47.04 40.67 16.36
N VAL A 907 47.64 39.75 17.12
CA VAL A 907 48.66 38.85 16.57
C VAL A 907 47.96 37.69 15.88
N LEU A 908 48.32 37.45 14.62
CA LEU A 908 47.72 36.38 13.83
C LEU A 908 48.47 35.08 14.11
N VAL A 909 47.94 34.27 15.01
CA VAL A 909 48.49 32.96 15.31
C VAL A 909 47.76 31.95 14.41
N SER A 910 48.49 31.39 13.46
CA SER A 910 47.91 30.46 12.48
C SER A 910 48.56 29.09 12.62
N CYS A 911 47.99 28.13 11.90
CA CYS A 911 48.53 26.77 11.90
C CYS A 911 49.92 26.73 11.27
N ASP A 912 50.13 27.53 10.22
CA ASP A 912 51.42 27.50 9.52
C ASP A 912 52.51 28.22 10.30
N SER A 913 52.18 29.34 10.96
CA SER A 913 53.20 30.11 11.67
C SER A 913 53.60 29.42 12.96
N ALA A 914 52.66 29.24 13.88
CA ALA A 914 52.92 28.54 15.12
C ALA A 914 52.93 27.03 14.88
N PRO A 915 53.56 26.27 15.77
CA PRO A 915 53.47 24.81 15.68
C PRO A 915 52.02 24.36 15.76
N CYS A 916 51.68 23.33 14.97
CA CYS A 916 50.31 22.94 14.74
C CYS A 916 50.07 21.50 15.17
N THR A 917 48.85 21.24 15.63
CA THR A 917 48.36 19.90 15.92
C THR A 917 47.29 19.58 14.87
N VAL A 918 47.68 18.87 13.83
CA VAL A 918 46.78 18.57 12.72
C VAL A 918 46.05 17.27 13.02
N VAL A 919 44.71 17.32 13.00
CA VAL A 919 43.88 16.16 13.22
C VAL A 919 43.35 15.69 11.87
N GLN A 920 43.76 14.49 11.45
CA GLN A 920 43.40 13.97 10.14
C GLN A 920 42.28 12.95 10.28
N CYS A 921 41.20 13.16 9.53
CA CYS A 921 40.05 12.27 9.51
C CYS A 921 39.92 11.67 8.12
N ASP A 922 39.72 10.36 8.06
CA ASP A 922 39.66 9.64 6.80
C ASP A 922 38.38 8.82 6.73
N LEU A 923 37.76 8.81 5.55
CA LEU A 923 36.54 8.05 5.32
C LEU A 923 36.73 7.17 4.10
N GLN A 924 36.70 5.86 4.29
CA GLN A 924 36.93 4.93 3.20
C GLN A 924 35.77 4.93 2.22
N GLU A 925 34.54 4.96 2.72
CA GLU A 925 33.35 4.94 1.89
C GLU A 925 32.23 5.69 2.61
N MET A 926 31.50 6.51 1.85
CA MET A 926 30.37 7.25 2.40
C MET A 926 29.21 7.18 1.42
N ALA A 927 28.01 6.96 1.93
CA ALA A 927 26.84 6.77 1.09
C ALA A 927 26.28 8.12 0.66
N ARG A 928 25.27 8.07 -0.21
CA ARG A 928 24.62 9.27 -0.70
C ARG A 928 23.78 9.90 0.39
N GLY A 929 23.87 11.23 0.51
CA GLY A 929 23.05 11.95 1.45
C GLY A 929 23.39 11.73 2.91
N GLN A 930 24.48 11.03 3.19
CA GLN A 930 24.88 10.80 4.57
C GLN A 930 25.39 12.09 5.19
N ARG A 931 25.46 12.10 6.52
CA ARG A 931 25.94 13.26 7.25
C ARG A 931 26.85 12.82 8.38
N ALA A 932 27.75 13.70 8.78
CA ALA A 932 28.69 13.43 9.86
C ALA A 932 28.65 14.59 10.85
N MET A 933 28.89 14.27 12.12
CA MET A 933 28.87 15.27 13.19
C MET A 933 29.97 14.96 14.18
N VAL A 934 30.77 15.98 14.50
CA VAL A 934 31.83 15.88 15.49
C VAL A 934 31.66 17.02 16.49
N THR A 935 31.68 16.69 17.76
CA THR A 935 31.49 17.67 18.83
C THR A 935 32.81 17.91 19.54
N VAL A 936 33.15 19.18 19.74
CA VAL A 936 34.38 19.59 20.42
C VAL A 936 33.99 20.11 21.80
N LEU A 937 34.64 19.59 22.84
CA LEU A 937 34.36 19.95 24.21
C LEU A 937 35.50 20.79 24.78
N ALA A 938 35.15 21.85 25.50
CA ALA A 938 36.15 22.74 26.08
C ALA A 938 35.50 23.50 27.22
N PHE A 939 36.34 24.18 28.02
CA PHE A 939 35.87 24.99 29.13
C PHE A 939 36.70 26.26 29.21
N LEU A 940 36.13 27.28 29.83
CA LEU A 940 36.77 28.58 29.92
C LEU A 940 37.78 28.63 31.05
N TRP A 941 38.70 29.59 30.95
CA TRP A 941 39.71 29.84 31.97
C TRP A 941 39.41 31.18 32.63
N LEU A 942 39.08 31.15 33.92
CA LEU A 942 38.83 32.40 34.64
C LEU A 942 40.06 33.31 34.70
N PRO A 943 41.25 32.83 35.07
CA PRO A 943 42.40 33.76 35.12
C PRO A 943 42.71 34.40 33.78
N SER A 944 42.57 33.66 32.69
CA SER A 944 42.85 34.22 31.36
C SER A 944 41.75 35.17 30.91
N LEU A 945 40.49 34.88 31.28
CA LEU A 945 39.39 35.74 30.87
C LEU A 945 39.48 37.12 31.50
N TYR A 946 39.86 37.20 32.78
CA TYR A 946 39.91 38.47 33.47
C TYR A 946 41.09 39.33 33.03
N GLN A 947 42.09 38.74 32.39
CA GLN A 947 43.25 39.50 31.93
C GLN A 947 42.83 40.45 30.80
N ARG A 948 43.39 41.66 30.84
CA ARG A 948 43.12 42.71 29.86
C ARG A 948 41.63 43.00 29.78
N PRO A 949 41.04 43.61 30.82
CA PRO A 949 39.59 43.84 30.79
C PRO A 949 39.15 44.83 29.72
N LEU A 950 40.05 45.66 29.20
CA LEU A 950 39.71 46.64 28.18
C LEU A 950 40.21 46.26 26.80
N ASP A 951 40.48 44.97 26.58
CA ASP A 951 40.98 44.49 25.30
C ASP A 951 39.97 43.52 24.69
N GLN A 952 39.83 43.57 23.37
CA GLN A 952 38.91 42.70 22.64
C GLN A 952 39.69 41.56 22.02
N PHE A 953 39.26 40.33 22.33
CA PHE A 953 39.92 39.13 21.84
C PHE A 953 39.10 38.51 20.73
N VAL A 954 39.75 38.19 19.61
CA VAL A 954 39.11 37.56 18.47
C VAL A 954 39.75 36.19 18.27
N LEU A 955 38.93 35.14 18.33
CA LEU A 955 39.40 33.78 18.19
C LEU A 955 39.02 33.25 16.81
N GLN A 956 40.01 32.74 16.08
CA GLN A 956 39.82 32.27 14.72
C GLN A 956 40.30 30.82 14.62
N SER A 957 39.46 29.97 14.05
CA SER A 957 39.80 28.58 13.80
C SER A 957 39.35 28.21 12.39
N HIS A 958 40.18 27.46 11.68
CA HIS A 958 39.93 27.11 10.30
C HIS A 958 39.99 25.59 10.12
N ALA A 959 39.23 25.09 9.17
CA ALA A 959 39.19 23.67 8.85
C ALA A 959 39.36 23.47 7.36
N TRP A 960 40.07 22.41 6.99
CA TRP A 960 40.31 22.08 5.60
CA TRP A 960 40.30 22.08 5.60
C TRP A 960 39.99 20.61 5.36
N PHE A 961 39.52 20.32 4.15
CA PHE A 961 39.22 18.94 3.78
C PHE A 961 39.43 18.78 2.29
N ASN A 962 39.61 17.53 1.87
CA ASN A 962 39.88 17.22 0.48
C ASN A 962 39.52 15.78 0.20
N VAL A 963 39.36 15.47 -1.08
CA VAL A 963 39.09 14.12 -1.54
C VAL A 963 40.28 13.65 -2.35
N SER A 964 40.89 12.54 -1.93
CA SER A 964 42.09 12.05 -2.60
C SER A 964 41.81 11.68 -4.05
N SER A 965 40.71 10.98 -4.30
CA SER A 965 40.35 10.55 -5.64
C SER A 965 38.89 10.12 -5.65
N LEU A 966 38.36 9.95 -6.85
CA LEU A 966 37.02 9.45 -7.06
C LEU A 966 37.07 8.06 -7.68
N PRO A 967 36.11 7.19 -7.35
CA PRO A 967 36.16 5.81 -7.87
C PRO A 967 35.80 5.73 -9.35
N TYR A 968 36.58 6.41 -10.19
CA TYR A 968 36.36 6.41 -11.63
C TYR A 968 37.70 6.49 -12.33
N ALA A 969 37.73 6.04 -13.58
CA ALA A 969 38.96 6.01 -14.36
C ALA A 969 39.52 7.40 -14.58
N VAL A 970 38.81 8.24 -15.33
CA VAL A 970 39.25 9.59 -15.62
C VAL A 970 38.09 10.56 -15.40
N PRO A 971 37.86 11.03 -14.17
CA PRO A 971 36.99 12.18 -13.96
C PRO A 971 37.80 13.47 -13.88
N PRO A 972 38.30 13.99 -15.02
CA PRO A 972 39.28 15.07 -14.97
C PRO A 972 38.64 16.45 -14.85
N LEU A 973 37.89 16.67 -13.77
CA LEU A 973 37.25 17.96 -13.53
C LEU A 973 37.84 18.67 -12.33
N SER A 974 37.79 18.06 -11.14
CA SER A 974 38.35 18.64 -9.92
C SER A 974 38.23 17.63 -8.80
N LEU A 975 39.23 17.60 -7.93
CA LEU A 975 39.14 16.82 -6.70
C LEU A 975 38.31 17.58 -5.68
N PRO A 976 37.23 17.00 -5.15
CA PRO A 976 36.41 17.73 -4.19
C PRO A 976 37.20 18.13 -2.95
N ARG A 977 36.96 19.35 -2.48
CA ARG A 977 37.65 19.91 -1.33
C ARG A 977 36.91 21.16 -0.89
N GLY A 978 37.39 21.77 0.18
CA GLY A 978 36.74 22.96 0.70
C GLY A 978 37.38 23.38 2.01
N GLU A 979 36.75 24.35 2.65
CA GLU A 979 37.25 24.90 3.90
C GLU A 979 36.10 25.54 4.67
N ALA A 980 36.34 25.80 5.95
CA ALA A 980 35.35 26.42 6.82
C ALA A 980 36.03 27.48 7.68
N GLN A 981 35.24 28.44 8.14
CA GLN A 981 35.72 29.53 8.96
C GLN A 981 34.86 29.64 10.21
N VAL A 982 35.52 29.76 11.37
CA VAL A 982 34.84 29.86 12.66
C VAL A 982 35.30 31.13 13.35
N TRP A 983 34.34 31.95 13.77
CA TRP A 983 34.63 33.24 14.40
C TRP A 983 34.06 33.27 15.80
N THR A 984 34.84 33.83 16.73
CA THR A 984 34.43 33.97 18.12
C THR A 984 34.83 35.35 18.61
N GLN A 985 33.89 36.05 19.24
CA GLN A 985 34.12 37.41 19.71
C GLN A 985 33.74 37.52 21.18
N LEU A 986 34.30 38.52 21.85
CA LEU A 986 34.04 38.81 23.25
C LEU A 986 33.46 40.22 23.38
N LEU A 987 32.54 40.39 24.32
CA LEU A 987 31.88 41.66 24.55
C LEU A 987 32.00 42.04 26.03
N ARG A 988 31.85 43.34 26.30
CA ARG A 988 31.91 43.87 27.65
C ARG A 988 30.54 44.36 28.08
N ALA A 989 30.20 44.11 29.34
CA ALA A 989 28.92 44.49 29.92
C ALA A 989 29.13 45.52 31.03
N GLY B 27 -16.51 37.23 -29.57
CA GLY B 27 -15.22 36.83 -29.05
C GLY B 27 -15.14 35.35 -28.72
N PRO B 28 -14.32 34.61 -29.47
CA PRO B 28 -14.16 33.18 -29.20
C PRO B 28 -13.70 32.93 -27.78
N ASN B 29 -14.25 31.88 -27.17
CA ASN B 29 -13.89 31.49 -25.81
C ASN B 29 -14.08 29.99 -25.68
N ILE B 30 -14.00 29.50 -24.44
CA ILE B 30 -14.22 28.07 -24.21
C ILE B 30 -15.66 27.69 -24.53
N CYS B 31 -16.61 28.59 -24.27
CA CYS B 31 -18.01 28.30 -24.57
C CYS B 31 -18.25 28.20 -26.07
N THR B 32 -17.48 28.94 -26.87
CA THR B 32 -17.74 29.00 -28.32
C THR B 32 -17.19 27.79 -29.05
N THR B 33 -15.88 27.57 -28.96
CA THR B 33 -15.21 26.59 -29.81
C THR B 33 -15.37 25.16 -29.32
N ARG B 34 -16.00 24.94 -28.17
CA ARG B 34 -16.13 23.60 -27.62
C ARG B 34 -17.56 23.08 -27.67
N GLY B 35 -18.51 23.80 -27.09
CA GLY B 35 -19.89 23.37 -27.06
C GLY B 35 -20.73 24.03 -28.13
N VAL B 36 -20.99 23.29 -29.21
CA VAL B 36 -21.82 23.80 -30.30
C VAL B 36 -22.89 22.77 -30.62
N SER B 37 -23.21 21.94 -29.63
CA SER B 37 -24.19 20.85 -29.80
C SER B 37 -25.52 21.14 -29.12
N SER B 38 -25.51 21.42 -27.83
CA SER B 38 -26.76 21.52 -27.08
C SER B 38 -26.59 22.47 -25.92
N CYS B 39 -27.73 22.89 -25.36
CA CYS B 39 -27.73 23.68 -24.14
C CYS B 39 -27.14 22.89 -22.97
N GLN B 40 -27.37 21.59 -22.94
CA GLN B 40 -26.86 20.76 -21.85
C GLN B 40 -25.33 20.81 -21.80
N GLN B 41 -24.68 20.65 -22.94
CA GLN B 41 -23.23 20.75 -22.97
C GLN B 41 -22.77 22.16 -22.61
N CYS B 42 -23.51 23.17 -23.05
CA CYS B 42 -23.16 24.55 -22.74
C CYS B 42 -23.15 24.78 -21.24
N LEU B 43 -24.14 24.24 -20.53
CA LEU B 43 -24.15 24.37 -19.07
C LEU B 43 -23.26 23.34 -18.38
N ALA B 44 -22.78 22.34 -19.10
CA ALA B 44 -21.87 21.37 -18.54
C ALA B 44 -20.40 21.78 -18.64
N VAL B 45 -20.04 22.68 -19.55
CA VAL B 45 -18.64 23.02 -19.74
C VAL B 45 -18.14 23.91 -18.60
N SER B 46 -18.71 25.10 -18.48
CA SER B 46 -18.26 26.09 -17.51
C SER B 46 -19.46 26.79 -16.89
N PRO B 47 -19.36 27.20 -15.62
CA PRO B 47 -20.49 27.90 -14.99
C PRO B 47 -20.88 29.19 -15.70
N MET B 48 -19.91 29.89 -16.30
CA MET B 48 -20.23 31.16 -16.95
C MET B 48 -21.01 30.93 -18.24
N CYS B 49 -20.75 29.83 -18.94
CA CYS B 49 -21.34 29.61 -20.26
C CYS B 49 -22.85 29.69 -20.21
N ALA B 50 -23.44 30.44 -21.13
CA ALA B 50 -24.88 30.68 -21.17
C ALA B 50 -25.40 30.38 -22.57
N TRP B 51 -26.58 29.77 -22.63
CA TRP B 51 -27.17 29.32 -23.87
C TRP B 51 -28.40 30.16 -24.20
N CYS B 52 -28.58 30.48 -25.48
CA CYS B 52 -29.75 31.18 -25.97
C CYS B 52 -30.57 30.21 -26.81
N SER B 53 -31.86 30.13 -26.52
CA SER B 53 -32.76 29.22 -27.22
C SER B 53 -33.60 29.90 -28.28
N ASP B 54 -33.29 31.15 -28.62
CA ASP B 54 -34.07 31.88 -29.62
C ASP B 54 -33.85 31.28 -31.00
N GLU B 55 -34.93 30.81 -31.62
CA GLU B 55 -34.83 30.14 -32.92
C GLU B 55 -34.57 31.10 -34.07
N ALA B 56 -34.83 32.40 -33.88
CA ALA B 56 -34.65 33.39 -34.93
C ALA B 56 -33.22 33.91 -35.02
N LEU B 57 -32.33 33.44 -34.16
CA LEU B 57 -30.95 33.91 -34.19
C LEU B 57 -30.28 33.49 -35.51
N PRO B 58 -29.54 34.40 -36.15
CA PRO B 58 -28.90 34.05 -37.42
C PRO B 58 -27.91 32.91 -37.25
N LEU B 59 -27.84 32.04 -38.27
CA LEU B 59 -26.97 30.89 -38.24
C LEU B 59 -25.52 31.34 -38.46
N GLY B 60 -24.67 31.11 -37.46
CA GLY B 60 -23.29 31.51 -37.54
C GLY B 60 -22.79 32.19 -36.27
N SER B 61 -23.69 32.93 -35.62
CA SER B 61 -23.33 33.59 -34.37
C SER B 61 -23.22 32.56 -33.25
N PRO B 62 -22.34 32.79 -32.27
CA PRO B 62 -22.17 31.82 -31.17
C PRO B 62 -23.40 31.80 -30.28
N ARG B 63 -24.00 30.62 -30.14
CA ARG B 63 -25.20 30.46 -29.32
C ARG B 63 -24.87 30.42 -27.83
N CYS B 64 -23.77 29.76 -27.46
CA CYS B 64 -23.33 29.65 -26.07
C CYS B 64 -22.13 30.55 -25.87
N ASP B 65 -22.32 31.64 -25.13
CA ASP B 65 -21.28 32.64 -24.96
C ASP B 65 -21.58 33.44 -23.70
N LEU B 66 -20.93 34.59 -23.57
CA LEU B 66 -21.15 35.48 -22.44
C LEU B 66 -22.59 35.97 -22.40
N LYS B 67 -23.12 36.14 -21.18
CA LYS B 67 -24.47 36.64 -21.02
C LYS B 67 -24.64 38.01 -21.66
N GLU B 68 -23.66 38.90 -21.46
CA GLU B 68 -23.72 40.21 -22.10
C GLU B 68 -23.66 40.08 -23.62
N ASN B 69 -22.88 39.11 -24.12
CA ASN B 69 -22.84 38.88 -25.56
C ASN B 69 -24.19 38.45 -26.10
N LEU B 70 -24.87 37.54 -25.40
CA LEU B 70 -26.19 37.10 -25.85
C LEU B 70 -27.20 38.22 -25.76
N LEU B 71 -27.09 39.06 -24.73
CA LEU B 71 -27.98 40.22 -24.63
C LEU B 71 -27.73 41.19 -25.78
N LYS B 72 -26.47 41.37 -26.16
CA LYS B 72 -26.13 42.23 -27.29
C LYS B 72 -26.71 41.71 -28.60
N ASP B 73 -26.94 40.41 -28.72
CA ASP B 73 -27.58 39.81 -29.87
C ASP B 73 -29.09 39.63 -29.66
N ASN B 74 -29.70 40.54 -28.91
CA ASN B 74 -31.13 40.62 -28.62
C ASN B 74 -31.79 39.25 -28.48
N CYS B 75 -31.15 38.35 -27.73
CA CYS B 75 -31.73 37.04 -27.49
C CYS B 75 -32.97 37.17 -26.60
N ALA B 76 -33.90 36.25 -26.80
CA ALA B 76 -35.13 36.27 -25.99
C ALA B 76 -34.77 36.00 -24.54
N PRO B 77 -35.22 36.85 -23.61
CA PRO B 77 -34.90 36.60 -22.19
C PRO B 77 -35.38 35.24 -21.70
N GLU B 78 -36.53 34.78 -22.19
CA GLU B 78 -36.98 33.42 -21.86
C GLU B 78 -36.11 32.36 -22.53
N SER B 79 -35.42 32.71 -23.62
CA SER B 79 -34.51 31.79 -24.27
C SER B 79 -33.11 31.82 -23.68
N ILE B 80 -32.83 32.77 -22.79
CA ILE B 80 -31.51 32.87 -22.17
C ILE B 80 -31.46 31.88 -21.00
N GLU B 81 -30.44 31.02 -21.02
CA GLU B 81 -30.25 30.02 -19.99
C GLU B 81 -29.09 30.46 -19.10
N PHE B 82 -29.38 30.65 -17.81
CA PHE B 82 -28.36 31.07 -16.84
C PHE B 82 -28.42 30.15 -15.63
N PRO B 83 -27.87 28.94 -15.77
CA PRO B 83 -27.85 28.01 -14.63
C PRO B 83 -26.67 28.27 -13.72
N VAL B 84 -26.96 28.29 -12.41
CA VAL B 84 -25.95 28.56 -11.40
C VAL B 84 -26.09 27.53 -10.29
N SER B 85 -24.96 26.91 -9.91
CA SER B 85 -24.95 26.03 -8.76
C SER B 85 -25.12 26.83 -7.48
N GLU B 86 -25.48 26.13 -6.42
CA GLU B 86 -25.64 26.77 -5.12
C GLU B 86 -25.36 25.77 -4.02
N ALA B 87 -24.91 26.26 -2.89
CA ALA B 87 -24.74 25.48 -1.67
C ALA B 87 -25.79 25.99 -0.70
N ARG B 88 -26.99 25.44 -0.79
CA ARG B 88 -28.11 25.96 -0.04
C ARG B 88 -28.28 25.19 1.26
N VAL B 89 -28.34 25.92 2.37
CA VAL B 89 -28.47 25.33 3.70
C VAL B 89 -29.95 25.21 4.02
N LEU B 90 -30.38 23.99 4.35
CA LEU B 90 -31.75 23.80 4.79
C LEU B 90 -31.90 24.01 6.29
N GLU B 91 -31.04 23.39 7.09
CA GLU B 91 -31.01 23.58 8.54
C GLU B 91 -29.75 24.32 8.93
N ASP B 92 -29.91 25.43 9.64
CA ASP B 92 -28.81 26.24 10.15
C ASP B 92 -28.99 26.47 11.65
N ARG B 93 -29.42 25.42 12.37
CA ARG B 93 -29.70 25.58 13.78
C ARG B 93 -28.45 25.99 14.54
N PRO B 94 -28.57 26.87 15.53
CA PRO B 94 -27.39 27.33 16.27
C PRO B 94 -26.72 26.20 17.03
N LEU B 95 -25.39 26.22 17.04
CA LEU B 95 -24.63 25.25 17.79
C LEU B 95 -24.80 25.51 19.28
N SER B 96 -25.11 24.47 20.04
CA SER B 96 -25.48 24.69 21.42
C SER B 96 -24.29 25.13 22.26
N ASP B 97 -24.59 25.62 23.46
CA ASP B 97 -23.60 25.98 24.46
C ASP B 97 -23.28 24.79 25.36
N LYS B 98 -24.28 24.01 25.73
CA LYS B 98 -24.10 22.87 26.61
C LYS B 98 -24.73 21.65 25.98
N GLY B 99 -24.17 20.48 26.27
CA GLY B 99 -24.72 19.23 25.79
C GLY B 99 -25.74 18.65 26.74
N SER B 100 -26.78 19.43 27.03
CA SER B 100 -27.81 19.02 27.97
C SER B 100 -29.19 19.04 27.33
N GLN B 105 -32.21 19.03 19.11
CA GLN B 105 -31.16 18.33 19.85
C GLN B 105 -29.87 19.11 19.80
N VAL B 106 -28.98 18.85 20.76
CA VAL B 106 -27.69 19.54 20.85
C VAL B 106 -26.87 19.24 19.61
N THR B 107 -26.70 20.24 18.75
CA THR B 107 -26.04 20.06 17.47
C THR B 107 -24.65 20.64 17.53
N GLN B 108 -23.66 19.83 17.17
CA GLN B 108 -22.28 20.30 17.10
C GLN B 108 -21.87 20.67 15.69
N VAL B 109 -22.47 20.07 14.68
CA VAL B 109 -22.10 20.30 13.28
C VAL B 109 -23.17 21.17 12.66
N SER B 110 -22.76 22.33 12.13
CA SER B 110 -23.64 23.20 11.38
C SER B 110 -22.99 23.50 10.03
N PRO B 111 -23.77 23.56 8.96
CA PRO B 111 -25.23 23.40 8.89
C PRO B 111 -25.64 21.95 9.05
N GLN B 112 -26.80 21.68 9.65
CA GLN B 112 -27.19 20.31 9.93
C GLN B 112 -27.31 19.48 8.67
N ARG B 113 -27.90 20.06 7.63
CA ARG B 113 -28.20 19.33 6.42
C ARG B 113 -28.14 20.27 5.23
N ILE B 114 -27.52 19.81 4.16
CA ILE B 114 -27.20 20.65 3.01
C ILE B 114 -27.98 20.16 1.81
N ALA B 115 -28.74 21.06 1.19
CA ALA B 115 -29.35 20.77 -0.11
C ALA B 115 -28.38 21.23 -1.20
N LEU B 116 -27.26 20.51 -1.27
CA LEU B 116 -26.26 20.84 -2.26
C LEU B 116 -26.79 20.59 -3.65
N ARG B 117 -26.43 21.48 -4.59
CA ARG B 117 -26.85 21.35 -5.97
C ARG B 117 -25.65 21.65 -6.87
N LEU B 118 -25.26 20.67 -7.68
CA LEU B 118 -24.05 20.75 -8.47
C LEU B 118 -24.36 20.51 -9.94
N ARG B 119 -23.55 21.10 -10.81
CA ARG B 119 -23.66 20.93 -12.25
C ARG B 119 -22.44 20.17 -12.78
N PRO B 120 -22.52 19.64 -14.01
CA PRO B 120 -21.43 18.77 -14.49
C PRO B 120 -20.07 19.47 -14.48
N ASP B 121 -19.06 18.73 -14.02
CA ASP B 121 -17.67 19.18 -14.01
C ASP B 121 -17.53 20.54 -13.32
N ASP B 122 -18.23 20.70 -12.21
CA ASP B 122 -18.15 21.90 -11.39
C ASP B 122 -18.02 21.49 -9.93
N SER B 123 -17.56 22.43 -9.12
CA SER B 123 -17.38 22.20 -7.70
C SER B 123 -18.09 23.30 -6.94
N LYS B 124 -18.23 23.09 -5.64
CA LYS B 124 -18.91 24.11 -4.85
C LYS B 124 -18.38 24.05 -3.42
N ASN B 125 -18.38 25.23 -2.82
CA ASN B 125 -17.77 25.35 -1.48
C ASN B 125 -18.81 25.68 -0.44
N PHE B 126 -18.44 25.45 0.81
CA PHE B 126 -19.32 25.72 1.96
C PHE B 126 -18.56 25.63 3.27
N SER B 127 -19.03 26.36 4.29
CA SER B 127 -18.38 26.47 5.59
C SER B 127 -19.09 25.56 6.58
N ILE B 128 -18.31 24.78 7.33
CA ILE B 128 -18.81 23.88 8.35
C ILE B 128 -18.08 24.19 9.64
N GLN B 129 -18.85 24.45 10.69
CA GLN B 129 -18.29 24.83 11.98
C GLN B 129 -18.50 23.68 12.96
N VAL B 130 -17.59 22.70 12.91
CA VAL B 130 -17.57 21.69 13.95
C VAL B 130 -17.18 22.33 15.26
N ARG B 131 -17.72 21.82 16.36
CA ARG B 131 -17.49 22.48 17.64
C ARG B 131 -17.82 21.50 18.76
N GLN B 132 -16.84 21.24 19.62
CA GLN B 132 -17.02 20.26 20.70
C GLN B 132 -17.70 20.92 21.88
N VAL B 133 -19.01 20.71 21.98
CA VAL B 133 -19.75 21.24 23.11
C VAL B 133 -19.24 20.57 24.39
N GLU B 134 -19.02 21.38 25.41
CA GLU B 134 -18.76 20.84 26.74
C GLU B 134 -20.01 20.11 27.23
N ASP B 135 -19.84 19.32 28.27
CA ASP B 135 -20.94 18.60 28.89
C ASP B 135 -21.60 17.65 27.88
N TYR B 136 -20.77 16.89 27.19
CA TYR B 136 -21.17 15.76 26.37
C TYR B 136 -21.14 14.48 27.21
N PRO B 137 -22.17 13.65 27.17
CA PRO B 137 -22.19 12.44 27.98
C PRO B 137 -21.11 11.45 27.57
N VAL B 138 -20.65 10.65 28.53
CA VAL B 138 -19.51 9.75 28.36
C VAL B 138 -19.91 8.33 28.72
N ASP B 139 -19.58 7.38 27.85
CA ASP B 139 -19.77 5.95 28.08
C ASP B 139 -18.42 5.29 28.21
N ILE B 140 -18.20 4.62 29.35
CA ILE B 140 -16.96 3.90 29.60
C ILE B 140 -17.30 2.44 29.87
N TYR B 141 -16.67 1.53 29.14
CA TYR B 141 -16.81 0.10 29.35
C TYR B 141 -15.45 -0.47 29.72
N TYR B 142 -15.26 -0.83 30.99
CA TYR B 142 -13.95 -1.22 31.49
C TYR B 142 -13.73 -2.70 31.23
N LEU B 143 -13.07 -3.01 30.12
CA LEU B 143 -12.60 -4.38 29.93
C LEU B 143 -11.45 -4.66 30.88
N MET B 144 -11.10 -5.94 31.01
CA MET B 144 -10.10 -6.37 31.97
C MET B 144 -9.68 -7.79 31.63
N ASP B 145 -8.39 -8.08 31.81
CA ASP B 145 -7.87 -9.43 31.63
C ASP B 145 -7.89 -10.19 32.96
N LEU B 146 -7.87 -11.53 32.88
CA LEU B 146 -8.04 -12.35 34.06
C LEU B 146 -7.12 -13.57 34.08
N SER B 147 -5.97 -13.50 33.43
CA SER B 147 -5.06 -14.65 33.43
C SER B 147 -4.38 -14.76 34.79
N TYR B 148 -3.43 -15.70 34.89
CA TYR B 148 -2.86 -15.99 36.20
C TYR B 148 -1.98 -14.86 36.71
N SER B 149 -1.39 -14.08 35.82
CA SER B 149 -0.50 -13.01 36.23
C SER B 149 -1.23 -11.71 36.57
N MET B 150 -2.56 -11.74 36.60
CA MET B 150 -3.38 -10.54 36.75
C MET B 150 -3.89 -10.34 38.16
N LYS B 151 -3.46 -11.22 39.09
CA LYS B 151 -4.11 -11.31 40.40
C LYS B 151 -3.93 -10.04 41.21
N ASP B 152 -2.70 -9.54 41.29
CA ASP B 152 -2.43 -8.34 42.07
C ASP B 152 -3.17 -7.13 41.51
N ASP B 153 -3.21 -7.00 40.19
CA ASP B 153 -3.94 -5.90 39.57
C ASP B 153 -5.41 -5.96 39.90
N LEU B 154 -5.99 -7.17 39.88
CA LEU B 154 -7.36 -7.31 40.35
C LEU B 154 -7.50 -6.82 41.78
N TRP B 155 -6.56 -7.20 42.64
CA TRP B 155 -6.67 -6.77 44.03
C TRP B 155 -6.48 -5.27 44.18
N SER B 156 -5.96 -4.60 43.15
CA SER B 156 -5.86 -3.15 43.18
C SER B 156 -7.06 -2.45 42.56
N ILE B 157 -7.68 -3.06 41.53
CA ILE B 157 -8.78 -2.44 40.82
C ILE B 157 -10.12 -2.64 41.54
N GLN B 158 -10.10 -3.33 42.68
CA GLN B 158 -11.33 -3.57 43.42
C GLN B 158 -12.03 -2.28 43.82
N ASN B 159 -11.32 -1.15 43.87
CA ASN B 159 -11.93 0.12 44.22
C ASN B 159 -11.99 1.09 43.05
N LEU B 160 -11.68 0.65 41.83
CA LEU B 160 -11.84 1.52 40.67
C LEU B 160 -13.32 1.75 40.38
N GLY B 161 -13.63 2.94 39.89
CA GLY B 161 -14.97 3.24 39.42
C GLY B 161 -15.64 4.38 40.15
N THR B 162 -15.54 4.41 41.49
CA THR B 162 -15.92 5.63 42.18
C THR B 162 -14.82 6.67 42.05
N LYS B 163 -13.57 6.23 41.96
CA LYS B 163 -12.47 7.16 41.72
C LYS B 163 -12.37 7.57 40.26
N LEU B 164 -13.08 6.89 39.34
CA LEU B 164 -13.19 7.40 37.98
C LEU B 164 -14.30 8.43 37.87
N ALA B 165 -15.44 8.18 38.51
CA ALA B 165 -16.52 9.15 38.52
C ALA B 165 -16.11 10.42 39.25
N THR B 166 -15.38 10.29 40.36
CA THR B 166 -14.96 11.46 41.11
C THR B 166 -14.22 12.45 40.22
N GLN B 167 -13.46 11.95 39.25
CA GLN B 167 -12.78 12.84 38.33
C GLN B 167 -13.69 13.28 37.19
N MET B 168 -14.37 12.32 36.55
CA MET B 168 -15.12 12.64 35.34
C MET B 168 -16.30 13.56 35.60
N ARG B 169 -16.71 13.73 36.87
CA ARG B 169 -17.73 14.71 37.20
C ARG B 169 -17.30 16.12 36.85
N LYS B 170 -15.99 16.34 36.65
CA LYS B 170 -15.50 17.64 36.20
C LYS B 170 -15.61 17.81 34.68
N LEU B 171 -15.57 16.72 33.93
CA LEU B 171 -15.47 16.81 32.47
C LEU B 171 -16.80 16.62 31.76
N THR B 172 -17.79 16.01 32.40
CA THR B 172 -19.11 15.82 31.83
C THR B 172 -20.11 15.67 32.96
N SER B 173 -21.39 15.75 32.63
CA SER B 173 -22.43 15.63 33.63
C SER B 173 -23.05 14.24 33.70
N ASN B 174 -23.02 13.47 32.62
CA ASN B 174 -23.63 12.14 32.58
C ASN B 174 -22.56 11.11 32.28
N LEU B 175 -22.33 10.21 33.23
CA LEU B 175 -21.30 9.18 33.10
C LEU B 175 -21.91 7.82 33.38
N ARG B 176 -21.56 6.84 32.54
CA ARG B 176 -21.95 5.46 32.76
C ARG B 176 -20.77 4.54 32.49
N ILE B 177 -20.59 3.55 33.37
CA ILE B 177 -19.44 2.67 33.37
C ILE B 177 -19.89 1.23 33.23
N GLY B 178 -19.03 0.40 32.64
CA GLY B 178 -19.29 -1.01 32.52
C GLY B 178 -18.08 -1.83 32.87
N PHE B 179 -18.29 -3.14 33.01
CA PHE B 179 -17.26 -4.07 33.43
C PHE B 179 -17.27 -5.30 32.54
N GLY B 180 -16.10 -5.94 32.43
CA GLY B 180 -15.95 -7.11 31.59
C GLY B 180 -14.90 -8.03 32.17
N ALA B 181 -14.52 -9.04 31.39
CA ALA B 181 -13.48 -9.99 31.75
C ALA B 181 -13.16 -10.83 30.52
N PHE B 182 -12.00 -11.49 30.54
CA PHE B 182 -11.63 -12.45 29.51
C PHE B 182 -10.37 -13.18 29.94
N VAL B 183 -10.21 -14.42 29.46
CA VAL B 183 -8.94 -15.11 29.61
C VAL B 183 -8.43 -15.61 28.27
N ASP B 184 -9.14 -16.55 27.67
CA ASP B 184 -8.70 -17.21 26.44
C ASP B 184 -9.76 -18.23 26.06
N LYS B 185 -9.55 -18.89 24.93
CA LYS B 185 -10.49 -19.90 24.49
C LYS B 185 -10.47 -21.08 25.45
N PRO B 186 -11.61 -21.49 25.98
CA PRO B 186 -11.64 -22.68 26.84
C PRO B 186 -11.46 -23.98 26.07
N VAL B 187 -10.22 -24.33 25.76
CA VAL B 187 -9.95 -25.50 24.94
C VAL B 187 -8.47 -25.86 24.99
N SER B 188 -8.17 -27.15 25.01
CA SER B 188 -6.79 -27.59 24.93
C SER B 188 -6.18 -27.24 23.58
N PRO B 189 -4.89 -26.87 23.54
CA PRO B 189 -3.90 -26.93 24.61
C PRO B 189 -3.82 -25.69 25.48
N TYR B 190 -4.78 -24.76 25.42
CA TYR B 190 -4.51 -23.49 26.08
C TYR B 190 -4.71 -23.54 27.59
N MET B 191 -5.21 -24.64 28.15
CA MET B 191 -5.35 -24.72 29.61
C MET B 191 -5.13 -26.13 30.13
N TYR B 192 -4.95 -26.22 31.45
CA TYR B 192 -4.58 -27.45 32.14
C TYR B 192 -5.82 -28.30 32.46
N ILE B 193 -5.71 -29.59 32.18
CA ILE B 193 -6.88 -30.46 32.17
C ILE B 193 -6.63 -31.78 32.90
N SER B 194 -5.38 -32.00 33.40
CA SER B 194 -5.28 -33.24 34.16
C SER B 194 -5.01 -32.95 35.62
N PRO B 195 -5.48 -33.79 36.55
CA PRO B 195 -6.21 -35.05 36.34
C PRO B 195 -7.59 -34.77 35.77
N PRO B 196 -8.37 -35.76 35.34
CA PRO B 196 -9.73 -35.49 34.87
C PRO B 196 -10.54 -34.64 35.84
N GLU B 197 -10.06 -34.55 37.08
CA GLU B 197 -10.60 -33.59 38.05
C GLU B 197 -10.03 -32.19 37.89
N ALA B 198 -9.04 -32.00 37.02
CA ALA B 198 -8.58 -30.66 36.69
C ALA B 198 -9.22 -30.10 35.42
N LEU B 199 -10.09 -30.86 34.76
CA LEU B 199 -10.91 -30.27 33.70
C LEU B 199 -11.75 -29.12 34.24
N GLU B 200 -12.27 -29.29 35.46
CA GLU B 200 -12.94 -28.19 36.14
C GLU B 200 -11.96 -27.26 36.83
N ASN B 201 -10.79 -27.75 37.23
CA ASN B 201 -9.84 -26.95 38.01
C ASN B 201 -8.43 -27.06 37.41
N PRO B 202 -8.13 -26.24 36.39
CA PRO B 202 -6.77 -26.23 35.82
C PRO B 202 -5.71 -25.75 36.79
N CYS B 203 -6.09 -25.56 38.05
CA CYS B 203 -5.29 -24.85 39.03
C CYS B 203 -4.85 -25.78 40.16
N TYR B 204 -4.78 -27.08 39.90
CA TYR B 204 -4.57 -28.06 40.94
C TYR B 204 -3.10 -28.35 41.22
N ASP B 205 -2.24 -28.31 40.20
CA ASP B 205 -0.83 -28.64 40.41
C ASP B 205 -0.20 -27.71 41.44
N MET B 206 -0.56 -26.44 41.40
CA MET B 206 -0.20 -25.53 42.47
C MET B 206 -1.20 -25.65 43.62
N LYS B 207 -0.74 -25.29 44.82
CA LYS B 207 -1.52 -25.56 46.02
C LYS B 207 -2.84 -24.79 46.03
N THR B 208 -2.80 -23.52 45.67
CA THR B 208 -4.03 -22.75 45.61
C THR B 208 -4.85 -23.14 44.38
N THR B 209 -6.15 -22.92 44.47
CA THR B 209 -7.09 -23.25 43.40
C THR B 209 -7.61 -21.96 42.78
N CYS B 210 -7.86 -22.00 41.48
CA CYS B 210 -8.38 -20.84 40.77
C CYS B 210 -9.35 -21.31 39.69
N LEU B 211 -10.14 -20.35 39.20
CA LEU B 211 -11.36 -20.62 38.47
C LEU B 211 -11.09 -21.25 37.10
N PRO B 212 -12.11 -21.87 36.50
CA PRO B 212 -11.90 -22.62 35.25
C PRO B 212 -11.69 -21.76 34.02
N MET B 213 -11.77 -22.46 32.89
CA MET B 213 -11.74 -21.87 31.57
C MET B 213 -12.85 -20.86 31.38
N PHE B 214 -12.58 -19.77 30.65
CA PHE B 214 -13.65 -18.97 30.07
C PHE B 214 -13.07 -17.95 29.09
N GLY B 215 -13.79 -17.70 28.00
CA GLY B 215 -13.34 -16.82 26.94
C GLY B 215 -13.67 -15.35 27.15
N TYR B 216 -14.93 -15.04 27.43
CA TYR B 216 -15.34 -13.67 27.73
C TYR B 216 -16.68 -13.74 28.44
N LYS B 217 -16.85 -12.93 29.48
CA LYS B 217 -18.10 -12.90 30.21
C LYS B 217 -18.46 -11.46 30.55
N HIS B 218 -19.44 -10.91 29.84
CA HIS B 218 -19.97 -9.61 30.21
C HIS B 218 -20.50 -9.69 31.64
N VAL B 219 -20.25 -8.65 32.42
CA VAL B 219 -20.59 -8.63 33.84
C VAL B 219 -21.67 -7.60 34.14
N LEU B 220 -21.40 -6.34 33.84
CA LEU B 220 -22.29 -5.23 34.20
C LEU B 220 -22.63 -4.42 32.97
N THR B 221 -23.88 -3.98 32.89
CA THR B 221 -24.30 -3.04 31.86
C THR B 221 -24.10 -1.61 32.33
N LEU B 222 -23.87 -0.71 31.37
CA LEU B 222 -23.54 0.67 31.70
C LEU B 222 -24.60 1.29 32.57
N THR B 223 -24.22 1.71 33.76
CA THR B 223 -25.16 2.15 34.77
C THR B 223 -24.81 3.55 35.26
N ASP B 224 -25.85 4.31 35.58
CA ASP B 224 -25.65 5.60 36.22
C ASP B 224 -25.06 5.42 37.62
N GLN B 225 -25.56 4.48 38.39
CA GLN B 225 -25.05 4.26 39.74
C GLN B 225 -23.66 3.66 39.64
N VAL B 226 -22.64 4.48 39.85
CA VAL B 226 -21.26 4.04 39.66
C VAL B 226 -20.86 2.95 40.64
N THR B 227 -21.53 2.87 41.78
CA THR B 227 -21.19 1.87 42.79
C THR B 227 -21.38 0.45 42.28
N ARG B 228 -22.16 0.27 41.22
CA ARG B 228 -22.44 -1.08 40.72
C ARG B 228 -21.18 -1.72 40.16
N PHE B 229 -20.31 -0.93 39.51
CA PHE B 229 -19.04 -1.46 39.04
C PHE B 229 -18.18 -1.96 40.19
N ASN B 230 -18.11 -1.19 41.29
CA ASN B 230 -17.37 -1.64 42.46
C ASN B 230 -17.96 -2.91 43.04
N GLU B 231 -19.28 -2.99 43.13
CA GLU B 231 -19.91 -4.21 43.64
C GLU B 231 -19.58 -5.41 42.76
N GLU B 232 -19.58 -5.22 41.44
CA GLU B 232 -19.40 -6.36 40.55
C GLU B 232 -17.96 -6.84 40.50
N VAL B 233 -16.98 -5.94 40.58
CA VAL B 233 -15.59 -6.37 40.41
C VAL B 233 -15.11 -7.18 41.61
N LYS B 234 -15.63 -6.90 42.80
CA LYS B 234 -15.18 -7.63 43.99
C LYS B 234 -15.40 -9.12 43.84
N LYS B 235 -16.55 -9.51 43.31
CA LYS B 235 -16.95 -10.91 43.26
C LYS B 235 -16.22 -11.69 42.17
N GLN B 236 -15.51 -11.01 41.28
CA GLN B 236 -14.72 -11.71 40.27
C GLN B 236 -13.51 -12.38 40.91
N SER B 237 -12.90 -13.29 40.17
CA SER B 237 -11.68 -13.94 40.65
C SER B 237 -10.87 -14.45 39.47
N VAL B 238 -9.58 -14.61 39.71
CA VAL B 238 -8.61 -14.89 38.66
C VAL B 238 -8.76 -16.32 38.18
N SER B 239 -8.45 -16.54 36.90
CA SER B 239 -8.37 -17.87 36.31
C SER B 239 -6.92 -18.19 35.97
N ARG B 240 -6.71 -19.34 35.35
CA ARG B 240 -5.38 -19.74 34.92
C ARG B 240 -5.41 -20.33 33.53
N ASN B 241 -4.38 -20.02 32.74
CA ASN B 241 -4.18 -20.61 31.43
C ASN B 241 -2.78 -21.17 31.38
N ARG B 242 -2.37 -21.62 30.20
CA ARG B 242 -1.04 -22.17 30.00
C ARG B 242 -0.08 -21.20 29.30
N ASP B 243 -0.45 -20.72 28.11
CA ASP B 243 0.45 -19.88 27.34
C ASP B 243 0.32 -18.42 27.77
N ALA B 244 1.37 -17.63 27.52
CA ALA B 244 1.39 -16.24 27.95
C ALA B 244 0.34 -15.36 27.27
N PRO B 245 0.17 -15.38 25.94
CA PRO B 245 -0.85 -14.52 25.34
C PRO B 245 -2.26 -14.89 25.76
N GLU B 246 -3.16 -13.92 25.68
CA GLU B 246 -4.52 -14.08 26.15
C GLU B 246 -5.51 -13.70 25.06
N GLY B 247 -6.78 -14.04 25.29
CA GLY B 247 -7.86 -13.73 24.36
C GLY B 247 -8.63 -12.46 24.66
N GLY B 248 -8.04 -11.31 24.39
CA GLY B 248 -8.73 -10.05 24.61
C GLY B 248 -9.53 -9.56 23.44
N PHE B 249 -9.07 -9.87 22.22
CA PHE B 249 -9.70 -9.33 21.02
C PHE B 249 -11.14 -9.81 20.88
N ASP B 250 -11.40 -11.06 21.23
CA ASP B 250 -12.78 -11.56 21.26
C ASP B 250 -13.64 -10.74 22.21
N ALA B 251 -13.13 -10.44 23.40
CA ALA B 251 -13.87 -9.65 24.36
C ALA B 251 -14.15 -8.25 23.84
N ILE B 252 -13.17 -7.64 23.17
CA ILE B 252 -13.39 -6.30 22.65
C ILE B 252 -14.47 -6.31 21.57
N MET B 253 -14.39 -7.27 20.65
CA MET B 253 -15.39 -7.33 19.59
C MET B 253 -16.79 -7.55 20.15
N GLN B 254 -16.91 -8.45 21.12
CA GLN B 254 -18.24 -8.71 21.70
C GLN B 254 -18.75 -7.51 22.48
N ALA B 255 -17.87 -6.79 23.16
CA ALA B 255 -18.28 -5.57 23.85
C ALA B 255 -18.76 -4.52 22.86
N THR B 256 -18.16 -4.51 21.67
CA THR B 256 -18.56 -3.54 20.64
C THR B 256 -19.92 -3.89 20.05
N VAL B 257 -20.11 -5.14 19.63
CA VAL B 257 -21.19 -5.47 18.71
C VAL B 257 -22.53 -5.59 19.43
N CYS B 258 -22.54 -6.11 20.65
CA CYS B 258 -23.80 -6.19 21.38
C CYS B 258 -24.29 -4.83 21.85
N ASP B 259 -24.74 -3.99 20.92
CA ASP B 259 -25.18 -2.64 21.27
C ASP B 259 -26.26 -2.68 22.33
N GLU B 260 -27.25 -3.55 22.15
CA GLU B 260 -28.37 -3.60 23.08
C GLU B 260 -27.92 -4.12 24.44
N LYS B 261 -27.02 -5.11 24.45
CA LYS B 261 -26.64 -5.76 25.69
C LYS B 261 -25.78 -4.85 26.56
N ILE B 262 -24.78 -4.19 25.96
CA ILE B 262 -23.89 -3.33 26.72
C ILE B 262 -24.66 -2.17 27.35
N GLY B 263 -25.53 -1.56 26.57
CA GLY B 263 -26.26 -0.38 26.99
C GLY B 263 -25.79 0.91 26.39
N TRP B 264 -25.22 0.88 25.19
CA TRP B 264 -24.64 2.09 24.61
C TRP B 264 -25.69 3.18 24.48
N ARG B 265 -25.27 4.42 24.72
CA ARG B 265 -26.07 5.58 24.35
C ARG B 265 -25.76 5.96 22.90
N ASN B 266 -26.62 6.80 22.34
CA ASN B 266 -26.35 7.30 20.99
C ASN B 266 -25.78 8.72 21.01
N ASP B 267 -26.26 9.56 21.92
CA ASP B 267 -25.74 10.90 22.10
C ASP B 267 -24.82 10.92 23.33
N ALA B 268 -23.62 10.38 23.15
CA ALA B 268 -22.63 10.33 24.23
C ALA B 268 -21.28 9.97 23.62
N SER B 269 -20.27 9.87 24.49
CA SER B 269 -18.93 9.46 24.11
C SER B 269 -18.65 8.06 24.62
N HIS B 270 -18.28 7.16 23.70
CA HIS B 270 -18.04 5.76 24.03
C HIS B 270 -16.55 5.54 24.24
N LEU B 271 -16.17 5.14 25.46
CA LEU B 271 -14.79 4.84 25.79
C LEU B 271 -14.68 3.37 26.19
N LEU B 272 -13.69 2.68 25.64
CA LEU B 272 -13.48 1.25 25.90
C LEU B 272 -12.08 1.07 26.46
N VAL B 273 -11.98 0.76 27.75
CA VAL B 273 -10.71 0.60 28.44
C VAL B 273 -10.33 -0.87 28.44
N PHE B 274 -9.14 -1.17 27.91
CA PHE B 274 -8.72 -2.54 27.62
C PHE B 274 -7.38 -2.84 28.30
N THR B 275 -7.43 -3.36 29.53
CA THR B 275 -6.23 -3.55 30.33
C THR B 275 -5.70 -4.98 30.15
N THR B 276 -4.39 -5.12 30.24
CA THR B 276 -3.74 -6.43 30.17
C THR B 276 -2.33 -6.27 30.74
N ASP B 277 -1.58 -7.38 30.77
CA ASP B 277 -0.18 -7.30 31.15
C ASP B 277 0.69 -8.27 30.35
N ALA B 278 0.23 -8.77 29.22
CA ALA B 278 1.02 -9.66 28.39
C ALA B 278 0.59 -9.47 26.95
N LYS B 279 1.12 -10.31 26.07
CA LYS B 279 0.67 -10.29 24.69
C LYS B 279 -0.82 -10.63 24.62
N THR B 280 -1.42 -10.40 23.46
CA THR B 280 -2.82 -10.72 23.25
C THR B 280 -2.95 -11.55 21.97
N HIS B 281 -3.71 -12.63 22.06
CA HIS B 281 -3.89 -13.52 20.93
C HIS B 281 -4.59 -12.78 19.79
N ILE B 282 -4.22 -13.10 18.56
CA ILE B 282 -4.84 -12.51 17.39
C ILE B 282 -5.55 -13.61 16.62
N ALA B 283 -6.15 -13.25 15.49
CA ALA B 283 -6.82 -14.25 14.66
C ALA B 283 -5.81 -15.27 14.17
N LEU B 284 -6.30 -16.45 13.82
CA LEU B 284 -5.55 -17.60 13.32
C LEU B 284 -4.63 -18.20 14.37
N ASP B 285 -4.50 -17.59 15.55
CA ASP B 285 -3.84 -18.24 16.67
C ASP B 285 -4.66 -19.38 17.21
N GLY B 286 -5.95 -19.41 16.94
CA GLY B 286 -6.82 -20.43 17.48
C GLY B 286 -6.77 -21.75 16.78
N ARG B 287 -5.98 -21.87 15.72
CA ARG B 287 -5.85 -23.15 15.04
C ARG B 287 -5.19 -24.20 15.91
N LEU B 288 -4.42 -23.80 16.92
CA LEU B 288 -3.75 -24.75 17.79
C LEU B 288 -4.74 -25.59 18.59
N ALA B 289 -6.01 -25.19 18.62
CA ALA B 289 -7.07 -25.97 19.25
C ALA B 289 -8.03 -26.58 18.25
N GLY B 290 -7.83 -26.36 16.96
CA GLY B 290 -8.76 -26.82 15.95
C GLY B 290 -9.94 -25.91 15.72
N ILE B 291 -9.93 -24.71 16.30
CA ILE B 291 -11.01 -23.75 16.16
C ILE B 291 -10.74 -22.91 14.92
N VAL B 292 -11.51 -23.15 13.86
CA VAL B 292 -11.17 -22.64 12.54
C VAL B 292 -12.25 -21.76 11.95
N GLN B 293 -13.44 -21.70 12.54
CA GLN B 293 -14.49 -20.85 11.99
C GLN B 293 -14.17 -19.39 12.24
N PRO B 294 -14.01 -18.57 11.20
CA PRO B 294 -13.64 -17.16 11.41
C PRO B 294 -14.77 -16.38 12.05
N ASN B 295 -14.39 -15.33 12.77
CA ASN B 295 -15.34 -14.53 13.53
C ASN B 295 -16.27 -13.79 12.59
N ASP B 296 -17.58 -13.95 12.80
CA ASP B 296 -18.55 -13.39 11.86
C ASP B 296 -18.81 -11.91 12.10
N GLY B 297 -18.41 -11.38 13.24
CA GLY B 297 -18.65 -10.00 13.56
C GLY B 297 -19.92 -9.75 14.36
N GLN B 298 -20.88 -10.67 14.30
CA GLN B 298 -22.06 -10.56 15.13
C GLN B 298 -21.67 -10.75 16.59
N CYS B 299 -22.62 -10.61 17.50
CA CYS B 299 -22.34 -10.83 18.90
C CYS B 299 -23.19 -11.96 19.43
N HIS B 300 -22.55 -12.93 20.10
CA HIS B 300 -23.16 -14.20 20.49
C HIS B 300 -23.28 -14.31 22.00
N VAL B 301 -23.44 -13.18 22.68
CA VAL B 301 -23.56 -13.17 24.12
C VAL B 301 -25.03 -13.49 24.43
N GLY B 302 -25.26 -14.73 24.86
CA GLY B 302 -26.62 -15.22 25.07
C GLY B 302 -27.30 -14.65 26.29
N SER B 303 -28.22 -15.40 26.87
CA SER B 303 -28.92 -14.98 28.08
C SER B 303 -28.11 -15.25 29.34
N ASP B 304 -27.00 -15.97 29.24
CA ASP B 304 -26.10 -16.20 30.36
C ASP B 304 -24.87 -15.31 30.31
N ASN B 305 -24.88 -14.31 29.43
CA ASN B 305 -23.83 -13.29 29.37
C ASN B 305 -22.47 -13.87 29.04
N HIS B 306 -22.43 -15.09 28.54
CA HIS B 306 -21.17 -15.77 28.23
C HIS B 306 -20.99 -15.83 26.72
N TYR B 307 -19.77 -15.58 26.27
CA TYR B 307 -19.48 -15.66 24.84
C TYR B 307 -19.62 -17.11 24.43
N SER B 308 -20.79 -17.44 23.86
CA SER B 308 -21.14 -18.85 23.67
C SER B 308 -20.25 -19.53 22.64
N ALA B 309 -20.01 -18.88 21.51
CA ALA B 309 -19.22 -19.49 20.45
C ALA B 309 -17.73 -19.35 20.69
N SER B 310 -17.33 -19.19 21.95
CA SER B 310 -15.93 -18.96 22.27
C SER B 310 -15.06 -20.12 21.81
N THR B 311 -15.51 -21.34 22.05
CA THR B 311 -14.76 -22.54 21.69
C THR B 311 -15.00 -22.99 20.26
N THR B 312 -15.82 -22.26 19.50
CA THR B 312 -16.11 -22.63 18.13
C THR B 312 -15.84 -21.53 17.12
N MET B 313 -15.51 -20.32 17.56
CA MET B 313 -15.24 -19.21 16.68
C MET B 313 -13.83 -18.70 16.90
N ASP B 314 -13.16 -18.35 15.81
CA ASP B 314 -11.77 -17.93 15.85
C ASP B 314 -11.63 -16.57 16.53
N TYR B 315 -10.39 -16.12 16.68
CA TYR B 315 -10.14 -14.77 17.16
C TYR B 315 -10.42 -13.74 16.07
N PRO B 316 -10.60 -12.45 16.48
CA PRO B 316 -10.97 -11.36 15.58
C PRO B 316 -9.83 -10.63 14.88
N SER B 317 -9.98 -10.26 13.61
CA SER B 317 -8.84 -9.69 12.83
C SER B 317 -8.47 -8.31 13.35
N LEU B 318 -7.90 -7.45 12.49
CA LEU B 318 -7.65 -6.04 12.93
C LEU B 318 -8.53 -5.05 12.15
N GLY B 319 -9.00 -5.41 10.96
CA GLY B 319 -9.92 -4.54 10.24
C GLY B 319 -11.35 -4.64 10.71
N LEU B 320 -11.79 -5.86 11.03
CA LEU B 320 -13.11 -6.03 11.64
C LEU B 320 -13.17 -5.25 12.93
N MET B 321 -12.12 -5.35 13.74
CA MET B 321 -12.00 -4.58 14.96
C MET B 321 -12.20 -3.10 14.69
N THR B 322 -11.47 -2.58 13.71
CA THR B 322 -11.51 -1.14 13.43
C THR B 322 -12.88 -0.69 12.96
N GLU B 323 -13.49 -1.43 12.03
CA GLU B 323 -14.77 -0.97 11.50
C GLU B 323 -15.86 -1.08 12.55
N LYS B 324 -15.79 -2.09 13.44
CA LYS B 324 -16.81 -2.18 14.48
C LYS B 324 -16.63 -1.09 15.52
N LEU B 325 -15.39 -0.70 15.81
CA LEU B 325 -15.19 0.44 16.70
C LEU B 325 -15.69 1.74 16.06
N SER B 326 -15.50 1.88 14.75
CA SER B 326 -15.96 3.07 14.05
C SER B 326 -17.48 3.17 14.06
N GLN B 327 -18.17 2.11 13.64
CA GLN B 327 -19.60 2.19 13.41
C GLN B 327 -20.35 2.52 14.71
N LYS B 328 -19.91 1.94 15.81
CA LYS B 328 -20.56 2.18 17.08
C LYS B 328 -19.99 3.39 17.80
N ASN B 329 -19.11 4.15 17.14
CA ASN B 329 -18.50 5.35 17.70
C ASN B 329 -17.77 5.04 19.00
N ILE B 330 -16.92 4.01 18.94
CA ILE B 330 -16.24 3.48 20.10
C ILE B 330 -14.81 4.00 20.09
N ASN B 331 -14.33 4.45 21.24
CA ASN B 331 -12.95 4.87 21.41
C ASN B 331 -12.22 3.88 22.30
N LEU B 332 -11.06 3.43 21.85
CA LEU B 332 -10.28 2.38 22.51
C LEU B 332 -9.08 2.97 23.21
N ILE B 333 -8.88 2.58 24.47
CA ILE B 333 -7.76 3.04 25.29
C ILE B 333 -7.01 1.82 25.79
N PHE B 334 -5.84 1.52 25.18
CA PHE B 334 -5.08 0.30 25.55
C PHE B 334 -4.44 0.61 26.91
N ALA B 335 -3.92 -0.34 27.65
CA ALA B 335 -3.36 0.05 28.97
C ALA B 335 -2.33 -0.99 29.37
N VAL B 336 -1.54 -1.41 28.39
CA VAL B 336 -0.48 -2.42 28.58
C VAL B 336 0.46 -2.13 29.74
N THR B 337 1.37 -3.09 30.02
CA THR B 337 2.42 -2.88 31.05
C THR B 337 3.70 -2.66 30.24
N GLU B 338 4.63 -1.89 30.77
CA GLU B 338 5.80 -1.50 29.96
C GLU B 338 6.33 -2.70 29.27
N ASN B 339 6.24 -3.83 29.93
CA ASN B 339 6.86 -5.03 29.32
C ASN B 339 6.37 -5.07 27.88
N VAL B 340 5.28 -4.36 27.56
CA VAL B 340 4.75 -4.53 26.18
C VAL B 340 4.36 -3.20 25.49
N VAL B 341 4.36 -2.06 26.19
CA VAL B 341 3.85 -0.85 25.51
C VAL B 341 4.33 -0.87 24.08
N ASN B 342 5.61 -1.03 23.86
CA ASN B 342 6.13 -0.85 22.47
C ASN B 342 5.36 -1.75 21.52
N LEU B 343 4.74 -2.80 22.02
CA LEU B 343 3.89 -3.61 21.12
C LEU B 343 2.58 -2.85 20.91
N TYR B 344 1.84 -2.55 21.98
CA TYR B 344 0.50 -1.89 21.89
C TYR B 344 0.58 -0.55 21.15
N GLN B 345 1.47 0.37 21.54
CA GLN B 345 1.64 1.61 20.76
C GLN B 345 2.03 1.24 19.34
N ASN B 346 2.59 0.07 19.13
CA ASN B 346 2.87 -0.27 17.72
C ASN B 346 1.54 -0.70 17.14
N TYR B 347 0.53 -0.84 18.00
CA TYR B 347 -0.83 -1.25 17.54
C TYR B 347 -1.78 -0.04 17.45
N SER B 348 -1.98 0.70 18.53
CA SER B 348 -2.90 1.85 18.54
C SER B 348 -2.54 2.84 17.43
N GLU B 349 -1.66 2.44 16.53
CA GLU B 349 -1.24 3.29 15.41
C GLU B 349 -1.72 2.64 14.12
N LEU B 350 -2.19 1.40 14.22
CA LEU B 350 -2.81 0.79 13.02
C LEU B 350 -4.30 0.73 13.33
N ILE B 351 -4.73 1.52 14.32
CA ILE B 351 -6.17 1.59 14.68
C ILE B 351 -6.49 3.01 15.13
N PRO B 352 -6.91 3.94 14.24
CA PRO B 352 -7.15 5.33 14.62
C PRO B 352 -8.11 5.43 15.80
N GLY B 353 -8.08 6.59 16.44
CA GLY B 353 -8.91 6.81 17.60
C GLY B 353 -8.49 6.02 18.81
N THR B 354 -7.25 5.53 18.85
CA THR B 354 -6.77 4.69 19.93
C THR B 354 -5.59 5.35 20.63
N THR B 355 -5.49 5.10 21.93
CA THR B 355 -4.44 5.68 22.76
CA THR B 355 -4.42 5.68 22.74
C THR B 355 -3.85 4.61 23.66
N VAL B 356 -2.52 4.54 23.72
CA VAL B 356 -1.81 3.54 24.52
C VAL B 356 -1.28 4.21 25.77
N GLY B 357 -0.95 3.40 26.78
CA GLY B 357 -0.43 3.95 28.01
C GLY B 357 0.49 2.98 28.71
N VAL B 358 1.14 3.49 29.74
CA VAL B 358 1.91 2.67 30.66
C VAL B 358 1.03 2.33 31.84
N LEU B 359 0.90 1.05 32.14
CA LEU B 359 0.19 0.59 33.33
C LEU B 359 1.18 -0.08 34.26
N SER B 360 1.22 0.37 35.51
CA SER B 360 2.13 -0.22 36.47
C SER B 360 1.73 -1.67 36.74
N MET B 361 2.70 -2.45 37.24
CA MET B 361 2.42 -3.85 37.53
C MET B 361 1.35 -3.97 38.61
N ASP B 362 1.46 -3.15 39.66
CA ASP B 362 0.39 -3.10 40.66
C ASP B 362 -0.90 -2.56 40.06
N SER B 363 -0.81 -1.82 38.97
CA SER B 363 -1.97 -1.21 38.30
C SER B 363 -2.65 -0.18 39.21
N SER B 364 -1.89 0.82 39.62
CA SER B 364 -2.43 1.96 40.37
C SER B 364 -2.44 3.24 39.55
N ASN B 365 -2.16 3.16 38.25
CA ASN B 365 -2.09 4.35 37.40
C ASN B 365 -3.14 4.38 36.31
N VAL B 366 -4.06 3.42 36.26
CA VAL B 366 -5.01 3.40 35.16
C VAL B 366 -5.98 4.58 35.25
N LEU B 367 -6.17 5.12 36.46
CA LEU B 367 -7.04 6.29 36.62
C LEU B 367 -6.51 7.49 35.85
N GLN B 368 -5.32 7.96 36.22
CA GLN B 368 -4.75 9.12 35.56
C GLN B 368 -4.51 8.84 34.09
N LEU B 369 -4.20 7.60 33.75
CA LEU B 369 -4.09 7.23 32.34
C LEU B 369 -5.39 7.45 31.61
N ILE B 370 -6.51 7.09 32.23
CA ILE B 370 -7.78 7.21 31.53
C ILE B 370 -8.18 8.68 31.39
N VAL B 371 -7.89 9.49 32.40
CA VAL B 371 -8.19 10.91 32.29
C VAL B 371 -7.33 11.56 31.21
N ASP B 372 -6.04 11.24 31.18
CA ASP B 372 -5.18 11.78 30.12
C ASP B 372 -5.64 11.30 28.75
N ALA B 373 -6.12 10.07 28.66
CA ALA B 373 -6.61 9.56 27.38
C ALA B 373 -7.87 10.28 26.95
N TYR B 374 -8.75 10.62 27.90
CA TYR B 374 -9.94 11.40 27.55
C TYR B 374 -9.55 12.79 27.07
N GLY B 375 -8.60 13.43 27.75
CA GLY B 375 -8.13 14.72 27.28
C GLY B 375 -7.52 14.63 25.89
N LYS B 376 -6.83 13.53 25.61
CA LYS B 376 -6.19 13.35 24.32
C LYS B 376 -7.20 13.08 23.21
N ILE B 377 -8.19 12.23 23.46
CA ILE B 377 -9.10 11.85 22.38
C ILE B 377 -9.93 13.04 21.93
N ARG B 378 -10.30 13.91 22.87
CA ARG B 378 -11.08 15.09 22.52
C ARG B 378 -10.22 16.17 21.88
N SER B 379 -8.93 16.20 22.20
CA SER B 379 -8.05 17.21 21.62
C SER B 379 -8.04 17.12 20.10
N LYS B 380 -7.77 15.93 19.59
CA LYS B 380 -7.74 15.72 18.14
C LYS B 380 -9.16 15.79 17.60
N VAL B 381 -9.32 16.48 16.47
CA VAL B 381 -10.63 16.69 15.85
C VAL B 381 -10.48 16.40 14.36
N GLU B 382 -10.79 15.19 13.95
CA GLU B 382 -10.64 14.77 12.57
C GLU B 382 -12.02 14.52 11.96
N LEU B 383 -12.16 14.79 10.67
CA LEU B 383 -13.42 14.63 9.96
C LEU B 383 -13.32 13.45 9.01
N GLU B 384 -14.27 12.53 9.10
CA GLU B 384 -14.32 11.38 8.21
C GLU B 384 -15.54 11.46 7.30
N VAL B 385 -15.37 11.01 6.07
CA VAL B 385 -16.41 11.04 5.05
C VAL B 385 -16.85 9.62 4.74
N ARG B 386 -18.14 9.37 4.83
CA ARG B 386 -18.71 8.06 4.63
C ARG B 386 -19.69 8.09 3.47
N ASP B 387 -19.82 6.96 2.79
CA ASP B 387 -20.73 6.84 1.65
C ASP B 387 -20.49 7.93 0.62
N LEU B 388 -19.25 8.39 0.49
CA LEU B 388 -18.95 9.39 -0.51
C LEU B 388 -18.85 8.71 -1.88
N PRO B 389 -19.67 9.09 -2.85
CA PRO B 389 -19.60 8.46 -4.17
C PRO B 389 -18.25 8.70 -4.84
N GLU B 390 -17.88 7.76 -5.71
CA GLU B 390 -16.57 7.80 -6.33
C GLU B 390 -16.38 9.05 -7.17
N GLU B 391 -17.45 9.50 -7.84
CA GLU B 391 -17.35 10.69 -8.68
C GLU B 391 -17.20 11.98 -7.90
N LEU B 392 -17.31 11.94 -6.57
CA LEU B 392 -17.17 13.12 -5.74
C LEU B 392 -15.85 13.08 -4.98
N SER B 393 -15.20 14.25 -4.88
CA SER B 393 -13.96 14.41 -4.14
C SER B 393 -14.05 15.66 -3.28
N LEU B 394 -13.55 15.55 -2.05
CA LEU B 394 -13.65 16.69 -1.12
C LEU B 394 -12.24 17.18 -0.77
N SER B 395 -11.91 18.45 -0.98
CA SER B 395 -10.62 18.98 -0.51
C SER B 395 -10.86 19.83 0.74
N PHE B 396 -10.30 19.46 1.89
CA PHE B 396 -10.59 20.23 3.12
C PHE B 396 -9.67 21.46 3.14
N ASN B 397 -9.51 22.16 4.26
CA ASN B 397 -8.74 23.43 4.21
C ASN B 397 -8.95 23.99 5.58
N ALA B 398 -8.33 23.35 6.52
CA ALA B 398 -8.68 23.73 7.87
C ALA B 398 -8.59 25.21 8.07
N THR B 399 -8.95 25.62 9.27
CA THR B 399 -8.82 27.03 9.66
C THR B 399 -9.06 27.02 11.17
N CYS B 400 -8.23 26.28 11.90
CA CYS B 400 -8.42 26.09 13.37
C CYS B 400 -8.51 27.39 14.18
N LEU B 401 -7.90 27.40 15.38
CA LEU B 401 -8.05 28.56 16.30
C LEU B 401 -7.12 29.73 15.93
N ASN B 402 -7.66 30.93 15.71
CA ASN B 402 -6.90 32.12 15.25
C ASN B 402 -7.42 32.40 13.82
N ASN B 403 -6.63 32.17 12.77
CA ASN B 403 -7.17 32.28 11.38
C ASN B 403 -6.35 31.38 10.47
N GLU B 404 -5.46 30.59 11.07
CA GLU B 404 -4.66 29.62 10.30
C GLU B 404 -5.49 29.02 9.21
N VAL B 405 -5.67 29.72 8.12
CA VAL B 405 -6.38 29.06 7.00
C VAL B 405 -5.40 28.02 6.46
N ILE B 406 -5.10 27.00 7.25
CA ILE B 406 -4.06 26.02 6.93
C ILE B 406 -4.51 25.20 5.72
N PRO B 407 -4.04 25.51 4.53
CA PRO B 407 -4.45 24.74 3.36
C PRO B 407 -4.00 23.29 3.45
N GLY B 408 -4.80 22.42 2.84
CA GLY B 408 -4.52 20.99 2.82
C GLY B 408 -4.59 20.30 4.16
N LEU B 409 -5.46 20.75 5.04
CA LEU B 409 -5.58 20.18 6.37
C LEU B 409 -7.05 19.96 6.70
N LYS B 410 -7.35 18.82 7.33
CA LYS B 410 -8.71 18.43 7.68
C LYS B 410 -8.84 18.03 9.14
N SER B 411 -7.90 18.46 9.99
CA SER B 411 -7.96 18.10 11.40
C SER B 411 -7.12 19.10 12.20
N CYS B 412 -7.50 19.31 13.44
CA CYS B 412 -6.80 20.23 14.33
C CYS B 412 -6.55 19.58 15.67
N MET B 413 -5.49 20.03 16.33
CA MET B 413 -5.09 19.55 17.64
C MET B 413 -5.13 20.72 18.61
N GLY B 414 -4.69 20.47 19.83
CA GLY B 414 -4.59 21.53 20.81
C GLY B 414 -5.91 22.20 21.14
N LEU B 415 -7.02 21.57 20.79
CA LEU B 415 -8.31 22.14 21.11
C LEU B 415 -8.55 22.08 22.62
N LYS B 416 -9.41 22.97 23.09
CA LYS B 416 -9.91 22.92 24.45
C LYS B 416 -11.42 22.72 24.40
N ILE B 417 -11.96 22.21 25.51
CA ILE B 417 -13.38 21.89 25.54
C ILE B 417 -14.17 23.18 25.57
N GLY B 418 -15.10 23.33 24.63
CA GLY B 418 -15.78 24.58 24.37
C GLY B 418 -15.27 25.31 23.15
N ASP B 419 -14.13 24.91 22.60
CA ASP B 419 -13.59 25.59 21.43
C ASP B 419 -14.45 25.30 20.20
N THR B 420 -14.36 26.21 19.24
CA THR B 420 -15.01 26.06 17.94
C THR B 420 -13.97 26.11 16.85
N VAL B 421 -14.16 25.27 15.83
CA VAL B 421 -13.30 25.25 14.66
C VAL B 421 -14.18 25.45 13.45
N SER B 422 -13.55 25.75 12.33
CA SER B 422 -14.24 25.94 11.07
C SER B 422 -13.46 25.24 9.96
N PHE B 423 -14.15 24.91 8.89
CA PHE B 423 -13.53 24.23 7.77
C PHE B 423 -14.02 24.87 6.48
N SER B 424 -13.27 24.65 5.40
CA SER B 424 -13.69 25.03 4.06
C SER B 424 -13.62 23.78 3.21
N ILE B 425 -14.75 23.12 3.01
CA ILE B 425 -14.83 21.88 2.27
C ILE B 425 -15.48 22.15 0.93
N GLU B 426 -14.86 21.66 -0.13
CA GLU B 426 -15.36 21.86 -1.49
C GLU B 426 -15.41 20.52 -2.20
N ALA B 427 -16.54 20.22 -2.83
CA ALA B 427 -16.78 18.96 -3.50
C ALA B 427 -16.80 19.17 -5.00
N LYS B 428 -16.12 18.30 -5.73
CA LYS B 428 -16.10 18.33 -7.19
C LYS B 428 -16.68 17.03 -7.73
N VAL B 429 -17.58 17.14 -8.70
CA VAL B 429 -18.25 15.98 -9.30
C VAL B 429 -17.62 15.69 -10.65
N ARG B 430 -17.45 14.41 -10.96
CA ARG B 430 -16.85 13.98 -12.23
C ARG B 430 -17.98 13.48 -13.14
N GLY B 431 -18.56 14.41 -13.90
CA GLY B 431 -19.64 14.09 -14.80
C GLY B 431 -21.00 14.39 -14.21
N CYS B 432 -22.04 13.99 -14.95
CA CYS B 432 -23.42 14.11 -14.49
C CYS B 432 -23.93 12.70 -14.23
N PRO B 433 -23.87 12.23 -12.98
CA PRO B 433 -24.21 10.82 -12.71
C PRO B 433 -25.68 10.52 -12.94
N GLN B 434 -25.95 9.24 -13.20
CA GLN B 434 -27.30 8.80 -13.51
C GLN B 434 -28.23 8.98 -12.30
N GLU B 435 -27.71 8.77 -11.09
CA GLU B 435 -28.52 8.90 -9.90
C GLU B 435 -28.76 10.37 -9.60
N LYS B 436 -30.01 10.81 -9.71
CA LYS B 436 -30.32 12.22 -9.51
C LYS B 436 -30.04 12.66 -8.08
N GLU B 437 -30.36 11.82 -7.11
CA GLU B 437 -30.21 12.13 -5.69
C GLU B 437 -29.26 11.14 -5.06
N LYS B 438 -28.12 11.65 -4.58
CA LYS B 438 -27.15 10.85 -3.85
C LYS B 438 -26.76 11.60 -2.59
N SER B 439 -26.24 10.87 -1.61
CA SER B 439 -25.95 11.46 -0.31
C SER B 439 -24.69 10.87 0.28
N PHE B 440 -24.05 11.65 1.16
CA PHE B 440 -22.92 11.18 1.95
C PHE B 440 -22.86 11.98 3.23
N THR B 441 -22.06 11.52 4.17
CA THR B 441 -22.00 12.08 5.51
C THR B 441 -20.60 12.52 5.84
N ILE B 442 -20.49 13.65 6.54
CA ILE B 442 -19.22 14.16 7.07
C ILE B 442 -19.38 14.29 8.58
N LYS B 443 -18.53 13.61 9.32
CA LYS B 443 -18.77 13.38 10.72
C LYS B 443 -17.52 13.57 11.58
N PRO B 444 -17.65 14.19 12.74
CA PRO B 444 -16.53 14.22 13.69
C PRO B 444 -16.33 12.86 14.35
N VAL B 445 -15.07 12.58 14.69
CA VAL B 445 -14.69 11.27 15.18
C VAL B 445 -15.42 10.98 16.48
N GLY B 446 -16.15 9.87 16.52
CA GLY B 446 -16.78 9.42 17.75
C GLY B 446 -17.78 10.38 18.33
N PHE B 447 -18.50 11.12 17.50
CA PHE B 447 -19.51 12.06 17.97
C PHE B 447 -20.80 11.83 17.21
N LYS B 448 -21.93 12.02 17.89
CA LYS B 448 -23.22 11.69 17.29
C LYS B 448 -23.51 12.57 16.07
N ASP B 449 -23.66 13.87 16.29
CA ASP B 449 -24.20 14.74 15.26
C ASP B 449 -23.26 14.86 14.08
N SER B 450 -23.82 14.85 12.88
CA SER B 450 -23.02 14.90 11.67
C SER B 450 -23.86 15.45 10.53
N LEU B 451 -23.17 15.85 9.45
CA LEU B 451 -23.77 16.55 8.33
C LEU B 451 -24.24 15.56 7.28
N ILE B 452 -25.47 15.75 6.80
CA ILE B 452 -26.05 14.92 5.75
C ILE B 452 -26.13 15.76 4.50
N VAL B 453 -25.56 15.28 3.40
CA VAL B 453 -25.39 16.07 2.20
C VAL B 453 -26.35 15.57 1.13
N GLN B 454 -27.33 16.39 0.78
CA GLN B 454 -28.25 16.09 -0.30
C GLN B 454 -27.64 16.65 -1.59
N VAL B 455 -27.20 15.76 -2.46
CA VAL B 455 -26.51 16.11 -3.69
C VAL B 455 -27.48 15.95 -4.84
N THR B 456 -27.64 17.00 -5.65
CA THR B 456 -28.53 16.98 -6.80
C THR B 456 -27.74 17.41 -8.03
N PHE B 457 -27.79 16.59 -9.06
CA PHE B 457 -27.11 16.89 -10.32
C PHE B 457 -28.12 17.52 -11.28
N ASP B 458 -28.02 18.83 -11.45
CA ASP B 458 -28.91 19.57 -12.34
C ASP B 458 -28.35 19.46 -13.75
N CYS B 459 -29.06 18.77 -14.63
CA CYS B 459 -28.61 18.57 -16.00
C CYS B 459 -29.77 18.73 -16.98
N ASP B 460 -30.66 19.68 -16.72
CA ASP B 460 -31.86 19.85 -17.55
C ASP B 460 -31.94 21.28 -18.04
N CYS B 461 -32.31 21.44 -19.31
CA CYS B 461 -32.48 22.74 -19.93
C CYS B 461 -33.96 23.10 -19.98
N ALA B 462 -34.26 24.24 -20.58
CA ALA B 462 -35.63 24.70 -20.75
C ALA B 462 -36.19 24.41 -22.14
N CYS B 463 -35.38 24.59 -23.18
CA CYS B 463 -35.84 24.30 -24.53
C CYS B 463 -36.01 22.81 -24.77
N GLN B 464 -35.53 21.95 -23.88
CA GLN B 464 -35.71 20.52 -24.03
C GLN B 464 -37.18 20.13 -23.90
N ALA B 465 -37.90 20.74 -22.96
CA ALA B 465 -39.28 20.36 -22.72
C ALA B 465 -40.18 20.67 -23.91
N GLN B 466 -39.84 21.72 -24.66
CA GLN B 466 -40.66 22.18 -25.79
C GLN B 466 -40.09 21.69 -27.12
N ALA B 467 -39.54 20.48 -27.15
CA ALA B 467 -39.02 19.93 -28.40
C ALA B 467 -40.14 19.65 -29.38
N GLU B 468 -39.80 19.68 -30.67
CA GLU B 468 -40.76 19.47 -31.76
C GLU B 468 -40.25 18.31 -32.62
N PRO B 469 -40.53 17.07 -32.24
CA PRO B 469 -40.15 15.95 -33.09
C PRO B 469 -41.00 15.89 -34.35
N ASN B 470 -40.42 15.27 -35.38
CA ASN B 470 -41.09 15.14 -36.69
C ASN B 470 -41.52 16.50 -37.24
N SER B 471 -40.67 17.50 -37.05
CA SER B 471 -40.94 18.81 -37.62
C SER B 471 -40.88 18.75 -39.14
N HIS B 472 -41.86 19.38 -39.80
CA HIS B 472 -41.89 19.36 -41.25
C HIS B 472 -40.69 20.07 -41.85
N ARG B 473 -40.09 21.00 -41.13
CA ARG B 473 -38.91 21.70 -41.63
C ARG B 473 -37.67 20.80 -41.64
N CYS B 474 -37.67 19.71 -40.88
CA CYS B 474 -36.52 18.81 -40.83
C CYS B 474 -36.66 17.74 -41.91
N ASN B 475 -36.40 18.16 -43.15
CA ASN B 475 -36.40 17.28 -44.31
C ASN B 475 -37.75 16.58 -44.50
N ASN B 476 -38.78 17.39 -44.73
CA ASN B 476 -40.14 16.95 -45.03
C ASN B 476 -40.79 16.22 -43.85
N GLY B 477 -40.19 16.26 -42.67
CA GLY B 477 -40.83 15.72 -41.49
C GLY B 477 -40.24 14.42 -40.97
N ASN B 478 -38.99 14.12 -41.32
CA ASN B 478 -38.33 12.91 -40.84
C ASN B 478 -37.24 13.24 -39.84
N GLY B 479 -37.35 14.39 -39.19
CA GLY B 479 -36.36 14.79 -38.20
C GLY B 479 -37.02 15.55 -37.06
N THR B 480 -36.31 15.59 -35.94
CA THR B 480 -36.79 16.23 -34.73
C THR B 480 -36.11 17.58 -34.57
N PHE B 481 -36.91 18.61 -34.33
CA PHE B 481 -36.41 19.96 -34.14
C PHE B 481 -36.51 20.34 -32.66
N GLU B 482 -35.39 20.80 -32.11
CA GLU B 482 -35.34 21.19 -30.71
C GLU B 482 -34.17 22.14 -30.50
N CYS B 483 -34.42 23.21 -29.75
CA CYS B 483 -33.39 24.19 -29.40
C CYS B 483 -32.67 24.72 -30.64
N GLY B 484 -33.45 25.06 -31.66
CA GLY B 484 -32.93 25.71 -32.85
C GLY B 484 -32.01 24.87 -33.72
N VAL B 485 -32.36 23.61 -33.97
CA VAL B 485 -31.62 22.78 -34.92
C VAL B 485 -32.49 21.62 -35.40
N CYS B 486 -32.52 21.41 -36.71
CA CYS B 486 -33.14 20.23 -37.29
C CYS B 486 -32.09 19.13 -37.40
N ARG B 487 -32.40 17.97 -36.82
CA ARG B 487 -31.47 16.85 -36.79
C ARG B 487 -31.55 16.10 -38.11
N CYS B 488 -30.74 16.53 -39.08
CA CYS B 488 -30.66 15.84 -40.35
C CYS B 488 -29.97 14.49 -40.18
N GLY B 489 -30.20 13.60 -41.15
CA GLY B 489 -29.59 12.30 -41.12
C GLY B 489 -28.11 12.36 -41.41
N PRO B 490 -27.45 11.22 -41.30
CA PRO B 490 -26.00 11.17 -41.58
C PRO B 490 -25.72 11.62 -43.01
N GLY B 491 -24.66 12.42 -43.15
CA GLY B 491 -24.31 13.01 -44.43
C GLY B 491 -25.11 14.25 -44.79
N TRP B 492 -26.09 14.62 -43.98
CA TRP B 492 -26.92 15.80 -44.22
C TRP B 492 -26.88 16.70 -42.99
N LEU B 493 -26.90 18.01 -43.23
CA LEU B 493 -26.82 18.99 -42.16
C LEU B 493 -27.69 20.20 -42.50
N GLY B 494 -27.96 21.00 -41.49
CA GLY B 494 -28.72 22.23 -41.64
C GLY B 494 -30.11 22.11 -41.03
N SER B 495 -30.81 23.24 -41.07
CA SER B 495 -32.19 23.28 -40.60
C SER B 495 -33.16 22.63 -41.58
N GLN B 496 -32.74 22.39 -42.82
CA GLN B 496 -33.58 21.75 -43.82
C GLN B 496 -32.85 20.67 -44.61
N CYS B 497 -31.64 20.29 -44.18
CA CYS B 497 -30.84 19.27 -44.86
C CYS B 497 -30.62 19.63 -46.33
N GLU B 498 -30.22 20.88 -46.56
CA GLU B 498 -30.07 21.39 -47.92
C GLU B 498 -28.85 20.83 -48.63
N CYS B 499 -27.87 20.32 -47.90
CA CYS B 499 -26.57 20.00 -48.43
C CYS B 499 -26.09 18.63 -47.97
N SER B 500 -25.47 17.89 -48.88
CA SER B 500 -24.88 16.60 -48.52
C SER B 500 -23.42 16.45 -48.94
N GLU B 501 -23.06 16.87 -50.15
CA GLU B 501 -21.73 16.58 -50.70
C GLU B 501 -20.92 17.81 -51.01
N GLU B 502 -21.46 18.74 -51.79
CA GLU B 502 -20.71 19.88 -52.32
C GLU B 502 -19.49 19.41 -53.10
N GLN B 509 -19.24 24.92 -49.95
CA GLN B 509 -17.87 24.72 -49.49
C GLN B 509 -17.38 25.97 -48.75
N ASP B 510 -16.97 25.79 -47.50
CA ASP B 510 -16.54 26.90 -46.66
C ASP B 510 -15.23 26.53 -45.98
N GLU B 511 -14.75 27.44 -45.13
CA GLU B 511 -13.52 27.22 -44.37
C GLU B 511 -13.85 26.41 -43.12
N CYS B 512 -13.33 25.20 -43.03
CA CYS B 512 -13.62 24.29 -41.93
C CYS B 512 -12.48 24.19 -40.92
N SER B 513 -11.51 25.10 -40.99
CA SER B 513 -10.39 25.07 -40.06
C SER B 513 -10.06 26.50 -39.64
N PRO B 514 -9.59 26.69 -38.41
CA PRO B 514 -9.19 28.05 -37.98
C PRO B 514 -8.06 28.62 -38.82
N ARG B 515 -7.15 27.78 -39.32
CA ARG B 515 -6.00 28.25 -40.08
C ARG B 515 -5.90 27.46 -41.38
N GLU B 516 -5.34 28.11 -42.41
CA GLU B 516 -5.19 27.44 -43.70
C GLU B 516 -4.26 26.26 -43.61
N GLY B 517 -3.12 26.42 -42.91
CA GLY B 517 -2.18 25.33 -42.77
C GLY B 517 -2.67 24.21 -41.87
N GLN B 518 -3.62 24.50 -40.98
CA GLN B 518 -4.18 23.48 -40.12
C GLN B 518 -4.99 22.49 -40.94
N PRO B 519 -5.03 21.23 -40.54
CA PRO B 519 -5.82 20.24 -41.28
C PRO B 519 -7.30 20.49 -41.13
N VAL B 520 -8.06 19.94 -42.08
CA VAL B 520 -9.51 20.11 -42.08
C VAL B 520 -10.10 19.28 -40.94
N CYS B 521 -10.79 19.95 -40.03
CA CYS B 521 -11.45 19.32 -38.89
C CYS B 521 -10.46 18.55 -38.01
N SER B 522 -9.21 18.98 -37.99
CA SER B 522 -8.16 18.40 -37.14
C SER B 522 -7.99 16.91 -37.40
N GLN B 523 -8.06 16.52 -38.67
CA GLN B 523 -7.95 15.11 -39.07
C GLN B 523 -8.96 14.22 -38.36
N ARG B 524 -10.11 14.79 -37.99
CA ARG B 524 -11.09 14.08 -37.18
C ARG B 524 -12.52 14.24 -37.67
N GLY B 525 -12.74 14.96 -38.77
CA GLY B 525 -14.07 15.15 -39.27
C GLY B 525 -14.14 15.42 -40.77
N GLU B 526 -15.32 15.78 -41.25
CA GLU B 526 -15.53 16.11 -42.66
C GLU B 526 -16.06 17.52 -42.77
N CYS B 527 -15.58 18.24 -43.79
CA CYS B 527 -16.04 19.60 -44.06
C CYS B 527 -17.43 19.56 -44.72
N LEU B 528 -18.38 18.97 -43.99
CA LEU B 528 -19.73 18.77 -44.50
C LEU B 528 -20.46 20.09 -44.45
N CYS B 529 -20.55 20.75 -45.61
CA CYS B 529 -21.38 21.95 -45.78
C CYS B 529 -20.96 23.07 -44.83
N GLY B 530 -19.65 23.21 -44.64
CA GLY B 530 -19.11 24.25 -43.78
C GLY B 530 -19.07 23.92 -42.31
N GLN B 531 -19.40 22.69 -41.93
CA GLN B 531 -19.42 22.27 -40.53
C GLN B 531 -18.62 20.97 -40.42
N CYS B 532 -17.89 20.81 -39.32
CA CYS B 532 -17.04 19.65 -39.11
C CYS B 532 -17.77 18.62 -38.24
N VAL B 533 -18.26 17.56 -38.87
CA VAL B 533 -18.83 16.43 -38.14
C VAL B 533 -17.70 15.49 -37.74
N CYS B 534 -17.46 15.37 -36.43
CA CYS B 534 -16.37 14.54 -35.95
C CYS B 534 -16.62 13.07 -36.29
N HIS B 535 -15.53 12.37 -36.58
CA HIS B 535 -15.63 10.96 -36.94
C HIS B 535 -16.06 10.13 -35.73
N SER B 536 -16.63 8.97 -36.03
CA SER B 536 -17.03 8.04 -34.98
C SER B 536 -15.80 7.44 -34.31
N SER B 537 -15.83 7.38 -32.98
CA SER B 537 -14.75 6.81 -32.20
C SER B 537 -15.31 5.72 -31.30
N ASP B 538 -14.59 4.59 -31.25
CA ASP B 538 -15.04 3.47 -30.42
C ASP B 538 -15.01 3.83 -28.94
N PHE B 539 -13.98 4.57 -28.52
CA PHE B 539 -13.83 4.90 -27.11
C PHE B 539 -14.88 5.91 -26.65
N GLY B 540 -15.20 6.88 -27.50
CA GLY B 540 -16.17 7.90 -27.14
C GLY B 540 -16.47 8.89 -28.23
N LYS B 541 -16.55 10.16 -27.87
CA LYS B 541 -16.95 11.23 -28.79
C LYS B 541 -15.85 12.29 -28.87
N ILE B 542 -15.75 12.91 -30.04
CA ILE B 542 -14.83 14.02 -30.28
C ILE B 542 -15.63 15.30 -30.31
N THR B 543 -15.15 16.30 -29.56
CA THR B 543 -15.87 17.57 -29.39
C THR B 543 -15.03 18.72 -29.97
N GLY B 544 -15.51 19.93 -29.75
CA GLY B 544 -14.87 21.12 -30.27
C GLY B 544 -15.56 21.64 -31.52
N LYS B 545 -15.35 22.92 -31.80
CA LYS B 545 -15.94 23.53 -33.00
C LYS B 545 -15.39 22.91 -34.27
N TYR B 546 -14.12 22.51 -34.26
CA TYR B 546 -13.49 21.88 -35.40
C TYR B 546 -12.91 20.52 -35.03
N CYS B 547 -13.58 19.81 -34.12
CA CYS B 547 -13.17 18.49 -33.69
C CYS B 547 -11.72 18.50 -33.17
N GLU B 548 -11.40 19.50 -32.36
CA GLU B 548 -10.01 19.77 -31.98
C GLU B 548 -9.60 19.15 -30.65
N CYS B 549 -10.45 19.19 -29.63
CA CYS B 549 -10.14 18.71 -28.29
C CYS B 549 -10.79 17.36 -28.09
N ASP B 550 -10.02 16.39 -27.59
CA ASP B 550 -10.46 15.04 -27.30
C ASP B 550 -10.74 14.89 -25.81
N ASP B 551 -11.03 13.65 -25.38
CA ASP B 551 -11.49 13.42 -24.02
C ASP B 551 -10.77 12.29 -23.29
N PHE B 552 -9.90 11.51 -23.96
CA PHE B 552 -9.31 10.32 -23.36
C PHE B 552 -7.82 10.21 -23.67
N SER B 553 -7.12 11.33 -23.70
CA SER B 553 -5.75 11.40 -24.21
C SER B 553 -4.85 12.24 -23.32
N CYS B 554 -4.83 11.95 -22.02
CA CYS B 554 -4.01 12.67 -21.07
C CYS B 554 -2.91 11.77 -20.51
N VAL B 555 -1.92 12.39 -19.84
CA VAL B 555 -0.76 11.67 -19.33
C VAL B 555 -1.06 11.03 -17.99
N ARG B 556 -0.14 10.19 -17.52
CA ARG B 556 -0.29 9.38 -16.32
C ARG B 556 0.84 9.66 -15.34
N TYR B 557 0.69 9.17 -14.11
CA TYR B 557 1.75 9.22 -13.14
C TYR B 557 2.27 7.81 -12.80
N LYS B 558 1.39 6.91 -12.36
CA LYS B 558 1.74 5.51 -12.14
C LYS B 558 0.68 4.65 -12.81
N GLY B 559 0.82 4.44 -14.12
CA GLY B 559 -0.12 3.65 -14.89
C GLY B 559 -1.58 4.03 -14.72
N GLU B 560 -1.84 5.24 -14.24
CA GLU B 560 -3.20 5.70 -13.96
C GLU B 560 -3.42 7.08 -14.56
N MET B 561 -4.57 7.25 -15.19
CA MET B 561 -4.88 8.46 -15.94
C MET B 561 -4.85 9.66 -14.99
N CYS B 562 -3.86 10.53 -15.16
CA CYS B 562 -3.59 11.62 -14.23
C CYS B 562 -3.52 11.10 -12.79
N SER B 563 -2.67 10.10 -12.59
CA SER B 563 -2.48 9.39 -11.33
C SER B 563 -3.76 8.76 -10.80
N GLY B 564 -4.75 8.57 -11.66
CA GLY B 564 -6.05 8.13 -11.20
C GLY B 564 -6.73 9.13 -10.30
N HIS B 565 -6.19 10.34 -10.20
CA HIS B 565 -6.70 11.37 -9.30
C HIS B 565 -6.93 12.68 -10.02
N GLY B 566 -6.87 12.68 -11.35
CA GLY B 566 -7.09 13.88 -12.11
C GLY B 566 -8.14 13.63 -13.16
N GLN B 567 -8.23 14.52 -14.15
CA GLN B 567 -9.25 14.43 -15.18
C GLN B 567 -8.70 15.06 -16.46
N CYS B 568 -9.17 14.55 -17.60
CA CYS B 568 -8.52 14.74 -18.89
C CYS B 568 -8.99 16.04 -19.52
N SER B 569 -8.02 16.92 -19.78
CA SER B 569 -8.31 18.23 -20.33
C SER B 569 -7.38 18.47 -21.53
N CYS B 570 -7.82 18.00 -22.69
CA CYS B 570 -7.22 18.29 -23.99
C CYS B 570 -5.69 18.28 -23.96
N GLY B 571 -5.10 17.29 -23.29
CA GLY B 571 -3.66 17.18 -23.22
C GLY B 571 -3.01 17.58 -21.91
N ASP B 572 -3.77 18.08 -20.94
CA ASP B 572 -3.22 18.49 -19.65
C ASP B 572 -4.04 17.89 -18.52
N CYS B 573 -3.35 17.44 -17.47
CA CYS B 573 -4.02 16.87 -16.32
C CYS B 573 -4.55 17.97 -15.41
N LEU B 574 -5.84 17.88 -15.08
CA LEU B 574 -6.42 18.71 -14.04
C LEU B 574 -6.89 17.79 -12.92
N CYS B 575 -6.54 18.14 -11.70
CA CYS B 575 -6.78 17.28 -10.56
C CYS B 575 -8.21 17.45 -10.05
N ASP B 576 -8.58 16.59 -9.11
CA ASP B 576 -9.88 16.68 -8.46
C ASP B 576 -9.78 17.67 -7.30
N SER B 577 -10.82 17.71 -6.45
CA SER B 577 -10.90 18.76 -5.45
C SER B 577 -9.77 18.65 -4.42
N ASP B 578 -9.56 17.44 -3.89
CA ASP B 578 -8.55 17.22 -2.85
C ASP B 578 -7.23 16.70 -3.39
N TRP B 579 -6.90 17.03 -4.64
CA TRP B 579 -5.62 16.64 -5.22
C TRP B 579 -4.90 17.90 -5.66
N THR B 580 -3.75 18.17 -5.02
CA THR B 580 -2.98 19.37 -5.26
C THR B 580 -1.77 19.04 -6.13
N GLY B 581 -1.14 20.08 -6.65
CA GLY B 581 -0.02 19.91 -7.55
C GLY B 581 -0.46 19.73 -8.98
N TYR B 582 0.49 19.92 -9.90
CA TYR B 582 0.20 19.81 -11.32
C TYR B 582 -0.03 18.36 -11.74
N TYR B 583 0.65 17.41 -11.10
CA TYR B 583 0.59 16.01 -11.49
C TYR B 583 -0.46 15.21 -10.74
N CYS B 584 -1.19 15.83 -9.80
CA CYS B 584 -2.22 15.15 -9.02
C CYS B 584 -1.66 13.93 -8.29
N ASN B 585 -0.44 14.06 -7.78
CA ASN B 585 0.24 12.94 -7.15
C ASN B 585 -0.19 12.71 -5.72
N CYS B 586 -0.64 13.75 -5.02
CA CYS B 586 -0.72 13.68 -3.58
C CYS B 586 -1.82 14.58 -3.03
N THR B 587 -2.55 14.01 -2.08
CA THR B 587 -3.73 14.56 -1.44
C THR B 587 -3.33 15.29 -0.16
N THR B 588 -4.30 15.52 0.72
CA THR B 588 -4.10 16.37 1.90
C THR B 588 -3.49 15.62 3.05
N ARG B 589 -2.71 14.56 2.77
CA ARG B 589 -1.97 13.88 3.84
C ARG B 589 -1.10 14.84 4.61
N THR B 590 -1.16 14.71 5.93
CA THR B 590 -0.38 15.54 6.84
C THR B 590 0.18 14.74 8.01
N ASP B 591 -0.28 13.49 8.20
CA ASP B 591 0.03 12.73 9.40
C ASP B 591 1.53 12.71 9.69
N THR B 592 2.34 12.41 8.67
CA THR B 592 3.78 12.46 8.85
C THR B 592 4.32 13.89 8.94
N CYS B 593 3.58 14.86 8.39
CA CYS B 593 4.00 16.26 8.47
C CYS B 593 3.74 16.86 9.85
N MET B 594 2.77 16.32 10.58
CA MET B 594 2.48 16.78 11.93
C MET B 594 3.70 16.62 12.82
N SER B 595 3.99 17.66 13.60
CA SER B 595 5.11 17.65 14.52
C SER B 595 4.60 17.78 15.94
N SER B 596 5.31 17.15 16.88
CA SER B 596 4.92 17.20 18.28
C SER B 596 4.94 18.62 18.82
N ASN B 597 5.71 19.52 18.20
CA ASN B 597 5.68 20.93 18.62
C ASN B 597 4.34 21.55 18.29
N GLY B 598 3.70 21.10 17.21
CA GLY B 598 2.38 21.56 16.89
C GLY B 598 2.21 22.23 15.54
N LEU B 599 3.03 21.88 14.55
CA LEU B 599 2.92 22.52 13.24
C LEU B 599 3.58 21.62 12.21
N LEU B 600 3.38 21.94 10.93
CA LEU B 600 3.88 21.16 9.82
C LEU B 600 5.37 21.40 9.62
N CYS B 601 6.14 20.31 9.54
CA CYS B 601 7.58 20.38 9.34
C CYS B 601 8.26 21.27 10.37
N SER B 602 7.77 21.19 11.61
CA SER B 602 8.22 22.06 12.70
C SER B 602 8.10 23.50 12.20
N GLY B 603 9.17 24.29 12.21
CA GLY B 603 9.10 25.63 11.66
C GLY B 603 9.60 25.69 10.23
N ARG B 604 10.72 25.04 9.96
CA ARG B 604 11.37 25.09 8.66
C ARG B 604 11.03 23.87 7.82
N GLY B 605 10.54 24.11 6.61
CA GLY B 605 10.22 23.02 5.70
C GLY B 605 8.78 23.06 5.20
N LYS B 606 8.59 22.78 3.91
CA LYS B 606 7.25 22.69 3.34
C LYS B 606 6.77 21.26 3.40
N CYS B 607 5.49 21.09 3.73
CA CYS B 607 4.87 19.76 3.77
C CYS B 607 4.37 19.43 2.37
N GLU B 608 5.27 18.93 1.54
CA GLU B 608 4.90 18.58 0.18
C GLU B 608 4.54 17.10 0.12
N CYS B 609 3.28 16.81 -0.21
CA CYS B 609 2.80 15.44 -0.37
C CYS B 609 2.95 14.62 0.91
N GLY B 610 2.48 15.19 2.02
CA GLY B 610 2.47 14.47 3.28
C GLY B 610 3.82 14.20 3.88
N SER B 611 4.89 14.79 3.32
CA SER B 611 6.24 14.59 3.81
C SER B 611 6.92 15.94 3.95
N CYS B 612 7.80 16.04 4.94
CA CYS B 612 8.49 17.28 5.24
C CYS B 612 9.92 17.25 4.72
N VAL B 613 10.29 18.30 3.99
CA VAL B 613 11.63 18.43 3.43
C VAL B 613 12.36 19.53 4.18
N CYS B 614 13.55 19.21 4.68
CA CYS B 614 14.34 20.18 5.43
C CYS B 614 14.84 21.29 4.51
N ILE B 615 14.71 22.53 4.99
CA ILE B 615 15.19 23.70 4.27
C ILE B 615 16.38 24.33 4.96
N GLN B 616 16.34 24.44 6.29
CA GLN B 616 17.48 24.96 7.04
C GLN B 616 18.62 23.96 6.98
N PRO B 617 19.81 24.36 6.56
CA PRO B 617 20.95 23.43 6.55
C PRO B 617 21.28 22.94 7.95
N GLY B 618 21.68 21.67 8.04
CA GLY B 618 22.04 21.09 9.31
C GLY B 618 20.88 20.67 10.18
N SER B 619 19.65 20.78 9.70
CA SER B 619 18.48 20.41 10.47
C SER B 619 17.94 19.07 9.98
N TYR B 620 17.63 18.18 10.92
CA TYR B 620 17.12 16.86 10.60
C TYR B 620 16.11 16.44 11.66
N GLY B 621 15.45 15.33 11.40
CA GLY B 621 14.44 14.78 12.27
C GLY B 621 13.24 14.31 11.48
N ASP B 622 12.19 13.92 12.21
CA ASP B 622 10.95 13.49 11.55
C ASP B 622 10.33 14.62 10.75
N THR B 623 10.32 15.83 11.33
CA THR B 623 9.84 17.03 10.64
C THR B 623 10.92 18.11 10.64
N CYS B 624 12.18 17.70 10.56
CA CYS B 624 13.33 18.62 10.63
C CYS B 624 13.30 19.45 11.91
N GLU B 625 12.86 18.82 13.00
CA GLU B 625 12.75 19.52 14.28
C GLU B 625 14.09 19.74 14.96
N LYS B 626 15.06 18.85 14.73
CA LYS B 626 16.36 18.92 15.40
C LYS B 626 17.31 19.74 14.54
N CYS B 627 17.92 20.75 15.15
CA CYS B 627 18.82 21.65 14.43
C CYS B 627 19.87 22.19 15.41
N PRO B 628 21.10 21.69 15.35
CA PRO B 628 22.09 22.12 16.35
C PRO B 628 22.58 23.54 16.15
N THR B 629 22.63 24.01 14.91
CA THR B 629 23.09 25.36 14.60
C THR B 629 21.96 26.38 14.61
N CYS B 630 20.72 25.95 14.81
CA CYS B 630 19.61 26.88 14.78
C CYS B 630 19.53 27.68 16.08
N PRO B 631 19.00 28.90 16.03
CA PRO B 631 18.86 29.69 17.25
C PRO B 631 17.95 29.01 18.26
N ASP B 632 18.26 29.18 19.54
CA ASP B 632 17.51 28.57 20.62
C ASP B 632 16.24 29.40 20.88
N ALA B 633 15.50 29.03 21.93
CA ALA B 633 14.26 29.74 22.25
C ALA B 633 14.53 31.15 22.73
N CYS B 634 15.72 31.43 23.26
CA CYS B 634 16.06 32.75 23.76
C CYS B 634 16.48 33.72 22.66
N THR B 635 16.78 33.23 21.46
CA THR B 635 17.29 34.08 20.38
C THR B 635 16.23 34.39 19.33
N PHE B 636 15.62 33.35 18.75
CA PHE B 636 14.70 33.55 17.64
C PHE B 636 13.26 33.80 18.09
N LYS B 637 12.84 33.17 19.18
CA LYS B 637 11.46 33.32 19.67
C LYS B 637 11.32 34.49 20.63
N LYS B 638 11.78 35.67 20.20
CA LYS B 638 11.63 36.90 20.97
C LYS B 638 10.59 37.83 20.37
N GLU B 639 9.91 37.43 19.30
CA GLU B 639 8.93 38.27 18.64
C GLU B 639 7.68 38.49 19.48
N CYS B 640 7.47 37.71 20.55
CA CYS B 640 6.41 38.03 21.49
C CYS B 640 6.64 39.38 22.15
N VAL B 641 7.92 39.75 22.34
CA VAL B 641 8.25 41.09 22.82
C VAL B 641 8.31 42.10 21.69
N GLU B 642 8.38 41.65 20.43
CA GLU B 642 8.49 42.53 19.27
C GLU B 642 7.21 42.60 18.47
N CYS B 643 6.64 41.47 18.08
CA CYS B 643 5.43 41.49 17.25
C CYS B 643 4.15 41.54 18.09
N LYS B 644 4.13 40.90 19.25
CA LYS B 644 2.95 40.96 20.10
C LYS B 644 2.92 42.24 20.91
N LYS B 645 4.05 42.65 21.47
CA LYS B 645 4.18 43.89 22.21
C LYS B 645 5.02 44.87 21.39
N PHE B 646 4.55 46.12 21.29
CA PHE B 646 5.21 47.16 20.51
C PHE B 646 5.42 46.69 19.06
N ASP B 647 4.29 46.49 18.39
CA ASP B 647 4.26 45.89 17.06
C ASP B 647 5.21 46.62 16.10
N ARG B 648 6.26 45.92 15.67
CA ARG B 648 7.27 46.49 14.80
C ARG B 648 8.08 45.36 14.18
N GLY B 649 8.75 45.67 13.08
CA GLY B 649 9.59 44.70 12.42
C GLY B 649 8.88 43.97 11.30
N ALA B 650 9.43 42.81 10.95
CA ALA B 650 8.90 41.99 9.88
C ALA B 650 7.67 41.23 10.34
N LEU B 651 7.08 40.47 9.41
CA LEU B 651 5.91 39.65 9.69
C LEU B 651 4.74 40.46 10.21
N HIS B 652 4.61 41.71 9.73
CA HIS B 652 3.53 42.60 10.15
C HIS B 652 2.35 42.57 9.19
N ASP B 653 2.61 42.45 7.89
CA ASP B 653 1.55 42.40 6.89
C ASP B 653 1.14 40.98 6.54
N GLU B 654 1.67 39.98 7.25
CA GLU B 654 1.33 38.59 7.01
C GLU B 654 0.70 37.98 8.26
N ASN B 655 -0.04 36.89 8.07
CA ASN B 655 -0.71 36.21 9.18
C ASN B 655 0.24 35.30 9.92
N THR B 656 1.42 35.83 10.30
CA THR B 656 2.42 35.06 11.04
C THR B 656 2.89 35.76 12.30
N CYS B 657 2.26 36.87 12.68
CA CYS B 657 2.70 37.59 13.87
C CYS B 657 2.46 36.78 15.13
N ASN B 658 1.24 36.27 15.31
CA ASN B 658 0.91 35.42 16.44
C ASN B 658 0.93 33.94 16.10
N ARG B 659 1.31 33.59 14.86
CA ARG B 659 1.45 32.18 14.50
C ARG B 659 2.53 31.51 15.33
N TYR B 660 3.68 32.17 15.47
CA TYR B 660 4.76 31.64 16.30
C TYR B 660 4.67 32.14 17.74
N CYS B 661 4.05 33.31 17.96
CA CYS B 661 3.88 33.84 19.32
C CYS B 661 2.51 33.41 19.83
N ARG B 662 2.45 32.16 20.30
CA ARG B 662 1.23 31.60 20.86
C ARG B 662 1.52 30.85 22.16
N ASP B 663 2.58 31.21 22.85
CA ASP B 663 2.93 30.61 24.11
C ASP B 663 2.23 31.33 25.26
N GLU B 664 2.28 30.72 26.44
CA GLU B 664 1.65 31.32 27.62
C GLU B 664 2.49 32.49 28.10
N ILE B 665 1.99 33.71 27.89
CA ILE B 665 2.70 34.91 28.31
C ILE B 665 2.42 35.17 29.77
N GLU B 666 3.29 34.68 30.65
CA GLU B 666 3.14 34.89 32.08
C GLU B 666 3.73 36.23 32.48
N SER B 667 2.98 36.98 33.29
CA SER B 667 3.38 38.33 33.69
C SER B 667 4.23 38.29 34.95
N VAL B 668 5.34 37.58 34.88
CA VAL B 668 6.30 37.53 35.97
C VAL B 668 7.18 38.77 35.93
N LYS B 669 7.70 39.18 37.08
CA LYS B 669 8.53 40.38 37.21
C LYS B 669 9.83 40.00 37.92
N GLU B 670 10.79 39.49 37.14
CA GLU B 670 12.14 39.20 37.61
C GLU B 670 12.14 38.36 38.89
N LEU B 671 11.61 37.15 38.76
CA LEU B 671 11.56 36.24 39.89
C LEU B 671 12.97 35.75 40.24
N LYS B 672 13.13 35.27 41.47
CA LYS B 672 14.42 34.76 41.92
C LYS B 672 14.61 33.32 41.48
N ASP B 673 14.47 33.07 40.19
CA ASP B 673 14.61 31.75 39.59
C ASP B 673 15.47 31.82 38.33
N THR B 674 16.62 32.49 38.45
CA THR B 674 17.50 32.73 37.31
C THR B 674 18.30 31.48 36.97
N GLY B 675 17.56 30.42 36.64
CA GLY B 675 18.14 29.17 36.18
C GLY B 675 18.19 28.09 37.24
N LYS B 676 17.23 27.18 37.22
CA LYS B 676 17.25 26.01 38.10
C LYS B 676 16.97 24.71 37.35
N ASP B 677 16.05 24.73 36.38
CA ASP B 677 15.74 23.56 35.58
C ASP B 677 16.02 23.77 34.10
N ALA B 678 16.43 24.97 33.70
CA ALA B 678 16.67 25.28 32.30
C ALA B 678 17.82 26.28 32.23
N VAL B 679 17.97 26.94 31.08
CA VAL B 679 19.02 27.92 30.88
C VAL B 679 18.38 29.31 30.89
N ASN B 680 18.90 30.18 31.75
CA ASN B 680 18.44 31.55 31.80
C ASN B 680 19.19 32.38 30.76
N CYS B 681 18.49 33.35 30.17
CA CYS B 681 19.04 34.14 29.08
C CYS B 681 18.71 35.61 29.28
N THR B 682 19.57 36.46 28.72
CA THR B 682 19.42 37.91 28.83
C THR B 682 20.04 38.54 27.59
N TYR B 683 19.33 39.50 27.00
CA TYR B 683 19.76 40.15 25.78
C TYR B 683 19.81 41.66 25.96
N LYS B 684 20.57 42.31 25.08
CA LYS B 684 20.67 43.76 25.05
C LYS B 684 19.86 44.29 23.87
N ASN B 685 18.99 45.26 24.14
CA ASN B 685 18.12 45.80 23.12
C ASN B 685 18.80 46.99 22.43
N GLU B 686 18.04 47.73 21.62
CA GLU B 686 18.60 48.88 20.93
C GLU B 686 19.03 49.97 21.91
N ASP B 687 18.25 50.16 22.97
CA ASP B 687 18.52 51.20 23.97
C ASP B 687 19.33 50.68 25.15
N ASP B 688 20.02 49.55 24.99
CA ASP B 688 20.88 48.98 26.02
C ASP B 688 20.10 48.68 27.30
N CYS B 689 19.11 47.81 27.16
CA CYS B 689 18.30 47.33 28.26
C CYS B 689 18.26 45.81 28.24
N VAL B 690 18.19 45.21 29.43
CA VAL B 690 18.26 43.78 29.60
C VAL B 690 16.86 43.24 29.90
N VAL B 691 16.53 42.09 29.30
CA VAL B 691 15.29 41.37 29.58
C VAL B 691 15.66 39.94 29.91
N ARG B 692 15.24 39.46 31.07
CA ARG B 692 15.60 38.13 31.55
C ARG B 692 14.38 37.22 31.48
N PHE B 693 14.57 36.03 30.92
CA PHE B 693 13.51 35.04 30.82
C PHE B 693 14.17 33.66 30.73
N GLN B 694 13.36 32.62 30.92
CA GLN B 694 13.89 31.26 30.92
C GLN B 694 12.76 30.30 30.63
N TYR B 695 12.85 29.59 29.50
CA TYR B 695 11.92 28.50 29.20
C TYR B 695 12.59 27.61 28.16
N TYR B 696 12.96 26.40 28.57
CA TYR B 696 13.53 25.42 27.65
C TYR B 696 12.65 24.19 27.51
N GLU B 697 12.38 23.49 28.61
CA GLU B 697 11.57 22.27 28.58
C GLU B 697 11.26 21.86 30.01
N ASP B 698 10.02 21.48 30.27
CA ASP B 698 9.61 20.92 31.55
C ASP B 698 9.16 19.48 31.44
N SER B 699 8.22 19.18 30.54
CA SER B 699 7.75 17.82 30.29
C SER B 699 7.48 17.69 28.79
N SER B 700 8.49 17.24 28.05
CA SER B 700 8.43 17.04 26.61
C SER B 700 8.13 18.31 25.83
N GLY B 701 8.25 19.48 26.46
CA GLY B 701 8.00 20.74 25.76
C GLY B 701 6.83 21.48 26.39
N LYS B 702 7.09 22.74 26.73
CA LYS B 702 6.07 23.59 27.34
C LYS B 702 6.16 24.98 26.70
N SER B 703 5.06 25.40 26.07
CA SER B 703 4.99 26.73 25.45
C SER B 703 4.52 27.75 26.49
N ILE B 704 5.38 27.96 27.48
CA ILE B 704 5.12 28.89 28.57
C ILE B 704 6.23 29.92 28.61
N LEU B 705 5.87 31.19 28.53
CA LEU B 705 6.84 32.28 28.58
C LEU B 705 7.04 32.76 30.02
N TYR B 706 8.25 33.26 30.28
CA TYR B 706 8.60 33.85 31.56
C TYR B 706 9.23 35.21 31.35
N VAL B 707 8.76 35.93 30.33
CA VAL B 707 9.31 37.25 30.02
C VAL B 707 8.88 38.24 31.09
N VAL B 708 9.81 39.12 31.48
CA VAL B 708 9.50 40.12 32.48
C VAL B 708 8.51 41.14 31.93
N GLU B 709 7.88 41.88 32.85
CA GLU B 709 6.88 42.87 32.46
C GLU B 709 7.51 44.21 32.14
N GLU B 710 8.36 44.73 33.03
CA GLU B 710 9.01 46.02 32.83
C GLU B 710 10.49 45.79 32.57
N PRO B 711 11.01 46.15 31.39
CA PRO B 711 12.44 46.00 31.14
C PRO B 711 13.27 46.99 31.94
N GLU B 712 14.52 46.63 32.16
CA GLU B 712 15.47 47.46 32.88
C GLU B 712 16.71 47.71 32.03
#